data_7SLK
# 
_entry.id   7SLK 
# 
_audit_conform.dict_name       mmcif_pdbx.dic 
_audit_conform.dict_version    5.378 
_audit_conform.dict_location   http://mmcif.pdb.org/dictionaries/ascii/mmcif_pdbx.dic 
# 
loop_
_database_2.database_id 
_database_2.database_code 
_database_2.pdbx_database_accession 
_database_2.pdbx_DOI 
PDB   7SLK         pdb_00007slk 10.2210/pdb7slk/pdb 
WWPDB D_1000260691 ?            ?                   
# 
loop_
_pdbx_database_related.db_name 
_pdbx_database_related.details 
_pdbx_database_related.db_id 
_pdbx_database_related.content_type 
PDB 'Same sequence, different metal ligand' 7SD8 unspecified 
PDB 'Same sequence, different pH'           7SLJ unspecified 
# 
_pdbx_database_status.status_code                     REL 
_pdbx_database_status.status_code_sf                  REL 
_pdbx_database_status.status_code_mr                  ? 
_pdbx_database_status.entry_id                        7SLK 
_pdbx_database_status.recvd_initial_deposition_date   2021-10-24 
_pdbx_database_status.SG_entry                        N 
_pdbx_database_status.deposit_site                    RCSB 
_pdbx_database_status.process_site                    RCSB 
_pdbx_database_status.status_code_cs                  ? 
_pdbx_database_status.status_code_nmr_data            ? 
_pdbx_database_status.methods_development_category    ? 
_pdbx_database_status.pdb_format_compatible           Y 
# 
loop_
_audit_author.name 
_audit_author.pdbx_ordinal 
_audit_author.identifier_ORCID 
'Lu, B.'        1 0000-0001-6424-2197 
'Vecchioni, S.' 2 0000-0001-8243-650X 
'Seeman, N.C.'  3 0000-0002-9680-4649 
'Sha, R.'       4 0000-0002-0807-734X 
'Ohayon, Y.P.'  5 0000-0001-7500-4282 
# 
_citation.abstract                  ? 
_citation.abstract_id_CAS           ? 
_citation.book_id_ISBN              ? 
_citation.book_publisher            ? 
_citation.book_publisher_city       ? 
_citation.book_title                ? 
_citation.coordinate_linkage        ? 
_citation.country                   US 
_citation.database_id_Medline       ? 
_citation.details                   ? 
_citation.id                        primary 
_citation.journal_abbrev            J.Am.Chem.Soc. 
_citation.journal_id_ASTM           JACSAT 
_citation.journal_id_CSD            ? 
_citation.journal_id_ISSN           1520-5126 
_citation.journal_full              ? 
_citation.journal_issue             ? 
_citation.journal_volume            145 
_citation.language                  ? 
_citation.page_first                17945 
_citation.page_last                 17953 
_citation.title                     'Heterobimetallic Base Pair Programming in Designer 3D DNA Crystals.' 
_citation.year                      2023 
_citation.database_id_CSD           ? 
_citation.pdbx_database_id_DOI      10.1021/jacs.3c05478 
_citation.pdbx_database_id_PubMed   37530628 
_citation.pdbx_database_id_patent   ? 
_citation.unpublished_flag          ? 
# 
loop_
_citation_author.citation_id 
_citation_author.name 
_citation_author.ordinal 
_citation_author.identifier_ORCID 
primary 'Lu, B.'            1  ? 
primary 'Ohayon, Y.P.'      2  ? 
primary 'Woloszyn, K.'      3  ? 
primary 'Yang, C.F.'        4  ? 
primary 'Yoder, J.B.'       5  ? 
primary 'Rothschild, L.J.'  6  ? 
primary 'Wind, S.J.'        7  ? 
primary 'Hendrickson, W.A.' 8  ? 
primary 'Mao, C.'           9  ? 
primary 'Seeman, N.C.'      10 ? 
primary 'Canary, J.W.'      11 ? 
primary 'Sha, R.'           12 ? 
primary 'Vecchioni, S.'     13 ? 
# 
_cell.angle_alpha                  90.000 
_cell.angle_alpha_esd              ? 
_cell.angle_beta                   90.000 
_cell.angle_beta_esd               ? 
_cell.angle_gamma                  120.000 
_cell.angle_gamma_esd              ? 
_cell.entry_id                     7SLK 
_cell.details                      ? 
_cell.formula_units_Z              ? 
_cell.length_a                     105.685 
_cell.length_a_esd                 ? 
_cell.length_b                     105.685 
_cell.length_b_esd                 ? 
_cell.length_c                     93.060 
_cell.length_c_esd                 ? 
_cell.volume                       900161.395 
_cell.volume_esd                   ? 
_cell.Z_PDB                        9 
_cell.reciprocal_angle_alpha       ? 
_cell.reciprocal_angle_beta        ? 
_cell.reciprocal_angle_gamma       ? 
_cell.reciprocal_angle_alpha_esd   ? 
_cell.reciprocal_angle_beta_esd    ? 
_cell.reciprocal_angle_gamma_esd   ? 
_cell.reciprocal_length_a          ? 
_cell.reciprocal_length_b          ? 
_cell.reciprocal_length_c          ? 
_cell.reciprocal_length_a_esd      ? 
_cell.reciprocal_length_b_esd      ? 
_cell.reciprocal_length_c_esd      ? 
_cell.pdbx_unique_axis             ? 
# 
_symmetry.entry_id                         7SLK 
_symmetry.cell_setting                     ? 
_symmetry.Int_Tables_number                146 
_symmetry.space_group_name_Hall            'R 3' 
_symmetry.space_group_name_H-M             'H 3' 
_symmetry.pdbx_full_space_group_name_H-M   ? 
# 
loop_
_entity.id 
_entity.type 
_entity.src_method 
_entity.pdbx_description 
_entity.formula_weight 
_entity.pdbx_number_of_molecules 
_entity.pdbx_ec 
_entity.pdbx_mutation 
_entity.pdbx_fragment 
_entity.details 
1 polymer     syn 
;DNA (5'-D(*GP*AP*GP*CP*AP*GP*CP*CP*TP*GP*TP*UP*TP*GP*GP*AP*CP*AP*TP*CP*A)-3')
;
6449.158 1 ? ? ? ? 
2 polymer     syn 
;DNA (5'-D(P*CP*CP*AP*UP*AP*CP*A)-3')
;
2052.375 1 ? ? ? ? 
3 polymer     syn 
;DNA (5'-D(P*GP*GP*CP*TP*GP*CP*T)-3')
;
2129.409 1 ? ? ? ? 
4 polymer     syn 
;DNA (5'-D(P*CP*TP*GP*AP*TP*GP*T)-3')
;
2128.421 1 ? ? ? ? 
5 non-polymer syn 'SILVER ION'                                                                    107.868  1 ? ? ? ? 
# 
loop_
_entity_poly.entity_id 
_entity_poly.type 
_entity_poly.nstd_linkage 
_entity_poly.nstd_monomer 
_entity_poly.pdbx_seq_one_letter_code 
_entity_poly.pdbx_seq_one_letter_code_can 
_entity_poly.pdbx_strand_id 
_entity_poly.pdbx_target_identifier 
1 polydeoxyribonucleotide no no 
;(DG)(DA)(DG)(DC)(DA)(DG)(DC)(DC)(DT)(DG)(DT)(DU)(DT)(DG)(DG)(DA)(DC)(DA)(DT)(DC)
(DA)
;
GAGCAGCCTGTUTGGACATCA A ? 
2 polydeoxyribonucleotide no no '(DC)(DC)(DA)(DU)(DA)(DC)(DA)'                                                          CCAUACA B 
? 
3 polydeoxyribonucleotide no no '(DG)(DG)(DC)(DT)(DG)(DC)(DT)'                                                          GGCTGCT C 
? 
4 polydeoxyribonucleotide no no '(DC)(DT)(DG)(DA)(DT)(DG)(DT)'                                                          CTGATGT D 
? 
# 
loop_
_entity_poly_seq.entity_id 
_entity_poly_seq.num 
_entity_poly_seq.mon_id 
_entity_poly_seq.hetero 
1 1  DG n 
1 2  DA n 
1 3  DG n 
1 4  DC n 
1 5  DA n 
1 6  DG n 
1 7  DC n 
1 8  DC n 
1 9  DT n 
1 10 DG n 
1 11 DT n 
1 12 DU n 
1 13 DT n 
1 14 DG n 
1 15 DG n 
1 16 DA n 
1 17 DC n 
1 18 DA n 
1 19 DT n 
1 20 DC n 
1 21 DA n 
2 1  DC n 
2 2  DC n 
2 3  DA n 
2 4  DU n 
2 5  DA n 
2 6  DC n 
2 7  DA n 
3 1  DG n 
3 2  DG n 
3 3  DC n 
3 4  DT n 
3 5  DG n 
3 6  DC n 
3 7  DT n 
4 1  DC n 
4 2  DT n 
4 3  DG n 
4 4  DA n 
4 5  DT n 
4 6  DG n 
4 7  DT n 
# 
loop_
_pdbx_entity_src_syn.entity_id 
_pdbx_entity_src_syn.pdbx_src_id 
_pdbx_entity_src_syn.pdbx_alt_source_flag 
_pdbx_entity_src_syn.pdbx_beg_seq_num 
_pdbx_entity_src_syn.pdbx_end_seq_num 
_pdbx_entity_src_syn.organism_scientific 
_pdbx_entity_src_syn.organism_common_name 
_pdbx_entity_src_syn.ncbi_taxonomy_id 
_pdbx_entity_src_syn.details 
1 1 sample 1 21 'synthetic construct' ? 32630 ? 
2 1 sample 1 7  'synthetic construct' ? 32630 ? 
3 1 sample 1 7  'synthetic construct' ? 32630 ? 
4 1 sample 1 7  'synthetic construct' ? 32630 ? 
# 
loop_
_struct_ref.id 
_struct_ref.db_name 
_struct_ref.db_code 
_struct_ref.pdbx_db_accession 
_struct_ref.pdbx_db_isoform 
_struct_ref.entity_id 
_struct_ref.pdbx_seq_one_letter_code 
_struct_ref.pdbx_align_begin 
1 PDB 7SLK 7SLK ? 1 ? 1 
2 PDB 7SLK 7SLK ? 2 ? 1 
3 PDB 7SLK 7SLK ? 3 ? 1 
4 PDB 7SLK 7SLK ? 4 ? 1 
# 
loop_
_struct_ref_seq.align_id 
_struct_ref_seq.ref_id 
_struct_ref_seq.pdbx_PDB_id_code 
_struct_ref_seq.pdbx_strand_id 
_struct_ref_seq.seq_align_beg 
_struct_ref_seq.pdbx_seq_align_beg_ins_code 
_struct_ref_seq.seq_align_end 
_struct_ref_seq.pdbx_seq_align_end_ins_code 
_struct_ref_seq.pdbx_db_accession 
_struct_ref_seq.db_align_beg 
_struct_ref_seq.pdbx_db_align_beg_ins_code 
_struct_ref_seq.db_align_end 
_struct_ref_seq.pdbx_db_align_end_ins_code 
_struct_ref_seq.pdbx_auth_seq_align_beg 
_struct_ref_seq.pdbx_auth_seq_align_end 
1 1 7SLK A 1 ? 21 ? 7SLK 1 ? 21 ? 1 21 
2 2 7SLK B 1 ? 7  ? 7SLK 1 ? 7  ? 1 7  
3 3 7SLK C 1 ? 7  ? 7SLK 8 ? 14 ? 8 14 
4 4 7SLK D 1 ? 7  ? 7SLK 1 ? 7  ? 1 7  
# 
loop_
_chem_comp.id 
_chem_comp.type 
_chem_comp.mon_nstd_flag 
_chem_comp.name 
_chem_comp.pdbx_synonyms 
_chem_comp.formula 
_chem_comp.formula_weight 
AG non-polymer   . 'SILVER ION'                         ? 'Ag 1'            107.868 
DA 'DNA linking' y "2'-DEOXYADENOSINE-5'-MONOPHOSPHATE" ? 'C10 H14 N5 O6 P' 331.222 
DC 'DNA linking' y "2'-DEOXYCYTIDINE-5'-MONOPHOSPHATE"  ? 'C9 H14 N3 O7 P'  307.197 
DG 'DNA linking' y "2'-DEOXYGUANOSINE-5'-MONOPHOSPHATE" ? 'C10 H14 N5 O7 P' 347.221 
DT 'DNA linking' y "THYMIDINE-5'-MONOPHOSPHATE"         ? 'C10 H15 N2 O8 P' 322.208 
DU 'DNA linking' y "2'-DEOXYURIDINE-5'-MONOPHOSPHATE"   ? 'C9 H13 N2 O8 P'  308.182 
# 
_exptl.absorpt_coefficient_mu     ? 
_exptl.absorpt_correction_T_max   ? 
_exptl.absorpt_correction_T_min   ? 
_exptl.absorpt_correction_type    ? 
_exptl.absorpt_process_details    ? 
_exptl.entry_id                   7SLK 
_exptl.crystals_number            1 
_exptl.details                    ? 
_exptl.method                     'X-RAY DIFFRACTION' 
_exptl.method_details             ? 
# 
_exptl_crystal.colour                      ? 
_exptl_crystal.density_diffrn              ? 
_exptl_crystal.density_Matthews            8.41 
_exptl_crystal.density_method              ? 
_exptl_crystal.density_percent_sol         ? 
_exptl_crystal.description                 Rhombohedral 
_exptl_crystal.F_000                       ? 
_exptl_crystal.id                          1 
_exptl_crystal.preparation                 ? 
_exptl_crystal.size_max                    ? 
_exptl_crystal.size_mid                    ? 
_exptl_crystal.size_min                    ? 
_exptl_crystal.size_rad                    ? 
_exptl_crystal.colour_lustre               ? 
_exptl_crystal.colour_modifier             ? 
_exptl_crystal.colour_primary              ? 
_exptl_crystal.density_meas                ? 
_exptl_crystal.density_meas_esd            ? 
_exptl_crystal.density_meas_gt             ? 
_exptl_crystal.density_meas_lt             ? 
_exptl_crystal.density_meas_temp           ? 
_exptl_crystal.density_meas_temp_esd       ? 
_exptl_crystal.density_meas_temp_gt        ? 
_exptl_crystal.density_meas_temp_lt        ? 
_exptl_crystal.pdbx_crystal_image_url      ? 
_exptl_crystal.pdbx_crystal_image_format   ? 
_exptl_crystal.pdbx_mosaicity              ? 
_exptl_crystal.pdbx_mosaicity_esd          ? 
# 
_exptl_crystal_grow.apparatus       ? 
_exptl_crystal_grow.atmosphere      ? 
_exptl_crystal_grow.crystal_id      1 
_exptl_crystal_grow.details         ? 
_exptl_crystal_grow.method          'VAPOR DIFFUSION, HANGING DROP' 
_exptl_crystal_grow.method_ref      ? 
_exptl_crystal_grow.pH              9 
_exptl_crystal_grow.pressure        ? 
_exptl_crystal_grow.pressure_esd    ? 
_exptl_crystal_grow.seeding         ? 
_exptl_crystal_grow.seeding_ref     ? 
_exptl_crystal_grow.temp            293 
_exptl_crystal_grow.temp_details    '338-293 at 0.4/hr' 
_exptl_crystal_grow.temp_esd        ? 
_exptl_crystal_grow.time            ? 
_exptl_crystal_grow.pdbx_details    'Tris, Magnesium sulfate, silver nitrate' 
_exptl_crystal_grow.pdbx_pH_range   ? 
# 
_diffrn.ambient_environment              ? 
_diffrn.ambient_temp                     100 
_diffrn.ambient_temp_details             ? 
_diffrn.ambient_temp_esd                 ? 
_diffrn.crystal_id                       1 
_diffrn.crystal_support                  ? 
_diffrn.crystal_treatment                ? 
_diffrn.details                          ? 
_diffrn.id                               1 
_diffrn.ambient_pressure                 ? 
_diffrn.ambient_pressure_esd             ? 
_diffrn.ambient_pressure_gt              ? 
_diffrn.ambient_pressure_lt              ? 
_diffrn.ambient_temp_gt                  ? 
_diffrn.ambient_temp_lt                  ? 
_diffrn.pdbx_serial_crystal_experiment   N 
# 
_diffrn_detector.details                      ? 
_diffrn_detector.detector                     PIXEL 
_diffrn_detector.diffrn_id                    1 
_diffrn_detector.type                         'DECTRIS EIGER2 X 9M' 
_diffrn_detector.area_resol_mean              ? 
_diffrn_detector.dtime                        ? 
_diffrn_detector.pdbx_frames_total            ? 
_diffrn_detector.pdbx_collection_time_total   ? 
_diffrn_detector.pdbx_collection_date         2021-07-18 
_diffrn_detector.pdbx_frequency               ? 
# 
_diffrn_radiation.collimation                      ? 
_diffrn_radiation.diffrn_id                        1 
_diffrn_radiation.filter_edge                      ? 
_diffrn_radiation.inhomogeneity                    ? 
_diffrn_radiation.monochromator                    ? 
_diffrn_radiation.polarisn_norm                    ? 
_diffrn_radiation.polarisn_ratio                   ? 
_diffrn_radiation.probe                            ? 
_diffrn_radiation.type                             ? 
_diffrn_radiation.xray_symbol                      ? 
_diffrn_radiation.wavelength_id                    1 
_diffrn_radiation.pdbx_monochromatic_or_laue_m_l   M 
_diffrn_radiation.pdbx_wavelength_list             ? 
_diffrn_radiation.pdbx_wavelength                  ? 
_diffrn_radiation.pdbx_diffrn_protocol             'SINGLE WAVELENGTH' 
_diffrn_radiation.pdbx_analyzer                    ? 
_diffrn_radiation.pdbx_scattering_type             x-ray 
# 
_diffrn_radiation_wavelength.id           1 
_diffrn_radiation_wavelength.wavelength   1.00743 
_diffrn_radiation_wavelength.wt           1.0 
# 
_diffrn_source.current                     ? 
_diffrn_source.details                     ? 
_diffrn_source.diffrn_id                   1 
_diffrn_source.power                       ? 
_diffrn_source.size                        ? 
_diffrn_source.source                      SYNCHROTRON 
_diffrn_source.target                      ? 
_diffrn_source.type                        'APS BEAMLINE 17-ID' 
_diffrn_source.voltage                     ? 
_diffrn_source.take-off_angle              ? 
_diffrn_source.pdbx_wavelength_list        1.00743 
_diffrn_source.pdbx_wavelength             ? 
_diffrn_source.pdbx_synchrotron_beamline   17-ID 
_diffrn_source.pdbx_synchrotron_site       APS 
# 
_reflns.B_iso_Wilson_estimate                          287.00 
_reflns.entry_id                                       7SLK 
_reflns.data_reduction_details                         ? 
_reflns.data_reduction_method                          ? 
_reflns.d_resolution_high                              4.00 
_reflns.d_resolution_low                               19.97 
_reflns.details                                        ? 
_reflns.limit_h_max                                    ? 
_reflns.limit_h_min                                    ? 
_reflns.limit_k_max                                    ? 
_reflns.limit_k_min                                    ? 
_reflns.limit_l_max                                    ? 
_reflns.limit_l_min                                    ? 
_reflns.number_all                                     ? 
_reflns.number_obs                                     2609 
_reflns.observed_criterion                             ? 
_reflns.observed_criterion_F_max                       ? 
_reflns.observed_criterion_F_min                       ? 
_reflns.observed_criterion_I_max                       ? 
_reflns.observed_criterion_I_min                       ? 
_reflns.observed_criterion_sigma_F                     ? 
_reflns.observed_criterion_sigma_I                     ? 
_reflns.percent_possible_obs                           92.0 
_reflns.R_free_details                                 ? 
_reflns.Rmerge_F_all                                   ? 
_reflns.Rmerge_F_obs                                   ? 
_reflns.Friedel_coverage                               ? 
_reflns.number_gt                                      ? 
_reflns.threshold_expression                           ? 
_reflns.pdbx_redundancy                                10.9 
_reflns.pdbx_Rmerge_I_obs                              ? 
_reflns.pdbx_Rmerge_I_all                              ? 
_reflns.pdbx_Rsym_value                                ? 
_reflns.pdbx_netI_over_av_sigmaI                       ? 
_reflns.pdbx_netI_over_sigmaI                          14.0 
_reflns.pdbx_res_netI_over_av_sigmaI_2                 ? 
_reflns.pdbx_res_netI_over_sigmaI_2                    ? 
_reflns.pdbx_chi_squared                               ? 
_reflns.pdbx_scaling_rejects                           ? 
_reflns.pdbx_d_res_high_opt                            ? 
_reflns.pdbx_d_res_low_opt                             ? 
_reflns.pdbx_d_res_opt_method                          ? 
_reflns.phase_calculation_details                      ? 
_reflns.pdbx_Rrim_I_all                                ? 
_reflns.pdbx_Rpim_I_all                                ? 
_reflns.pdbx_d_opt                                     ? 
_reflns.pdbx_number_measured_all                       ? 
_reflns.pdbx_diffrn_id                                 1 
_reflns.pdbx_ordinal                                   1 
_reflns.pdbx_CC_half                                   1.000 
_reflns.pdbx_CC_star                                   ? 
_reflns.pdbx_R_split                                   ? 
_reflns.pdbx_aniso_diffraction_limit_axis_1_ortho[1]   ? 
_reflns.pdbx_aniso_diffraction_limit_axis_1_ortho[2]   ? 
_reflns.pdbx_aniso_diffraction_limit_axis_1_ortho[3]   ? 
_reflns.pdbx_aniso_diffraction_limit_axis_2_ortho[1]   ? 
_reflns.pdbx_aniso_diffraction_limit_axis_2_ortho[2]   ? 
_reflns.pdbx_aniso_diffraction_limit_axis_2_ortho[3]   ? 
_reflns.pdbx_aniso_diffraction_limit_axis_3_ortho[1]   ? 
_reflns.pdbx_aniso_diffraction_limit_axis_3_ortho[2]   ? 
_reflns.pdbx_aniso_diffraction_limit_axis_3_ortho[3]   ? 
_reflns.pdbx_aniso_diffraction_limit_1                 ? 
_reflns.pdbx_aniso_diffraction_limit_2                 ? 
_reflns.pdbx_aniso_diffraction_limit_3                 ? 
_reflns.pdbx_aniso_B_tensor_eigenvector_1_ortho[1]     ? 
_reflns.pdbx_aniso_B_tensor_eigenvector_1_ortho[2]     ? 
_reflns.pdbx_aniso_B_tensor_eigenvector_1_ortho[3]     ? 
_reflns.pdbx_aniso_B_tensor_eigenvector_2_ortho[1]     ? 
_reflns.pdbx_aniso_B_tensor_eigenvector_2_ortho[2]     ? 
_reflns.pdbx_aniso_B_tensor_eigenvector_2_ortho[3]     ? 
_reflns.pdbx_aniso_B_tensor_eigenvector_3_ortho[1]     ? 
_reflns.pdbx_aniso_B_tensor_eigenvector_3_ortho[2]     ? 
_reflns.pdbx_aniso_B_tensor_eigenvector_3_ortho[3]     ? 
_reflns.pdbx_aniso_B_tensor_eigenvalue_1               ? 
_reflns.pdbx_aniso_B_tensor_eigenvalue_2               ? 
_reflns.pdbx_aniso_B_tensor_eigenvalue_3               ? 
_reflns.pdbx_orthogonalization_convention              ? 
_reflns.pdbx_percent_possible_ellipsoidal              ? 
_reflns.pdbx_percent_possible_spherical                ? 
_reflns.pdbx_percent_possible_ellipsoidal_anomalous    ? 
_reflns.pdbx_percent_possible_spherical_anomalous      ? 
_reflns.pdbx_redundancy_anomalous                      ? 
_reflns.pdbx_CC_half_anomalous                         ? 
_reflns.pdbx_absDiff_over_sigma_anomalous              ? 
_reflns.pdbx_percent_possible_anomalous                ? 
_reflns.pdbx_observed_signal_threshold                 ? 
_reflns.pdbx_signal_type                               ? 
_reflns.pdbx_signal_details                            ? 
_reflns.pdbx_signal_software_id                        ? 
# 
_reflns_shell.d_res_high                                    4.00 
_reflns_shell.d_res_low                                     4.20 
_reflns_shell.meanI_over_sigI_all                           ? 
_reflns_shell.meanI_over_sigI_obs                           ? 
_reflns_shell.number_measured_all                           ? 
_reflns_shell.number_measured_obs                           ? 
_reflns_shell.number_possible                               ? 
_reflns_shell.number_unique_all                             ? 
_reflns_shell.number_unique_obs                             200 
_reflns_shell.percent_possible_all                          ? 
_reflns_shell.percent_possible_obs                          ? 
_reflns_shell.Rmerge_F_all                                  ? 
_reflns_shell.Rmerge_F_obs                                  ? 
_reflns_shell.Rmerge_I_all                                  ? 
_reflns_shell.Rmerge_I_obs                                  ? 
_reflns_shell.meanI_over_sigI_gt                            ? 
_reflns_shell.meanI_over_uI_all                             ? 
_reflns_shell.meanI_over_uI_gt                              ? 
_reflns_shell.number_measured_gt                            ? 
_reflns_shell.number_unique_gt                              ? 
_reflns_shell.percent_possible_gt                           ? 
_reflns_shell.Rmerge_F_gt                                   ? 
_reflns_shell.Rmerge_I_gt                                   ? 
_reflns_shell.pdbx_redundancy                               ? 
_reflns_shell.pdbx_Rsym_value                               ? 
_reflns_shell.pdbx_chi_squared                              ? 
_reflns_shell.pdbx_netI_over_sigmaI_all                     ? 
_reflns_shell.pdbx_netI_over_sigmaI_obs                     ? 
_reflns_shell.pdbx_Rrim_I_all                               ? 
_reflns_shell.pdbx_Rpim_I_all                               ? 
_reflns_shell.pdbx_rejects                                  ? 
_reflns_shell.pdbx_ordinal                                  1 
_reflns_shell.pdbx_diffrn_id                                1 
_reflns_shell.pdbx_CC_half                                  0.318 
_reflns_shell.pdbx_CC_star                                  ? 
_reflns_shell.pdbx_R_split                                  ? 
_reflns_shell.pdbx_percent_possible_ellipsoidal             ? 
_reflns_shell.pdbx_percent_possible_spherical               ? 
_reflns_shell.pdbx_percent_possible_ellipsoidal_anomalous   ? 
_reflns_shell.pdbx_percent_possible_spherical_anomalous     ? 
_reflns_shell.pdbx_redundancy_anomalous                     ? 
_reflns_shell.pdbx_CC_half_anomalous                        ? 
_reflns_shell.pdbx_absDiff_over_sigma_anomalous             ? 
_reflns_shell.pdbx_percent_possible_anomalous               ? 
# 
_refine.aniso_B[1][1]                            ? 
_refine.aniso_B[1][2]                            ? 
_refine.aniso_B[1][3]                            ? 
_refine.aniso_B[2][2]                            ? 
_refine.aniso_B[2][3]                            ? 
_refine.aniso_B[3][3]                            ? 
_refine.B_iso_max                                ? 
_refine.B_iso_mean                               234.81 
_refine.B_iso_min                                ? 
_refine.correlation_coeff_Fo_to_Fc               ? 
_refine.correlation_coeff_Fo_to_Fc_free          ? 
_refine.details                                  ? 
_refine.diff_density_max                         ? 
_refine.diff_density_max_esd                     ? 
_refine.diff_density_min                         ? 
_refine.diff_density_min_esd                     ? 
_refine.diff_density_rms                         ? 
_refine.diff_density_rms_esd                     ? 
_refine.entry_id                                 7SLK 
_refine.pdbx_refine_id                           'X-RAY DIFFRACTION' 
_refine.ls_abs_structure_details                 ? 
_refine.ls_abs_structure_Flack                   ? 
_refine.ls_abs_structure_Flack_esd               ? 
_refine.ls_abs_structure_Rogers                  ? 
_refine.ls_abs_structure_Rogers_esd              ? 
_refine.ls_d_res_high                            4.01 
_refine.ls_d_res_low                             19.97 
_refine.ls_extinction_coef                       ? 
_refine.ls_extinction_coef_esd                   ? 
_refine.ls_extinction_expression                 ? 
_refine.ls_extinction_method                     ? 
_refine.ls_goodness_of_fit_all                   ? 
_refine.ls_goodness_of_fit_all_esd               ? 
_refine.ls_goodness_of_fit_obs                   ? 
_refine.ls_goodness_of_fit_obs_esd               ? 
_refine.ls_hydrogen_treatment                    ? 
_refine.ls_matrix_type                           ? 
_refine.ls_number_constraints                    ? 
_refine.ls_number_parameters                     ? 
_refine.ls_number_reflns_all                     ? 
_refine.ls_number_reflns_obs                     2492 
_refine.ls_number_reflns_R_free                  143 
_refine.ls_number_reflns_R_work                  2349 
_refine.ls_number_restraints                     ? 
_refine.ls_percent_reflns_obs                    77.10 
_refine.ls_percent_reflns_R_free                 5.74 
_refine.ls_R_factor_all                          ? 
_refine.ls_R_factor_obs                          0.2675 
_refine.ls_R_factor_R_free                       0.2868 
_refine.ls_R_factor_R_free_error                 ? 
_refine.ls_R_factor_R_free_error_details         ? 
_refine.ls_R_factor_R_work                       0.2663 
_refine.ls_R_Fsqd_factor_obs                     ? 
_refine.ls_R_I_factor_obs                        ? 
_refine.ls_redundancy_reflns_all                 ? 
_refine.ls_redundancy_reflns_obs                 ? 
_refine.ls_restrained_S_all                      ? 
_refine.ls_restrained_S_obs                      ? 
_refine.ls_shift_over_esd_max                    ? 
_refine.ls_shift_over_esd_mean                   ? 
_refine.ls_structure_factor_coef                 ? 
_refine.ls_weighting_details                     ? 
_refine.ls_weighting_scheme                      ? 
_refine.ls_wR_factor_all                         ? 
_refine.ls_wR_factor_obs                         ? 
_refine.ls_wR_factor_R_free                      ? 
_refine.ls_wR_factor_R_work                      ? 
_refine.occupancy_max                            ? 
_refine.occupancy_min                            ? 
_refine.solvent_model_details                    'FLAT BULK SOLVENT MODEL' 
_refine.solvent_model_param_bsol                 ? 
_refine.solvent_model_param_ksol                 ? 
_refine.pdbx_R_complete                          ? 
_refine.ls_R_factor_gt                           ? 
_refine.ls_goodness_of_fit_gt                    ? 
_refine.ls_goodness_of_fit_ref                   ? 
_refine.ls_shift_over_su_max                     ? 
_refine.ls_shift_over_su_max_lt                  ? 
_refine.ls_shift_over_su_mean                    ? 
_refine.ls_shift_over_su_mean_lt                 ? 
_refine.pdbx_ls_sigma_I                          ? 
_refine.pdbx_ls_sigma_F                          1.96 
_refine.pdbx_ls_sigma_Fsqd                       ? 
_refine.pdbx_data_cutoff_high_absF               ? 
_refine.pdbx_data_cutoff_high_rms_absF           ? 
_refine.pdbx_data_cutoff_low_absF                ? 
_refine.pdbx_isotropic_thermal_model             ? 
_refine.pdbx_ls_cross_valid_method               'FREE R-VALUE' 
_refine.pdbx_method_to_determine_struct          SAD 
_refine.pdbx_starting_model                      ? 
_refine.pdbx_stereochemistry_target_values       'GeoStd + Monomer Library + CDL v1.2' 
_refine.pdbx_R_Free_selection_details            ? 
_refine.pdbx_stereochem_target_val_spec_case     ? 
_refine.pdbx_overall_ESU_R                       ? 
_refine.pdbx_overall_ESU_R_Free                  ? 
_refine.pdbx_solvent_vdw_probe_radii             1.1100 
_refine.pdbx_solvent_ion_probe_radii             ? 
_refine.pdbx_solvent_shrinkage_radii             0.9000 
_refine.pdbx_real_space_R                        ? 
_refine.pdbx_density_correlation                 ? 
_refine.pdbx_pd_number_of_powder_patterns        ? 
_refine.pdbx_pd_number_of_points                 ? 
_refine.pdbx_pd_meas_number_of_points            ? 
_refine.pdbx_pd_proc_ls_prof_R_factor            ? 
_refine.pdbx_pd_proc_ls_prof_wR_factor           ? 
_refine.pdbx_pd_Marquardt_correlation_coeff      ? 
_refine.pdbx_pd_Fsqrd_R_factor                   ? 
_refine.pdbx_pd_ls_matrix_band_width             ? 
_refine.pdbx_overall_phase_error                 45.3626 
_refine.pdbx_overall_SU_R_free_Cruickshank_DPI   ? 
_refine.pdbx_overall_SU_R_free_Blow_DPI          ? 
_refine.pdbx_overall_SU_R_Blow_DPI               ? 
_refine.pdbx_TLS_residual_ADP_flag               ? 
_refine.pdbx_diffrn_id                           1 
_refine.overall_SU_B                             ? 
_refine.overall_SU_ML                            0.2542 
_refine.overall_SU_R_Cruickshank_DPI             ? 
_refine.overall_SU_R_free                        ? 
_refine.overall_FOM_free_R_set                   ? 
_refine.overall_FOM_work_R_set                   ? 
_refine.pdbx_average_fsc_overall                 ? 
_refine.pdbx_average_fsc_work                    ? 
_refine.pdbx_average_fsc_free                    ? 
# 
_refine_hist.pdbx_refine_id                   'X-RAY DIFFRACTION' 
_refine_hist.cycle_id                         LAST 
_refine_hist.details                          ? 
_refine_hist.d_res_high                       4.01 
_refine_hist.d_res_low                        19.97 
_refine_hist.number_atoms_solvent             0 
_refine_hist.number_atoms_total               857 
_refine_hist.number_reflns_all                ? 
_refine_hist.number_reflns_obs                ? 
_refine_hist.number_reflns_R_free             ? 
_refine_hist.number_reflns_R_work             ? 
_refine_hist.R_factor_all                     ? 
_refine_hist.R_factor_obs                     ? 
_refine_hist.R_factor_R_free                  ? 
_refine_hist.R_factor_R_work                  ? 
_refine_hist.pdbx_number_residues_total       ? 
_refine_hist.pdbx_B_iso_mean_ligand           ? 
_refine_hist.pdbx_B_iso_mean_solvent          ? 
_refine_hist.pdbx_number_atoms_protein        0 
_refine_hist.pdbx_number_atoms_nucleic_acid   856 
_refine_hist.pdbx_number_atoms_ligand         1 
_refine_hist.pdbx_number_atoms_lipid          ? 
_refine_hist.pdbx_number_atoms_carb           ? 
_refine_hist.pdbx_pseudo_atom_details         ? 
# 
loop_
_refine_ls_restr.pdbx_refine_id 
_refine_ls_restr.criterion 
_refine_ls_restr.dev_ideal 
_refine_ls_restr.dev_ideal_target 
_refine_ls_restr.number 
_refine_ls_restr.rejects 
_refine_ls_restr.type 
_refine_ls_restr.weight 
_refine_ls_restr.pdbx_restraint_function 
'X-RAY DIFFRACTION' ? 0.0127  ? 956  ? f_bond_d           ? ? 
'X-RAY DIFFRACTION' ? 1.5017  ? 1467 ? f_angle_d          ? ? 
'X-RAY DIFFRACTION' ? 0.0675  ? 165  ? f_chiral_restr     ? ? 
'X-RAY DIFFRACTION' ? 0.0062  ? 42   ? f_plane_restr      ? ? 
'X-RAY DIFFRACTION' ? 38.8882 ? 399  ? f_dihedral_angle_d ? ? 
# 
_struct.entry_id                     7SLK 
_struct.title                        '[U:Ag+:U--pH 9] Metal-mediated DNA base pair in tensegrity triangle' 
_struct.pdbx_model_details           ? 
_struct.pdbx_formula_weight          ? 
_struct.pdbx_formula_weight_method   ? 
_struct.pdbx_model_type_details      ? 
_struct.pdbx_CASP_flag               N 
# 
_struct_keywords.entry_id        7SLK 
_struct_keywords.text            'Tensegrity triangle, self-assembling crystal, metal-mediated mismatch, DNA' 
_struct_keywords.pdbx_keywords   DNA 
# 
loop_
_struct_asym.id 
_struct_asym.pdbx_blank_PDB_chainid_flag 
_struct_asym.pdbx_modified 
_struct_asym.entity_id 
_struct_asym.details 
A N N 1 ? 
B N N 2 ? 
C N N 3 ? 
D N N 4 ? 
E N N 5 ? 
# 
loop_
_struct_conn.id 
_struct_conn.conn_type_id 
_struct_conn.pdbx_leaving_atom_flag 
_struct_conn.pdbx_PDB_id 
_struct_conn.ptnr1_label_asym_id 
_struct_conn.ptnr1_label_comp_id 
_struct_conn.ptnr1_label_seq_id 
_struct_conn.ptnr1_label_atom_id 
_struct_conn.pdbx_ptnr1_label_alt_id 
_struct_conn.pdbx_ptnr1_PDB_ins_code 
_struct_conn.pdbx_ptnr1_standard_comp_id 
_struct_conn.ptnr1_symmetry 
_struct_conn.ptnr2_label_asym_id 
_struct_conn.ptnr2_label_comp_id 
_struct_conn.ptnr2_label_seq_id 
_struct_conn.ptnr2_label_atom_id 
_struct_conn.pdbx_ptnr2_label_alt_id 
_struct_conn.pdbx_ptnr2_PDB_ins_code 
_struct_conn.ptnr1_auth_asym_id 
_struct_conn.ptnr1_auth_comp_id 
_struct_conn.ptnr1_auth_seq_id 
_struct_conn.ptnr2_auth_asym_id 
_struct_conn.ptnr2_auth_comp_id 
_struct_conn.ptnr2_auth_seq_id 
_struct_conn.ptnr2_symmetry 
_struct_conn.pdbx_ptnr3_label_atom_id 
_struct_conn.pdbx_ptnr3_label_seq_id 
_struct_conn.pdbx_ptnr3_label_comp_id 
_struct_conn.pdbx_ptnr3_label_asym_id 
_struct_conn.pdbx_ptnr3_label_alt_id 
_struct_conn.pdbx_ptnr3_PDB_ins_code 
_struct_conn.details 
_struct_conn.pdbx_dist_value 
_struct_conn.pdbx_value_order 
_struct_conn.pdbx_role 
metalc1  metalc ? ? A DU 12 O4 ? ? ? 1_555 E AG . AG ? ? A DU 12 B AG 101 1_555 ? ? ? ? ? ? ?            2.663 ? ? 
metalc2  metalc ? ? B DU 4  N3 ? ? ? 1_555 E AG . AG ? ? B DU 4  B AG 101 1_555 ? ? ? ? ? ? ?            2.505 ? ? 
metalc3  metalc ? ? B DU 4  O4 ? ? ? 1_555 E AG . AG ? ? B DU 4  B AG 101 1_555 ? ? ? ? ? ? ?            1.916 ? ? 
hydrog1  hydrog ? ? A DA 2  N1 ? ? ? 1_555 C DT 7 N3 ? ? A DA 2  C DT 14  1_555 ? ? ? ? ? ? WATSON-CRICK ?     ? ? 
hydrog2  hydrog ? ? A DA 2  N6 ? ? ? 1_555 C DT 7 O4 ? ? A DA 2  C DT 14  1_555 ? ? ? ? ? ? WATSON-CRICK ?     ? ? 
hydrog3  hydrog ? ? A DG 3  N1 ? ? ? 1_555 C DC 6 N3 ? ? A DG 3  C DC 13  1_555 ? ? ? ? ? ? WATSON-CRICK ?     ? ? 
hydrog4  hydrog ? ? A DG 3  N2 ? ? ? 1_555 C DC 6 O2 ? ? A DG 3  C DC 13  1_555 ? ? ? ? ? ? WATSON-CRICK ?     ? ? 
hydrog5  hydrog ? ? A DG 3  O6 ? ? ? 1_555 C DC 6 N4 ? ? A DG 3  C DC 13  1_555 ? ? ? ? ? ? WATSON-CRICK ?     ? ? 
hydrog6  hydrog ? ? A DC 4  N4 ? ? ? 1_555 C DG 5 O6 ? ? A DC 4  C DG 12  1_555 ? ? ? ? ? ? 'DC-DG PAIR' ?     ? ? 
hydrog7  hydrog ? ? A DA 5  N1 ? ? ? 1_555 C DT 4 N3 ? ? A DA 5  C DT 11  1_555 ? ? ? ? ? ? WATSON-CRICK ?     ? ? 
hydrog8  hydrog ? ? A DA 5  N6 ? ? ? 1_555 C DT 4 O4 ? ? A DA 5  C DT 11  1_555 ? ? ? ? ? ? WATSON-CRICK ?     ? ? 
hydrog9  hydrog ? ? A DG 6  N1 ? ? ? 1_555 C DC 3 N3 ? ? A DG 6  C DC 10  1_555 ? ? ? ? ? ? WATSON-CRICK ?     ? ? 
hydrog10 hydrog ? ? A DG 6  N2 ? ? ? 1_555 C DC 3 O2 ? ? A DG 6  C DC 10  1_555 ? ? ? ? ? ? WATSON-CRICK ?     ? ? 
hydrog11 hydrog ? ? A DG 6  O6 ? ? ? 1_555 C DC 3 N4 ? ? A DG 6  C DC 10  1_555 ? ? ? ? ? ? WATSON-CRICK ?     ? ? 
hydrog12 hydrog ? ? A DC 7  N3 ? ? ? 1_555 C DG 2 N1 ? ? A DC 7  C DG 9   1_555 ? ? ? ? ? ? WATSON-CRICK ?     ? ? 
hydrog13 hydrog ? ? A DC 7  N4 ? ? ? 1_555 C DG 2 O6 ? ? A DC 7  C DG 9   1_555 ? ? ? ? ? ? WATSON-CRICK ?     ? ? 
hydrog14 hydrog ? ? A DC 7  O2 ? ? ? 1_555 C DG 2 N2 ? ? A DC 7  C DG 9   1_555 ? ? ? ? ? ? WATSON-CRICK ?     ? ? 
hydrog15 hydrog ? ? A DC 8  N3 ? ? ? 1_555 C DG 1 N1 ? ? A DC 8  C DG 8   1_555 ? ? ? ? ? ? WATSON-CRICK ?     ? ? 
hydrog16 hydrog ? ? A DC 8  N4 ? ? ? 1_555 C DG 1 O6 ? ? A DC 8  C DG 8   1_555 ? ? ? ? ? ? WATSON-CRICK ?     ? ? 
hydrog17 hydrog ? ? A DC 8  O2 ? ? ? 1_555 C DG 1 N2 ? ? A DC 8  C DG 8   1_555 ? ? ? ? ? ? WATSON-CRICK ?     ? ? 
hydrog18 hydrog ? ? A DT 9  N3 ? ? ? 1_555 B DA 7 N1 ? ? A DT 9  B DA 7   1_555 ? ? ? ? ? ? WATSON-CRICK ?     ? ? 
hydrog19 hydrog ? ? A DT 9  O4 ? ? ? 1_555 B DA 7 N6 ? ? A DT 9  B DA 7   1_555 ? ? ? ? ? ? WATSON-CRICK ?     ? ? 
hydrog20 hydrog ? ? A DG 10 N1 ? ? ? 1_555 B DC 6 N3 ? ? A DG 10 B DC 6   1_555 ? ? ? ? ? ? WATSON-CRICK ?     ? ? 
hydrog21 hydrog ? ? A DG 10 N2 ? ? ? 1_555 B DC 6 O2 ? ? A DG 10 B DC 6   1_555 ? ? ? ? ? ? WATSON-CRICK ?     ? ? 
hydrog22 hydrog ? ? A DG 10 O6 ? ? ? 1_555 B DC 6 N4 ? ? A DG 10 B DC 6   1_555 ? ? ? ? ? ? WATSON-CRICK ?     ? ? 
hydrog23 hydrog ? ? A DT 13 N3 ? ? ? 1_555 B DA 3 N1 ? ? A DT 13 B DA 3   1_555 ? ? ? ? ? ? WATSON-CRICK ?     ? ? 
hydrog24 hydrog ? ? A DT 13 O4 ? ? ? 1_555 B DA 3 N6 ? ? A DT 13 B DA 3   1_555 ? ? ? ? ? ? WATSON-CRICK ?     ? ? 
hydrog25 hydrog ? ? A DG 14 N1 ? ? ? 1_555 B DC 2 N3 ? ? A DG 14 B DC 2   1_555 ? ? ? ? ? ? WATSON-CRICK ?     ? ? 
hydrog26 hydrog ? ? A DG 14 N2 ? ? ? 1_555 B DC 2 O2 ? ? A DG 14 B DC 2   1_555 ? ? ? ? ? ? WATSON-CRICK ?     ? ? 
hydrog27 hydrog ? ? A DG 14 O6 ? ? ? 1_555 B DC 2 N4 ? ? A DG 14 B DC 2   1_555 ? ? ? ? ? ? WATSON-CRICK ?     ? ? 
hydrog28 hydrog ? ? A DG 15 N1 ? ? ? 1_555 B DC 1 N3 ? ? A DG 15 B DC 1   1_555 ? ? ? ? ? ? WATSON-CRICK ?     ? ? 
hydrog29 hydrog ? ? A DG 15 N2 ? ? ? 1_555 B DC 1 O2 ? ? A DG 15 B DC 1   1_555 ? ? ? ? ? ? WATSON-CRICK ?     ? ? 
hydrog30 hydrog ? ? A DG 15 O6 ? ? ? 1_555 B DC 1 N4 ? ? A DG 15 B DC 1   1_555 ? ? ? ? ? ? WATSON-CRICK ?     ? ? 
hydrog31 hydrog ? ? A DA 16 N1 ? ? ? 1_555 D DG 6 N1 ? ? A DA 16 D DG 6   1_555 ? ? ? ? ? ? TYPE_8_PAIR  ?     ? ? 
hydrog32 hydrog ? ? A DA 16 N6 ? ? ? 1_555 D DG 6 O6 ? ? A DA 16 D DG 6   1_555 ? ? ? ? ? ? TYPE_8_PAIR  ?     ? ? 
hydrog33 hydrog ? ? A DA 16 N1 ? ? ? 1_555 D DT 7 N3 ? ? A DA 16 D DT 7   1_555 ? ? ? ? ? ? WATSON-CRICK ?     ? ? 
hydrog34 hydrog ? ? A DA 16 N6 ? ? ? 1_555 D DT 7 O4 ? ? A DA 16 D DT 7   1_555 ? ? ? ? ? ? WATSON-CRICK ?     ? ? 
hydrog35 hydrog ? ? A DC 17 N3 ? ? ? 1_555 D DG 6 N1 ? ? A DC 17 D DG 6   1_555 ? ? ? ? ? ? WATSON-CRICK ?     ? ? 
hydrog36 hydrog ? ? A DC 17 N4 ? ? ? 1_555 D DG 6 O6 ? ? A DC 17 D DG 6   1_555 ? ? ? ? ? ? WATSON-CRICK ?     ? ? 
hydrog37 hydrog ? ? A DC 17 O2 ? ? ? 1_555 D DG 6 N2 ? ? A DC 17 D DG 6   1_555 ? ? ? ? ? ? WATSON-CRICK ?     ? ? 
hydrog38 hydrog ? ? A DA 18 N1 ? ? ? 1_555 D DT 5 N3 ? ? A DA 18 D DT 5   1_555 ? ? ? ? ? ? WATSON-CRICK ?     ? ? 
hydrog39 hydrog ? ? A DA 18 N6 ? ? ? 1_555 D DT 5 O4 ? ? A DA 18 D DT 5   1_555 ? ? ? ? ? ? WATSON-CRICK ?     ? ? 
hydrog40 hydrog ? ? A DT 19 N3 ? ? ? 1_555 D DA 4 N1 ? ? A DT 19 D DA 4   1_555 ? ? ? ? ? ? WATSON-CRICK ?     ? ? 
hydrog41 hydrog ? ? A DT 19 O4 ? ? ? 1_555 D DA 4 N6 ? ? A DT 19 D DA 4   1_555 ? ? ? ? ? ? WATSON-CRICK ?     ? ? 
hydrog42 hydrog ? ? A DC 20 N3 ? ? ? 1_555 D DG 3 N1 ? ? A DC 20 D DG 3   1_555 ? ? ? ? ? ? WATSON-CRICK ?     ? ? 
hydrog43 hydrog ? ? A DC 20 N4 ? ? ? 1_555 D DG 3 O6 ? ? A DC 20 D DG 3   1_555 ? ? ? ? ? ? WATSON-CRICK ?     ? ? 
hydrog44 hydrog ? ? A DC 20 O2 ? ? ? 1_555 D DG 3 N2 ? ? A DC 20 D DG 3   1_555 ? ? ? ? ? ? WATSON-CRICK ?     ? ? 
hydrog45 hydrog ? ? A DA 21 N1 ? ? ? 1_555 D DT 2 N3 ? ? A DA 21 D DT 2   1_555 ? ? ? ? ? ? WATSON-CRICK ?     ? ? 
hydrog46 hydrog ? ? A DA 21 N6 ? ? ? 1_555 D DT 2 O4 ? ? A DA 21 D DT 2   1_555 ? ? ? ? ? ? WATSON-CRICK ?     ? ? 
# 
loop_
_struct_conn_type.id 
_struct_conn_type.criteria 
_struct_conn_type.reference 
metalc ? ? 
hydrog ? ? 
# 
_atom_sites.entry_id                    7SLK 
_atom_sites.Cartn_transf_matrix[1][1]   ? 
_atom_sites.Cartn_transf_matrix[1][2]   ? 
_atom_sites.Cartn_transf_matrix[1][3]   ? 
_atom_sites.Cartn_transf_matrix[2][1]   ? 
_atom_sites.Cartn_transf_matrix[2][2]   ? 
_atom_sites.Cartn_transf_matrix[2][3]   ? 
_atom_sites.Cartn_transf_matrix[3][1]   ? 
_atom_sites.Cartn_transf_matrix[3][2]   ? 
_atom_sites.Cartn_transf_matrix[3][3]   ? 
_atom_sites.Cartn_transf_vector[1]      ? 
_atom_sites.Cartn_transf_vector[2]      ? 
_atom_sites.Cartn_transf_vector[3]      ? 
_atom_sites.fract_transf_matrix[1][1]   -0.00372462 
_atom_sites.fract_transf_matrix[1][2]   -0.00585693 
_atom_sites.fract_transf_matrix[1][3]   -0.00843785 
_atom_sites.fract_transf_matrix[2][1]   -0.00069203 
_atom_sites.fract_transf_matrix[2][2]   0.00453496 
_atom_sites.fract_transf_matrix[2][3]   -0.00991628 
_atom_sites.fract_transf_matrix[3][1]   0.01001449 
_atom_sites.fract_transf_matrix[3][2]   -0.00323218 
_atom_sites.fract_transf_matrix[3][3]   -0.00217704 
_atom_sites.fract_transf_vector[1]      0.148491 
_atom_sites.fract_transf_vector[2]      0.126637 
_atom_sites.fract_transf_vector[3]      -0.237812 
_atom_sites.solution_primary            ? 
_atom_sites.solution_secondary          ? 
_atom_sites.solution_hydrogens          ? 
_atom_sites.special_details             ? 
# 
loop_
_atom_type.symbol 
_atom_type.scat_dispersion_real 
_atom_type.scat_dispersion_imag 
_atom_type.scat_Cromer_Mann_a1 
_atom_type.scat_Cromer_Mann_a2 
_atom_type.scat_Cromer_Mann_a3 
_atom_type.scat_Cromer_Mann_a4 
_atom_type.scat_Cromer_Mann_b1 
_atom_type.scat_Cromer_Mann_b2 
_atom_type.scat_Cromer_Mann_b3 
_atom_type.scat_Cromer_Mann_b4 
_atom_type.scat_Cromer_Mann_c 
_atom_type.scat_source 
_atom_type.scat_dispersion_source 
AG ? ? 46.70359 ? ? ? 5.43095  ? ? ? 0.0 
;1-Gaussian fit: Grosse-Kunstleve RW, Sauter NK, Adams PD: Newsletter of the IUCr Commission on Crystallographic Computing 2004, 3, 22-31.
;
? 
C  ? ? 5.96793  ? ? ? 14.89577 ? ? ? 0.0 
;1-Gaussian fit: Grosse-Kunstleve RW, Sauter NK, Adams PD: Newsletter of the IUCr Commission on Crystallographic Computing 2004, 3, 22-31.
;
? 
N  ? ? 6.96715  ? ? ? 11.43723 ? ? ? 0.0 
;1-Gaussian fit: Grosse-Kunstleve RW, Sauter NK, Adams PD: Newsletter of the IUCr Commission on Crystallographic Computing 2004, 3, 22-31.
;
? 
O  ? ? 7.96527  ? ? ? 9.05267  ? ? ? 0.0 
;1-Gaussian fit: Grosse-Kunstleve RW, Sauter NK, Adams PD: Newsletter of the IUCr Commission on Crystallographic Computing 2004, 3, 22-31.
;
? 
P  ? ? 14.90797 ? ? ? 11.91318 ? ? ? 0.0 
;1-Gaussian fit: Grosse-Kunstleve RW, Sauter NK, Adams PD: Newsletter of the IUCr Commission on Crystallographic Computing 2004, 3, 22-31.
;
? 
# 
loop_
_atom_site.group_PDB 
_atom_site.id 
_atom_site.type_symbol 
_atom_site.label_atom_id 
_atom_site.label_alt_id 
_atom_site.label_comp_id 
_atom_site.label_asym_id 
_atom_site.label_entity_id 
_atom_site.label_seq_id 
_atom_site.pdbx_PDB_ins_code 
_atom_site.Cartn_x 
_atom_site.Cartn_y 
_atom_site.Cartn_z 
_atom_site.occupancy 
_atom_site.B_iso_or_equiv 
_atom_site.pdbx_formal_charge 
_atom_site.auth_seq_id 
_atom_site.auth_comp_id 
_atom_site.auth_asym_id 
_atom_site.auth_atom_id 
_atom_site.pdbx_PDB_model_num 
ATOM   1   O  "O5'" . DG A 1 1  ? -19.18784 -21.20125 11.21048  1.000 370.40000 ? 1   DG A "O5'" 1 
ATOM   2   C  "C5'" . DG A 1 1  ? -18.95905 -21.99786 12.37221  1.000 279.31000 ? 1   DG A "C5'" 1 
ATOM   3   C  "C4'" . DG A 1 1  ? -19.04403 -23.47552 12.03636  1.000 239.53000 ? 1   DG A "C4'" 1 
ATOM   4   O  "O4'" . DG A 1 1  ? -20.27427 -23.73475 11.35007  1.000 245.04000 ? 1   DG A "O4'" 1 
ATOM   5   C  "C3'" . DG A 1 1  ? -17.97624 -23.97062 11.09015  1.000 254.46000 ? 1   DG A "C3'" 1 
ATOM   6   O  "O3'" . DG A 1 1  ? -16.86928 -24.37746 11.83514  1.000 270.72000 ? 1   DG A "O3'" 1 
ATOM   7   C  "C2'" . DG A 1 1  ? -18.64700 -25.15754 10.37658  1.000 241.30000 ? 1   DG A "C2'" 1 
ATOM   8   C  "C1'" . DG A 1 1  ? -20.15056 -24.92108 10.60313  1.000 240.10000 ? 1   DG A "C1'" 1 
ATOM   9   N  N9    . DG A 1 1  ? -20.96102 -24.76732 9.37910   1.000 242.90000 ? 1   DG A N9    1 
ATOM   10  C  C8    . DG A 1 1  ? -22.01369 -23.88597 9.20021   1.000 229.96000 ? 1   DG A C8    1 
ATOM   11  N  N7    . DG A 1 1  ? -22.57226 -23.95364 8.01926   1.000 178.64000 ? 1   DG A N7    1 
ATOM   12  C  C5    . DG A 1 1  ? -21.83643 -24.93519 7.35424   1.000 208.17000 ? 1   DG A C5    1 
ATOM   13  C  C6    . DG A 1 1  ? -21.97581 -25.44028 6.03231   1.000 218.74000 ? 1   DG A C6    1 
ATOM   14  O  O6    . DG A 1 1  ? -22.80166 -25.09716 5.16116   1.000 223.59000 ? 1   DG A O6    1 
ATOM   15  N  N1    . DG A 1 1  ? -21.02666 -26.44467 5.75737   1.000 234.69000 ? 1   DG A N1    1 
ATOM   16  C  C2    . DG A 1 1  ? -20.06520 -26.90142 6.64679   1.000 235.94000 ? 1   DG A C2    1 
ATOM   17  N  N2    . DG A 1 1  ? -19.23785 -27.87187 6.19853   1.000 257.10000 ? 1   DG A N2    1 
ATOM   18  N  N3    . DG A 1 1  ? -19.92715 -26.43706 7.89008   1.000 215.50000 ? 1   DG A N3    1 
ATOM   19  C  C4    . DG A 1 1  ? -20.84139 -25.45752 8.17788   1.000 221.10000 ? 1   DG A C4    1 
ATOM   20  P  P     . DA A 1 2  ? -15.39159 -24.07155 11.30462  1.000 264.83000 ? 2   DA A P     1 
ATOM   21  O  OP1   . DA A 1 2  ? -14.66589 -23.34882 12.36993  1.000 355.59000 ? 2   DA A OP1   1 
ATOM   22  O  OP2   . DA A 1 2  ? -15.50442 -23.42572 9.99428   1.000 234.91000 ? 2   DA A OP2   1 
ATOM   23  O  "O5'" . DA A 1 2  ? -14.77422 -25.52721 11.11692  1.000 256.05000 ? 2   DA A "O5'" 1 
ATOM   24  C  "C5'" . DA A 1 2  ? -13.57421 -25.70620 10.41895  1.000 271.27000 ? 2   DA A "C5'" 1 
ATOM   25  C  "C4'" . DA A 1 2  ? -13.86695 -26.09357 8.99439   1.000 264.41000 ? 2   DA A "C4'" 1 
ATOM   26  O  "O4'" . DA A 1 2  ? -15.24955 -25.71889 8.67792   1.000 212.55000 ? 2   DA A "O4'" 1 
ATOM   27  C  "C3'" . DA A 1 2  ? -12.98495 -25.37984 7.95498   1.000 240.20000 ? 2   DA A "C3'" 1 
ATOM   28  O  "O3'" . DA A 1 2  ? -12.41980 -26.31678 6.95778   1.000 216.84000 ? 2   DA A "O3'" 1 
ATOM   29  C  "C2'" . DA A 1 2  ? -13.96986 -24.39112 7.32467   1.000 275.76000 ? 2   DA A "C2'" 1 
ATOM   30  C  "C1'" . DA A 1 2  ? -15.23902 -25.21272 7.37731   1.000 271.55000 ? 2   DA A "C1'" 1 
ATOM   31  N  N9    . DA A 1 2  ? -16.46664 -24.47066 7.04023   1.000 262.58000 ? 2   DA A N9    1 
ATOM   32  C  C8    . DA A 1 2  ? -17.03828 -23.42191 7.71404   1.000 280.56000 ? 2   DA A C8    1 
ATOM   33  N  N7    . DA A 1 2  ? -18.12127 -22.93768 7.13463   1.000 231.12000 ? 2   DA A N7    1 
ATOM   34  C  C5    . DA A 1 2  ? -18.26503 -23.71946 5.98799   1.000 213.71000 ? 2   DA A C5    1 
ATOM   35  C  C6    . DA A 1 2  ? -19.22588 -23.72835 4.92975   1.000 211.92000 ? 2   DA A C6    1 
ATOM   36  N  N6    . DA A 1 2  ? -20.27217 -22.88638 4.85412   1.000 225.80000 ? 2   DA A N6    1 
ATOM   37  N  N1    . DA A 1 2  ? -19.06159 -24.64882 3.94428   1.000 214.41000 ? 2   DA A N1    1 
ATOM   38  C  C2    . DA A 1 2  ? -18.02232 -25.49470 4.00888   1.000 215.67000 ? 2   DA A C2    1 
ATOM   39  N  N3    . DA A 1 2  ? -17.06903 -25.58412 4.94059   1.000 237.26000 ? 2   DA A N3    1 
ATOM   40  C  C4    . DA A 1 2  ? -17.24796 -24.66101 5.91298   1.000 239.53000 ? 2   DA A C4    1 
ATOM   41  P  P     . DG A 1 3  ? -12.55749 -25.96211 5.38696   1.000 271.12000 ? 3   DG A P     1 
ATOM   42  O  OP1   . DG A 1 3  ? -11.99500 -24.62026 5.16826   1.000 227.18000 ? 3   DG A OP1   1 
ATOM   43  O  OP2   . DG A 1 3  ? -13.92079 -26.36410 4.98621   1.000 375.61000 ? 3   DG A OP2   1 
ATOM   44  O  "O5'" . DG A 1 3  ? -11.62069 -26.93871 4.55111   1.000 287.85000 ? 3   DG A "O5'" 1 
ATOM   45  C  "C5'" . DG A 1 3  ? -12.02678 -27.31682 3.18638   1.000 293.90000 ? 3   DG A "C5'" 1 
ATOM   46  C  "C4'" . DG A 1 3  ? -12.43057 -26.12380 2.25408   1.000 285.69000 ? 3   DG A "C4'" 1 
ATOM   47  O  "O4'" . DG A 1 3  ? -13.72436 -25.53629 2.59014   1.000 258.68000 ? 3   DG A "O4'" 1 
ATOM   48  C  "C3'" . DG A 1 3  ? -11.46612 -24.94089 2.15336   1.000 269.59000 ? 3   DG A "C3'" 1 
ATOM   49  O  "O3'" . DG A 1 3  ? -10.58022 -25.10826 1.02270   1.000 297.70000 ? 3   DG A "O3'" 1 
ATOM   50  C  "C2'" . DG A 1 3  ? -12.38988 -23.70553 2.00218   1.000 252.45000 ? 3   DG A "C2'" 1 
ATOM   51  C  "C1'" . DG A 1 3  ? -13.80430 -24.28107 1.93851   1.000 250.26000 ? 3   DG A "C1'" 1 
ATOM   52  N  N9    . DG A 1 3  ? -14.78146 -23.40812 2.61505   1.000 240.95000 ? 3   DG A N9    1 
ATOM   53  C  C8    . DG A 1 3  ? -14.71095 -22.96654 3.91698   1.000 219.23000 ? 3   DG A C8    1 
ATOM   54  N  N7    . DG A 1 3  ? -15.68619 -22.16833 4.26413   1.000 207.43000 ? 3   DG A N7    1 
ATOM   55  C  C5    . DG A 1 3  ? -16.45690 -22.04661 3.11663   1.000 237.57000 ? 3   DG A C5    1 
ATOM   56  C  C6    . DG A 1 3  ? -17.65009 -21.30057 2.89734   1.000 225.84000 ? 3   DG A C6    1 
ATOM   57  O  O6    . DG A 1 3  ? -18.27307 -20.57762 3.70962   1.000 193.80000 ? 3   DG A O6    1 
ATOM   58  N  N1    . DG A 1 3  ? -18.11643 -21.44883 1.58352   1.000 218.58000 ? 3   DG A N1    1 
ATOM   59  C  C2    . DG A 1 3  ? -17.50814 -22.21824 0.60394   1.000 216.79000 ? 3   DG A C2    1 
ATOM   60  N  N2    . DG A 1 3  ? -18.11128 -22.23013 -0.60217  1.000 184.03000 ? 3   DG A N2    1 
ATOM   61  N  N3    . DG A 1 3  ? -16.38366 -22.92699 0.79808   1.000 244.41000 ? 3   DG A N3    1 
ATOM   62  C  C4    . DG A 1 3  ? -15.91319 -22.79499 2.07345   1.000 252.80000 ? 3   DG A C4    1 
ATOM   63  P  P     . DC A 1 4  ? -10.76656 -24.25584 -0.33512  1.000 291.78000 ? 4   DC A P     1 
ATOM   64  O  OP1   . DC A 1 4  ? -12.14473 -24.46907 -0.83012  1.000 290.69000 ? 4   DC A OP1   1 
ATOM   65  O  OP2   . DC A 1 4  ? -9.65063  -24.60412 -1.23902  1.000 237.42000 ? 4   DC A OP2   1 
ATOM   66  O  "O5'" . DC A 1 4  ? -10.51306 -22.73929 0.11037   1.000 271.97000 ? 4   DC A "O5'" 1 
ATOM   67  C  "C5'" . DC A 1 4  ? -10.38045 -21.71728 -0.85759  1.000 265.66000 ? 4   DC A "C5'" 1 
ATOM   68  C  "C4'" . DC A 1 4  ? -11.59783 -21.65840 -1.75628  1.000 267.93000 ? 4   DC A "C4'" 1 
ATOM   69  O  "O4'" . DC A 1 4  ? -12.79699 -21.85104 -0.96650  1.000 215.24000 ? 4   DC A "O4'" 1 
ATOM   70  C  "C3'" . DC A 1 4  ? -11.80557 -20.33382 -2.45298  1.000 280.62000 ? 4   DC A "C3'" 1 
ATOM   71  O  "O3'" . DC A 1 4  ? -10.96798 -20.25133 -3.64592  1.000 288.35000 ? 4   DC A "O3'" 1 
ATOM   72  C  "C2'" . DC A 1 4  ? -13.30581 -20.36143 -2.75050  1.000 270.13000 ? 4   DC A "C2'" 1 
ATOM   73  C  "C1'" . DC A 1 4  ? -13.86928 -21.11728 -1.54153  1.000 236.70000 ? 4   DC A "C1'" 1 
ATOM   74  N  N1    . DC A 1 4  ? -14.49678 -20.25346 -0.46016  1.000 238.08000 ? 4   DC A N1    1 
ATOM   75  C  C2    . DC A 1 4  ? -15.65433 -19.48331 -0.72411  1.000 234.51000 ? 4   DC A C2    1 
ATOM   76  O  O2    . DC A 1 4  ? -16.14232 -19.48328 -1.86341  1.000 242.35000 ? 4   DC A O2    1 
ATOM   77  N  N3    . DC A 1 4  ? -16.20134 -18.74409 0.29133   1.000 226.33000 ? 4   DC A N3    1 
ATOM   78  C  C4    . DC A 1 4  ? -15.65093 -18.77272 1.51549   1.000 227.13000 ? 4   DC A C4    1 
ATOM   79  N  N4    . DC A 1 4  ? -16.19984 -18.02858 2.49796   1.000 234.44000 ? 4   DC A N4    1 
ATOM   80  C  C5    . DC A 1 4  ? -14.48558 -19.55333 1.79150   1.000 205.05000 ? 4   DC A C5    1 
ATOM   81  C  C6    . DC A 1 4  ? -13.95748 -20.27357 0.79269   1.000 221.29000 ? 4   DC A C6    1 
ATOM   82  P  P     . DA A 1 5  ? -11.45479 -20.78509 -5.08623  1.000 293.72000 ? 5   DA A P     1 
ATOM   83  O  OP1   . DA A 1 5  ? -12.07121 -22.12151 -4.94269  1.000 326.15000 ? 5   DA A OP1   1 
ATOM   84  O  OP2   . DA A 1 5  ? -10.30158 -20.65111 -5.99809  1.000 271.85000 ? 5   DA A OP2   1 
ATOM   85  O  "O5'" . DA A 1 5  ? -12.51605 -19.68804 -5.54475  1.000 243.80000 ? 5   DA A "O5'" 1 
ATOM   86  C  "C5'" . DA A 1 5  ? -13.22694 -19.82852 -6.74242  1.000 243.52000 ? 5   DA A "C5'" 1 
ATOM   87  C  "C4'" . DA A 1 5  ? -14.08106 -18.60302 -6.96558  1.000 252.56000 ? 5   DA A "C4'" 1 
ATOM   88  O  "O4'" . DA A 1 5  ? -14.66259 -18.19694 -5.69537  1.000 245.30000 ? 5   DA A "O4'" 1 
ATOM   89  C  "C3'" . DA A 1 5  ? -13.32242 -17.38249 -7.48317  1.000 276.60000 ? 5   DA A "C3'" 1 
ATOM   90  O  "O3'" . DA A 1 5  ? -14.16137 -16.63077 -8.38341  1.000 296.52000 ? 5   DA A "O3'" 1 
ATOM   91  C  "C2'" . DA A 1 5  ? -13.00652 -16.61342 -6.19972  1.000 271.99000 ? 5   DA A "C2'" 1 
ATOM   92  C  "C1'" . DA A 1 5  ? -14.25546 -16.87609 -5.37579  1.000 277.97000 ? 5   DA A "C1'" 1 
ATOM   93  N  N9    . DA A 1 5  ? -14.03577 -16.79662 -3.93210  1.000 282.82000 ? 5   DA A N9    1 
ATOM   94  C  C8    . DA A 1 5  ? -12.96712 -17.28631 -3.23530  1.000 277.77000 ? 5   DA A C8    1 
ATOM   95  N  N7    . DA A 1 5  ? -13.03885 -17.09091 -1.93940  1.000 266.67000 ? 5   DA A N7    1 
ATOM   96  C  C5    . DA A 1 5  ? -14.23605 -16.40899 -1.77345  1.000 271.09000 ? 5   DA A C5    1 
ATOM   97  C  C6    . DA A 1 5  ? -14.89375 -15.89850 -0.62989  1.000 239.60000 ? 5   DA A C6    1 
ATOM   98  N  N6    . DA A 1 5  ? -14.40205 -16.00649 0.61352   1.000 249.70000 ? 5   DA A N6    1 
ATOM   99  N  N1    . DA A 1 5  ? -16.07955 -15.26363 -0.81744  1.000 196.20000 ? 5   DA A N1    1 
ATOM   100 C  C2    . DA A 1 5  ? -16.56732 -15.15264 -2.06653  1.000 214.09000 ? 5   DA A C2    1 
ATOM   101 N  N3    . DA A 1 5  ? -16.04160 -15.59121 -3.21423  1.000 222.89000 ? 5   DA A N3    1 
ATOM   102 C  C4    . DA A 1 5  ? -14.86550 -16.21772 -2.99526  1.000 272.81000 ? 5   DA A C4    1 
ATOM   103 P  P     . DG A 1 6  ? -13.81732 -15.10607 -8.78485  1.000 304.31000 ? 6   DG A P     1 
ATOM   104 O  OP1   . DG A 1 6  ? -14.51743 -14.81431 -10.05667 1.000 289.60000 ? 6   DG A OP1   1 
ATOM   105 O  OP2   . DG A 1 6  ? -12.35491 -14.86764 -8.69039  1.000 244.54000 ? 6   DG A OP2   1 
ATOM   106 O  "O5'" . DG A 1 6  ? -14.52299 -14.25509 -7.63861  1.000 278.61000 ? 6   DG A "O5'" 1 
ATOM   107 C  "C5'" . DG A 1 6  ? -15.93039 -14.07661 -7.63702  1.000 239.54000 ? 6   DG A "C5'" 1 
ATOM   108 C  "C4'" . DG A 1 6  ? -16.24423 -12.76188 -6.98626  1.000 270.34000 ? 6   DG A "C4'" 1 
ATOM   109 O  "O4'" . DG A 1 6  ? -16.14703 -12.92022 -5.54656  1.000 289.01000 ? 6   DG A "O4'" 1 
ATOM   110 C  "C3'" . DG A 1 6  ? -15.25660 -11.66101 -7.36612  1.000 295.90000 ? 6   DG A "C3'" 1 
ATOM   111 O  "O3'" . DG A 1 6  ? -15.94081 -10.45655 -7.60186  1.000 304.82000 ? 6   DG A "O3'" 1 
ATOM   112 C  "C2'" . DG A 1 6  ? -14.32377 -11.57447 -6.15548  1.000 261.67000 ? 6   DG A "C2'" 1 
ATOM   113 C  "C1'" . DG A 1 6  ? -15.26015 -11.95924 -5.02516  1.000 284.23000 ? 6   DG A "C1'" 1 
ATOM   114 N  N9    . DG A 1 6  ? -14.57937 -12.50626 -3.84903  1.000 266.97000 ? 6   DG A N9    1 
ATOM   115 C  C8    . DG A 1 6  ? -13.49710 -13.36555 -3.81553  1.000 246.29000 ? 6   DG A C8    1 
ATOM   116 N  N7    . DG A 1 6  ? -13.10183 -13.65850 -2.59855  1.000 245.16000 ? 6   DG A N7    1 
ATOM   117 C  C5    . DG A 1 6  ? -13.98008 -12.94297 -1.77483  1.000 232.17000 ? 6   DG A C5    1 
ATOM   118 C  C6    . DG A 1 6  ? -14.05911 -12.84759 -0.34409  1.000 200.38000 ? 6   DG A C6    1 
ATOM   119 O  O6    . DG A 1 6  ? -13.35108 -13.40808 0.51658   1.000 198.39000 ? 6   DG A O6    1 
ATOM   120 N  N1    . DG A 1 6  ? -15.11128 -11.99977 0.06510   1.000 187.92000 ? 6   DG A N1    1 
ATOM   121 C  C2    . DG A 1 6  ? -15.96627 -11.32492 -0.79143  1.000 205.31000 ? 6   DG A C2    1 
ATOM   122 N  N2    . DG A 1 6  ? -16.91738 -10.54696 -0.22341  1.000 209.99000 ? 6   DG A N2    1 
ATOM   123 N  N3    . DG A 1 6  ? -15.89762 -11.40902 -2.11963  1.000 219.72000 ? 6   DG A N3    1 
ATOM   124 C  C4    . DG A 1 6  ? -14.88817 -12.22796 -2.53713  1.000 247.17000 ? 6   DG A C4    1 
ATOM   125 P  P     . DC A 1 7  ? -15.11887 -9.14932  -8.02367  1.000 277.22000 ? 7   DC A P     1 
ATOM   126 O  OP1   . DC A 1 7  ? -15.96622 -8.36112  -8.94869  1.000 262.41000 ? 7   DC A OP1   1 
ATOM   127 O  OP2   . DC A 1 7  ? -13.76059 -9.59989  -8.41086  1.000 258.85000 ? 7   DC A OP2   1 
ATOM   128 O  "O5'" . DC A 1 7  ? -15.01271 -8.33227  -6.66142  1.000 248.29000 ? 7   DC A "O5'" 1 
ATOM   129 C  "C5'" . DC A 1 7  ? -16.16880 -8.19507  -5.85839  1.000 241.74000 ? 7   DC A "C5'" 1 
ATOM   130 C  "C4'" . DC A 1 7  ? -15.82601 -7.68984  -4.47076  1.000 236.86000 ? 7   DC A "C4'" 1 
ATOM   131 O  "O4'" . DC A 1 7  ? -15.13231 -8.70911  -3.71085  1.000 239.50000 ? 7   DC A "O4'" 1 
ATOM   132 C  "C3'" . DC A 1 7  ? -14.91871 -6.45419  -4.42521  1.000 241.90000 ? 7   DC A "C3'" 1 
ATOM   133 O  "O3'" . DC A 1 7  ? -15.50633 -5.49659  -3.62709  1.000 251.61000 ? 7   DC A "O3'" 1 
ATOM   134 C  "C2'" . DC A 1 7  ? -13.64214 -6.97063  -3.77341  1.000 229.01000 ? 7   DC A "C2'" 1 
ATOM   135 C  "C1'" . DC A 1 7  ? -14.23517 -8.03191  -2.88511  1.000 236.59000 ? 7   DC A "C1'" 1 
ATOM   136 N  N1    . DC A 1 7  ? -13.24534 -8.96631  -2.25708  1.000 225.93000 ? 7   DC A N1    1 
ATOM   137 C  C2    . DC A 1 7  ? -13.03781 -8.83602  -0.89278  1.000 210.23000 ? 7   DC A C2    1 
ATOM   138 O  O2    . DC A 1 7  ? -13.69997 -7.96328  -0.28558  1.000 189.97000 ? 7   DC A O2    1 
ATOM   139 N  N3    . DC A 1 7  ? -12.14178 -9.65631  -0.26777  1.000 217.47000 ? 7   DC A N3    1 
ATOM   140 C  C4    . DC A 1 7  ? -11.45866 -10.57620 -0.97917  1.000 227.89000 ? 7   DC A C4    1 
ATOM   141 N  N4    . DC A 1 7  ? -10.59288 -11.36045 -0.31259  1.000 270.32000 ? 7   DC A N4    1 
ATOM   142 C  C5    . DC A 1 7  ? -11.65555 -10.72985 -2.39632  1.000 217.48000 ? 7   DC A C5    1 
ATOM   143 C  C6    . DC A 1 7  ? -12.55054 -9.90710  -2.99319  1.000 231.29000 ? 7   DC A C6    1 
ATOM   144 P  P     . DC A 1 8  ? -15.25957 -3.96050  -3.96299  1.000 284.11000 ? 8   DC A P     1 
ATOM   145 O  OP1   . DC A 1 8  ? -16.24225 -3.54032  -4.97829  1.000 273.53000 ? 8   DC A OP1   1 
ATOM   146 O  OP2   . DC A 1 8  ? -13.81626 -3.80171  -4.21026  1.000 281.02000 ? 8   DC A OP2   1 
ATOM   147 O  "O5'" . DC A 1 8  ? -15.54174 -3.22969  -2.59925  1.000 224.20000 ? 8   DC A "O5'" 1 
ATOM   148 C  "C5'" . DC A 1 8  ? -14.47018 -2.80504  -1.86260  1.000 216.93000 ? 8   DC A "C5'" 1 
ATOM   149 C  "C4'" . DC A 1 8  ? -14.74517 -2.97144  -0.40123  1.000 222.15000 ? 8   DC A "C4'" 1 
ATOM   150 O  "O4'" . DC A 1 8  ? -14.72088 -4.37893  -0.04728  1.000 237.24000 ? 8   DC A "O4'" 1 
ATOM   151 C  "C3'" . DC A 1 8  ? -13.73839 -2.26986  0.48409   1.000 243.82000 ? 8   DC A "C3'" 1 
ATOM   152 O  "O3'" . DC A 1 8  ? -14.27239 -0.95298  0.77996   1.000 265.47000 ? 8   DC A "O3'" 1 
ATOM   153 C  "C2'" . DC A 1 8  ? -13.63363 -3.20403  1.69445   1.000 236.38000 ? 8   DC A "C2'" 1 
ATOM   154 C  "C1'" . DC A 1 8  ? -13.88602 -4.58105  1.07088   1.000 258.54000 ? 8   DC A "C1'" 1 
ATOM   155 N  N1    . DC A 1 8  ? -12.65625 -5.30398  0.59100   1.000 246.60000 ? 8   DC A N1    1 
ATOM   156 C  C2    . DC A 1 8  ? -11.76762 -5.89058  1.51450   1.000 231.63000 ? 8   DC A C2    1 
ATOM   157 O  O2    . DC A 1 8  ? -11.98790 -5.78233  2.73160   1.000 243.01000 ? 8   DC A O2    1 
ATOM   158 N  N3    . DC A 1 8  ? -10.66698 -6.55783  1.03745   1.000 208.27000 ? 8   DC A N3    1 
ATOM   159 C  C4    . DC A 1 8  ? -10.45146 -6.66465  -0.28004  1.000 211.88000 ? 8   DC A C4    1 
ATOM   160 N  N4    . DC A 1 8  ? -9.35712  -7.34149  -0.68726  1.000 229.56000 ? 8   DC A N4    1 
ATOM   161 C  C5    . DC A 1 8  ? -11.35231 -6.08265  -1.23379  1.000 203.14000 ? 8   DC A C5    1 
ATOM   162 C  C6    . DC A 1 8  ? -12.42791 -5.42412  -0.76024  1.000 211.25000 ? 8   DC A C6    1 
ATOM   163 P  P     . DT A 1 9  ? -13.99307 -0.15763  2.14978   1.000 284.88000 ? 9   DT A P     1 
ATOM   164 O  OP1   . DT A 1 9  ? -14.48032 -0.93565  3.31469   1.000 259.23000 ? 9   DT A OP1   1 
ATOM   165 O  OP2   . DT A 1 9  ? -14.57288 1.18640   1.98745   1.000 308.68000 ? 9   DT A OP2   1 
ATOM   166 O  "O5'" . DT A 1 9  ? -12.43018 0.11001   2.12601   1.000 266.98000 ? 9   DT A "O5'" 1 
ATOM   167 C  "C5'" . DT A 1 9  ? -11.88207 1.05133   3.01590   1.000 267.16000 ? 9   DT A "C5'" 1 
ATOM   168 C  "C4'" . DT A 1 9  ? -12.14874 0.64304   4.46017   1.000 251.64000 ? 9   DT A "C4'" 1 
ATOM   169 O  "O4'" . DT A 1 9  ? -12.24897 -0.80329  4.58869   1.000 266.87000 ? 9   DT A "O4'" 1 
ATOM   170 C  "C3'" . DT A 1 9  ? -11.10681 1.11137   5.45590   1.000 249.68000 ? 9   DT A "C3'" 1 
ATOM   171 O  "O3'" . DT A 1 9  ? -11.74180 2.02023   6.33222   1.000 249.13000 ? 9   DT A "O3'" 1 
ATOM   172 C  "C2'" . DT A 1 9  ? -10.62555 -0.16980  6.18064   1.000 240.33000 ? 9   DT A "C2'" 1 
ATOM   173 C  "C1'" . DT A 1 9  ? -11.16617 -1.31826  5.32414   1.000 243.97000 ? 9   DT A "C1'" 1 
ATOM   174 N  N1    . DT A 1 9  ? -10.16995 -1.93009  4.33954   1.000 235.43000 ? 9   DT A N1    1 
ATOM   175 C  C2    . DT A 1 9  ? -9.09262  -2.65304  4.79577   1.000 231.49000 ? 9   DT A C2    1 
ATOM   176 O  O2    . DT A 1 9  ? -8.85019  -2.81918  5.98144   1.000 271.94000 ? 9   DT A O2    1 
ATOM   177 N  N3    . DT A 1 9  ? -8.27658  -3.14447  3.78344   1.000 212.10000 ? 9   DT A N3    1 
ATOM   178 C  C4    . DT A 1 9  ? -8.45023  -3.03016  2.41182   1.000 199.97000 ? 9   DT A C4    1 
ATOM   179 O  O4    . DT A 1 9  ? -7.66741  -3.52010  1.59357   1.000 177.23000 ? 9   DT A O4    1 
ATOM   180 C  C5    . DT A 1 9  ? -9.60556  -2.27446  2.01158   1.000 218.94000 ? 9   DT A C5    1 
ATOM   181 C  C7    . DT A 1 9  ? -9.90871  -2.05645  0.55600   1.000 223.44000 ? 9   DT A C7    1 
ATOM   182 C  C6    . DT A 1 9  ? -10.39843 -1.78827  2.97769   1.000 242.34000 ? 9   DT A C6    1 
ATOM   183 P  P     . DG A 1 10 ? -10.89951 3.03359   7.24669   1.000 278.01000 ? 10  DG A P     1 
ATOM   184 O  OP1   . DG A 1 10 ? -10.90483 2.40194   8.58387   1.000 238.80000 ? 10  DG A OP1   1 
ATOM   185 O  OP2   . DG A 1 10 ? -11.47552 4.38667   7.09113   1.000 383.30000 ? 10  DG A OP2   1 
ATOM   186 O  "O5'" . DG A 1 10 ? -9.43832  3.08376   6.57762   1.000 242.66000 ? 10  DG A "O5'" 1 
ATOM   187 C  "C5'" . DG A 1 10 ? -8.32719  3.61062   7.31676   1.000 262.84000 ? 10  DG A "C5'" 1 
ATOM   188 C  "C4'" . DG A 1 10 ? -7.96775  2.65129   8.42572   1.000 224.44000 ? 10  DG A "C4'" 1 
ATOM   189 O  "O4'" . DG A 1 10 ? -8.14661  1.31616   7.93800   1.000 230.54000 ? 10  DG A "O4'" 1 
ATOM   190 C  "C3'" . DG A 1 10 ? -6.55099  2.74023   8.97644   1.000 232.36000 ? 10  DG A "C3'" 1 
ATOM   191 O  "O3'" . DG A 1 10 ? -6.59379  2.62569   10.38659  1.000 258.59000 ? 10  DG A "O3'" 1 
ATOM   192 C  "C2'" . DG A 1 10 ? -5.81837  1.55477   8.34844   1.000 225.45000 ? 10  DG A "C2'" 1 
ATOM   193 C  "C1'" . DG A 1 10 ? -6.91262  0.73919   7.67331   1.000 235.59000 ? 10  DG A "C1'" 1 
ATOM   194 N  N9    . DG A 1 10 ? -6.73988  0.56248   6.23596   1.000 208.92000 ? 10  DG A N9    1 
ATOM   195 C  C8    . DG A 1 10 ? -7.45424  1.09191   5.18140   1.000 202.97000 ? 10  DG A C8    1 
ATOM   196 N  N7    . DG A 1 10 ? -7.01729  0.68191   4.01155   1.000 193.00000 ? 10  DG A N7    1 
ATOM   197 C  C5    . DG A 1 10 ? -5.97449  -0.16605  4.33922   1.000 202.75000 ? 10  DG A C5    1 
ATOM   198 C  C6    . DG A 1 10 ? -5.09263  -0.92321  3.53409   1.000 206.57000 ? 10  DG A C6    1 
ATOM   199 O  O6    . DG A 1 10 ? -5.05230  -1.03795  2.29617   1.000 234.36000 ? 10  DG A O6    1 
ATOM   200 N  N1    . DG A 1 10 ? -4.18612  -1.64424  4.32441   1.000 203.66000 ? 10  DG A N1    1 
ATOM   201 C  C2    . DG A 1 10 ? -4.14187  -1.60425  5.70978   1.000 208.75000 ? 10  DG A C2    1 
ATOM   202 N  N2    . DG A 1 10 ? -3.21379  -2.33477  6.32730   1.000 231.95000 ? 10  DG A N2    1 
ATOM   203 N  N3    . DG A 1 10 ? -4.94681  -0.90628  6.43994   1.000 178.24000 ? 10  DG A N3    1 
ATOM   204 C  C4    . DG A 1 10 ? -5.81971  -0.22694  5.71130   1.000 194.38000 ? 10  DG A C4    1 
ATOM   205 P  P     . DT A 1 11 ? -6.33259  3.91038   11.31261  1.000 250.85000 ? 11  DT A P     1 
ATOM   206 O  OP1   . DT A 1 11 ? -7.42311  4.10940   12.29663  1.000 273.65000 ? 11  DT A OP1   1 
ATOM   207 O  OP2   . DT A 1 11 ? -5.94790  4.99772   10.39132  1.000 201.63000 ? 11  DT A OP2   1 
ATOM   208 O  "O5'" . DT A 1 11 ? -5.01612  3.53435   12.09059  1.000 319.24000 ? 11  DT A "O5'" 1 
ATOM   209 C  "C5'" . DT A 1 11 ? -3.85493  4.05783   11.63476  1.000 305.40000 ? 11  DT A "C5'" 1 
ATOM   210 C  "C4'" . DT A 1 11 ? -2.92956  2.99451   11.12447  1.000 267.06000 ? 11  DT A "C4'" 1 
ATOM   211 O  "O4'" . DT A 1 11 ? -3.36909  2.48264   9.81412   1.000 212.07000 ? 11  DT A "O4'" 1 
ATOM   212 C  "C3'" . DT A 1 11 ? -1.54213  3.55917   10.90477  1.000 224.40000 ? 11  DT A "C3'" 1 
ATOM   213 O  "O3'" . DT A 1 11 ? -0.54243  2.84086   11.66329  1.000 228.44000 ? 11  DT A "O3'" 1 
ATOM   214 C  "C2'" . DT A 1 11 ? -1.36214  3.45295   9.38409   1.000 225.91000 ? 11  DT A "C2'" 1 
ATOM   215 C  "C1'" . DT A 1 11 ? -2.20635  2.25583   9.06919   1.000 238.77000 ? 11  DT A "C1'" 1 
ATOM   216 N  N1    . DT A 1 11 ? -2.48370  2.05181   7.57733   1.000 240.49000 ? 11  DT A N1    1 
ATOM   217 C  C2    . DT A 1 11 ? -1.79144  1.06881   6.92713   1.000 208.66000 ? 11  DT A C2    1 
ATOM   218 O  O2    . DT A 1 11 ? -0.99226  0.35050   7.48522   1.000 274.98000 ? 11  DT A O2    1 
ATOM   219 N  N3    . DT A 1 11 ? -2.06816  0.94912   5.59026   1.000 171.88000 ? 11  DT A N3    1 
ATOM   220 C  C4    . DT A 1 11 ? -2.95732  1.70452   4.84459   1.000 177.15000 ? 11  DT A C4    1 
ATOM   221 O  O4    . DT A 1 11 ? -3.15310  1.51637   3.64802   1.000 165.00000 ? 11  DT A O4    1 
ATOM   222 C  C5    . DT A 1 11 ? -3.64383  2.72870   5.56437   1.000 202.50000 ? 11  DT A C5    1 
ATOM   223 C  C7    . DT A 1 11 ? -4.62681  3.60501   4.83465   1.000 203.94000 ? 11  DT A C7    1 
ATOM   224 C  C6    . DT A 1 11 ? -3.36764  2.87158   6.88697   1.000 225.03000 ? 11  DT A C6    1 
ATOM   225 P  P     . DU A 1 12 ? 0.83955   2.52264   10.93433  1.000 220.38000 ? 12  DU A P     1 
ATOM   226 O  OP1   . DU A 1 12 ? 1.33124   3.75970   10.24300  1.000 219.24000 ? 12  DU A OP1   1 
ATOM   227 O  OP2   . DU A 1 12 ? 0.49024   1.30139   10.12659  1.000 288.69000 ? 12  DU A OP2   1 
ATOM   228 O  "O5'" . DU A 1 12 ? 1.99933   2.18513   12.03220  1.000 308.92000 ? 12  DU A "O5'" 1 
ATOM   229 C  "C5'" . DU A 1 12 ? 3.29481   2.37459   11.48702  1.000 245.20000 ? 12  DU A "C5'" 1 
ATOM   230 C  "C4'" . DU A 1 12 ? 3.65455   1.77222   10.20228  1.000 229.66000 ? 12  DU A "C4'" 1 
ATOM   231 O  "O4'" . DU A 1 12 ? 2.64194   1.47136   9.14327   1.000 204.66000 ? 12  DU A "O4'" 1 
ATOM   232 C  "C3'" . DU A 1 12 ? 4.62831   2.76535   9.41128   1.000 213.66000 ? 12  DU A "C3'" 1 
ATOM   233 O  "O3'" . DU A 1 12 ? 6.06491   2.31141   9.71601   1.000 215.65000 ? 12  DU A "O3'" 1 
ATOM   234 C  "C2'" . DU A 1 12 ? 4.33344   2.75161   8.19615   1.000 207.05000 ? 12  DU A "C2'" 1 
ATOM   235 C  "C1'" . DU A 1 12 ? 3.12362   1.67828   7.93690   1.000 182.88000 ? 12  DU A "C1'" 1 
ATOM   236 N  N1    . DU A 1 12 ? 2.12806   2.12792   6.93753   1.000 137.27000 ? 12  DU A N1    1 
ATOM   237 C  C2    . DU A 1 12 ? 2.15898   1.61996   5.54823   1.000 137.27000 ? 12  DU A C2    1 
ATOM   238 O  O2    . DU A 1 12 ? 3.00297   0.84990   5.33990   1.000 137.27000 ? 12  DU A O2    1 
ATOM   239 N  N3    . DU A 1 12 ? 1.21239   2.00954   4.44520   1.000 137.27000 ? 12  DU A N3    1 
ATOM   240 C  C4    . DU A 1 12 ? 0.17685   2.98176   4.72723   1.000 137.27000 ? 12  DU A C4    1 
ATOM   241 O  O4    . DU A 1 12 ? -0.59346  3.34883   3.92311   1.000 137.27000 ? 12  DU A O4    1 
ATOM   242 C  C5    . DU A 1 12 ? 0.09907   3.53694   6.09840   1.000 137.27000 ? 12  DU A C5    1 
ATOM   243 C  C6    . DU A 1 12 ? 1.07534   3.10136   7.17311   1.000 137.27000 ? 12  DU A C6    1 
ATOM   244 P  P     . DT A 1 13 ? 6.69353   0.98738   9.02360   1.000 242.33000 ? 13  DT A P     1 
ATOM   245 O  OP1   . DT A 1 13 ? 5.73335   -0.14771  9.00897   1.000 252.68000 ? 13  DT A OP1   1 
ATOM   246 O  OP2   . DT A 1 13 ? 8.03753   0.80248   9.62824   1.000 242.53000 ? 13  DT A OP2   1 
ATOM   247 O  "O5'" . DT A 1 13 ? 6.93977   1.42507   7.51091   1.000 244.21000 ? 13  DT A "O5'" 1 
ATOM   248 C  "C5'" . DT A 1 13 ? 6.39692   0.70049   6.43880   1.000 218.49000 ? 13  DT A "C5'" 1 
ATOM   249 C  "C4'" . DT A 1 13 ? 7.21485   1.00555   5.22166   1.000 209.28000 ? 13  DT A "C4'" 1 
ATOM   250 O  "O4'" . DT A 1 13 ? 6.39073   1.57563   4.18721   1.000 243.19000 ? 13  DT A "O4'" 1 
ATOM   251 C  "C3'" . DT A 1 13 ? 8.27019   2.05180   5.48172   1.000 187.80000 ? 13  DT A "C3'" 1 
ATOM   252 O  "O3'" . DT A 1 13 ? 9.25472   1.91778   4.57085   1.000 210.07000 ? 13  DT A "O3'" 1 
ATOM   253 C  "C2'" . DT A 1 13 ? 7.51218   3.33146   5.23835   1.000 232.34000 ? 13  DT A "C2'" 1 
ATOM   254 C  "C1'" . DT A 1 13 ? 6.73792   2.94061   4.00455   1.000 219.95000 ? 13  DT A "C1'" 1 
ATOM   255 N  N1    . DT A 1 13 ? 5.50475   3.67669   3.86831   1.000 137.27000 ? 13  DT A N1    1 
ATOM   256 C  C2    . DT A 1 13 ? 4.87192   3.71790   2.64327   1.000 137.27000 ? 13  DT A C2    1 
ATOM   257 O  O2    . DT A 1 13 ? 5.32874   3.18678   1.62743   1.000 137.27000 ? 13  DT A O2    1 
ATOM   258 N  N3    . DT A 1 13 ? 3.67429   4.43477   2.64592   1.000 137.27000 ? 13  DT A N3    1 
ATOM   259 C  C4    . DT A 1 13 ? 3.05444   5.05914   3.72037   1.000 137.27000 ? 13  DT A C4    1 
ATOM   260 O  O4    . DT A 1 13 ? 1.96543   5.67053   3.61973   1.000 137.27000 ? 13  DT A O4    1 
ATOM   261 C  C5    . DT A 1 13 ? 3.78159   4.96664   4.96579   1.000 137.27000 ? 13  DT A C5    1 
ATOM   262 C  C7    . DT A 1 13 ? 3.23064   5.61664   6.19107   1.000 137.27000 ? 13  DT A C7    1 
ATOM   263 C  C6    . DT A 1 13 ? 4.95192   4.28173   4.98077   1.000 137.27000 ? 13  DT A C6    1 
ATOM   264 P  P     . DG A 1 14 ? 10.51905  1.02621   4.93552   1.000 224.51000 ? 14  DG A P     1 
ATOM   265 O  OP1   . DG A 1 14 ? 10.04792  0.10710   5.99357   1.000 233.13000 ? 14  DG A OP1   1 
ATOM   266 O  OP2   . DG A 1 14 ? 11.68407  1.91862   5.18382   1.000 235.58000 ? 14  DG A OP2   1 
ATOM   267 O  "O5'" . DG A 1 14 ? 10.76786  0.21415   3.58373   1.000 241.66000 ? 14  DG A "O5'" 1 
ATOM   268 C  "C5'" . DG A 1 14 ? 11.89007  0.52650   2.77710   1.000 267.32000 ? 14  DG A "C5'" 1 
ATOM   269 C  "C4'" . DG A 1 14 ? 11.61909  0.25445   1.30463   1.000 254.61000 ? 14  DG A "C4'" 1 
ATOM   270 O  "O4'" . DG A 1 14 ? 10.36813  0.88190   0.89165   1.000 232.59000 ? 14  DG A "O4'" 1 
ATOM   271 C  "C3'" . DG A 1 14 ? 12.66260  0.83523   0.38111   1.000 207.81000 ? 14  DG A "C3'" 1 
ATOM   272 O  "O3'" . DG A 1 14 ? 12.68434  0.11169   -0.84989  1.000 210.26000 ? 14  DG A "O3'" 1 
ATOM   273 C  "C2'" . DG A 1 14 ? 12.16476  2.27265   0.22203   1.000 220.78000 ? 14  DG A "C2'" 1 
ATOM   274 C  "C1'" . DG A 1 14 ? 10.63637  2.13182   0.26814   1.000 208.50000 ? 14  DG A "C1'" 1 
ATOM   275 N  N9    . DG A 1 14 ? 9.96334   3.17318   1.06019   1.000 210.79000 ? 14  DG A N9    1 
ATOM   276 C  C8    . DG A 1 14 ? 10.22854  3.50450   2.36794   1.000 230.95000 ? 14  DG A C8    1 
ATOM   277 N  N7    . DG A 1 14 ? 9.46516   4.44812   2.83861   1.000 231.33000 ? 14  DG A N7    1 
ATOM   278 C  C5    . DG A 1 14 ? 8.63446   4.76357   1.78509   1.000 202.78000 ? 14  DG A C5    1 
ATOM   279 C  C6    . DG A 1 14 ? 7.61148   5.71156   1.71431   1.000 191.72000 ? 14  DG A C6    1 
ATOM   280 O  O6    . DG A 1 14 ? 7.22339   6.47380   2.60019   1.000 195.43000 ? 14  DG A O6    1 
ATOM   281 N  N1    . DG A 1 14 ? 7.00844   5.72247   0.46753   1.000 184.68000 ? 14  DG A N1    1 
ATOM   282 C  C2    . DG A 1 14 ? 7.35678   4.91038   -0.58104  1.000 194.94000 ? 14  DG A C2    1 
ATOM   283 N  N2    . DG A 1 14 ? 6.65783   5.06988   -1.70780  1.000 222.24000 ? 14  DG A N2    1 
ATOM   284 N  N3    . DG A 1 14 ? 8.32422   4.00810   -0.53250  1.000 211.75000 ? 14  DG A N3    1 
ATOM   285 C  C4    . DG A 1 14 ? 8.91669   3.98762   0.67711   1.000 202.25000 ? 14  DG A C4    1 
ATOM   286 P  P     . DG A 1 15 ? 13.28059  0.77553   -2.18477  1.000 240.76000 ? 15  DG A P     1 
ATOM   287 O  OP1   . DG A 1 15 ? 13.56267  -0.31632  -3.14621  1.000 259.47000 ? 15  DG A OP1   1 
ATOM   288 O  OP2   . DG A 1 15 ? 14.37881  1.69291   -1.78995  1.000 241.24000 ? 15  DG A OP2   1 
ATOM   289 O  "O5'" . DG A 1 15 ? 12.04821  1.63023   -2.74390  1.000 213.76000 ? 15  DG A "O5'" 1 
ATOM   290 C  "C5'" . DG A 1 15 ? 11.28879  1.16870   -3.84665  1.000 243.37000 ? 15  DG A "C5'" 1 
ATOM   291 C  "C4'" . DG A 1 15 ? 11.23951  2.24986   -4.89553  1.000 250.57000 ? 15  DG A "C4'" 1 
ATOM   292 O  "O4'" . DG A 1 15 ? 10.56843  3.40261   -4.33289  1.000 223.10000 ? 15  DG A "O4'" 1 
ATOM   293 C  "C3'" . DG A 1 15 ? 12.61918  2.70059   -5.36265  1.000 256.40000 ? 15  DG A "C3'" 1 
ATOM   294 O  "O3'" . DG A 1 15 ? 12.80829  2.48481   -6.79140  1.000 243.16000 ? 15  DG A "O3'" 1 
ATOM   295 C  "C2'" . DG A 1 15 ? 12.75403  4.17243   -4.95073  1.000 276.15000 ? 15  DG A "C2'" 1 
ATOM   296 C  "C1'" . DG A 1 15 ? 11.41974  4.52737   -4.28031  1.000 229.36000 ? 15  DG A "C1'" 1 
ATOM   297 N  N9    . DG A 1 15 ? 11.55364  4.98316   -2.88201  1.000 223.51000 ? 15  DG A N9    1 
ATOM   298 C  C8    . DG A 1 15 ? 12.45702  4.53581   -1.95642  1.000 234.77000 ? 15  DG A C8    1 
ATOM   299 N  N7    . DG A 1 15 ? 12.35188  5.12207   -0.78966  1.000 231.59000 ? 15  DG A N7    1 
ATOM   300 C  C5    . DG A 1 15 ? 11.31829  6.02296   -0.94567  1.000 201.53000 ? 15  DG A C5    1 
ATOM   301 C  C6    . DG A 1 15 ? 10.75588  6.94141   -0.02259  1.000 201.34000 ? 15  DG A C6    1 
ATOM   302 O  O6    . DG A 1 15 ? 11.06679  7.13447   1.16515   1.000 273.22000 ? 15  DG A O6    1 
ATOM   303 N  N1    . DG A 1 15 ? 9.72919   7.67339   -0.59649  1.000 206.15000 ? 15  DG A N1    1 
ATOM   304 C  C2    . DG A 1 15 ? 9.29405   7.54454   -1.89352  1.000 208.27000 ? 15  DG A C2    1 
ATOM   305 N  N2    . DG A 1 15 ? 8.28838   8.34137   -2.27020  1.000 224.08000 ? 15  DG A N2    1 
ATOM   306 N  N3    . DG A 1 15 ? 9.80789   6.69110   -2.76891  1.000 211.94000 ? 15  DG A N3    1 
ATOM   307 C  C4    . DG A 1 15 ? 10.81101  5.96418   -2.23162  1.000 216.34000 ? 15  DG A C4    1 
ATOM   308 P  P     . DA A 1 16 ? 11.66624  2.81351   -7.88230  1.000 239.20000 ? 16  DA A P     1 
ATOM   309 O  OP1   . DA A 1 16 ? 10.59960  1.79883   -7.83235  1.000 239.30000 ? 16  DA A OP1   1 
ATOM   310 O  OP2   . DA A 1 16 ? 12.36139  3.01699   -9.16886  1.000 247.99000 ? 16  DA A OP2   1 
ATOM   311 O  "O5'" . DA A 1 16 ? 11.08069  4.22777   -7.44345  1.000 266.48000 ? 16  DA A "O5'" 1 
ATOM   312 C  "C5'" . DA A 1 16 ? 9.70114   4.48814   -7.56980  1.000 255.23000 ? 16  DA A "C5'" 1 
ATOM   313 C  "C4'" . DA A 1 16 ? 9.44993   5.97614   -7.70332  1.000 274.61000 ? 16  DA A "C4'" 1 
ATOM   314 O  "O4'" . DA A 1 16 ? 9.72020   6.64179   -6.44563  1.000 254.25000 ? 16  DA A "O4'" 1 
ATOM   315 C  "C3'" . DA A 1 16 ? 10.29251  6.67989   -8.76472  1.000 264.61000 ? 16  DA A "C3'" 1 
ATOM   316 O  "O3'" . DA A 1 16 ? 9.41763   7.39540   -9.63971  1.000 271.49000 ? 16  DA A "O3'" 1 
ATOM   317 C  "C2'" . DA A 1 16 ? 11.23165  7.60105   -7.95360  1.000 232.96000 ? 16  DA A "C2'" 1 
ATOM   318 C  "C1'" . DA A 1 16 ? 10.43320  7.83580   -6.67655  1.000 248.40000 ? 16  DA A "C1'" 1 
ATOM   319 N  N9    . DA A 1 16 ? 11.23156  8.10379   -5.47280  1.000 258.95000 ? 16  DA A N9    1 
ATOM   320 C  C8    . DA A 1 16 ? 12.31011  7.40106   -5.01906  1.000 265.10000 ? 16  DA A C8    1 
ATOM   321 N  N7    . DA A 1 16 ? 12.79177  7.83347   -3.87549  1.000 206.20000 ? 16  DA A N7    1 
ATOM   322 C  C5    . DA A 1 16 ? 11.97369  8.90588   -3.55676  1.000 222.06000 ? 16  DA A C5    1 
ATOM   323 C  C6    . DA A 1 16 ? 11.96010  9.81386   -2.46995  1.000 242.43000 ? 16  DA A C6    1 
ATOM   324 N  N6    . DA A 1 16 ? 12.83261  9.76815   -1.45288  1.000 307.02000 ? 16  DA A N6    1 
ATOM   325 N  N1    . DA A 1 16 ? 10.99771  10.76707  -2.46373  1.000 209.78000 ? 16  DA A N1    1 
ATOM   326 C  C2    . DA A 1 16 ? 10.13371  10.80653  -3.48326  1.000 230.72000 ? 16  DA A C2    1 
ATOM   327 N  N3    . DA A 1 16 ? 10.04541  10.01413  -4.54745  1.000 232.18000 ? 16  DA A N3    1 
ATOM   328 C  C4    . DA A 1 16 ? 11.00159  9.07830   -4.52705  1.000 226.44000 ? 16  DA A C4    1 
ATOM   329 P  P     . DC A 1 17 ? 9.98615   8.32839   -10.81405 1.000 243.97000 ? 17  DC A P     1 
ATOM   330 O  OP1   . DC A 1 17 ? 8.97505   8.41187   -11.89116 1.000 263.29000 ? 17  DC A OP1   1 
ATOM   331 O  OP2   . DC A 1 17 ? 11.34046  7.84348   -11.15076 1.000 209.38000 ? 17  DC A OP2   1 
ATOM   332 O  "O5'" . DC A 1 17 ? 10.05870  9.75777   -10.10902 1.000 234.95000 ? 17  DC A "O5'" 1 
ATOM   333 C  "C5'" . DC A 1 17 ? 9.06231   10.10786  -9.14927  1.000 251.56000 ? 17  DC A "C5'" 1 
ATOM   334 C  "C4'" . DC A 1 17 ? 9.37181   11.44084  -8.50770  1.000 260.90000 ? 17  DC A "C4'" 1 
ATOM   335 O  "O4'" . DC A 1 17 ? 10.13160  11.24817  -7.28486  1.000 267.83000 ? 17  DC A "O4'" 1 
ATOM   336 C  "C3'" . DC A 1 17 ? 10.20742  12.38821  -9.37089  1.000 230.57000 ? 17  DC A "C3'" 1 
ATOM   337 O  "O3'" . DC A 1 17 ? 9.66371   13.68424  -9.28698  1.000 250.61000 ? 17  DC A "O3'" 1 
ATOM   338 C  "C2'" . DC A 1 17 ? 11.58033  12.32390  -8.70662  1.000 216.61000 ? 17  DC A "C2'" 1 
ATOM   339 C  "C1'" . DC A 1 17 ? 11.15149  12.21101  -7.26680  1.000 220.03000 ? 17  DC A "C1'" 1 
ATOM   340 N  N1    . DC A 1 17 ? 12.22551  11.79924  -6.32926  1.000 253.69000 ? 17  DC A N1    1 
ATOM   341 C  C2    . DC A 1 17 ? 12.37306  12.51298  -5.14468  1.000 276.13000 ? 17  DC A C2    1 
ATOM   342 O  O2    . DC A 1 17 ? 11.60003  13.45160  -4.92540  1.000 259.12000 ? 17  DC A O2    1 
ATOM   343 N  N3    . DC A 1 17 ? 13.34424  12.16040  -4.27887  1.000 254.58000 ? 17  DC A N3    1 
ATOM   344 C  C4    . DC A 1 17 ? 14.15362  11.13946  -4.57408  1.000 224.39000 ? 17  DC A C4    1 
ATOM   345 N  N4    . DC A 1 17 ? 15.09553  10.82541  -3.68352  1.000 267.45000 ? 17  DC A N4    1 
ATOM   346 C  C5    . DC A 1 17 ? 14.02415  10.39237  -5.78709  1.000 199.58000 ? 17  DC A C5    1 
ATOM   347 C  C6    . DC A 1 17 ? 13.05530  10.75707  -6.63207  1.000 229.73000 ? 17  DC A C6    1 
ATOM   348 P  P     . DA A 1 18 ? 10.02297  14.78910  -10.39122 1.000 260.87000 ? 18  DA A P     1 
ATOM   349 O  OP1   . DA A 1 18 ? 8.89936   14.82593  -11.34638 1.000 196.36000 ? 18  DA A OP1   1 
ATOM   350 O  OP2   . DA A 1 18 ? 11.39294  14.52367  -10.88019 1.000 226.34000 ? 18  DA A OP2   1 
ATOM   351 O  "O5'" . DA A 1 18 ? 10.02369  16.15704  -9.56501  1.000 222.88000 ? 18  DA A "O5'" 1 
ATOM   352 C  "C5'" . DA A 1 18 ? 8.84929   16.56230  -8.86861  1.000 206.91000 ? 18  DA A "C5'" 1 
ATOM   353 C  "C4'" . DA A 1 18 ? 9.19417   17.36676  -7.62334  1.000 222.66000 ? 18  DA A "C4'" 1 
ATOM   354 O  "O4'" . DA A 1 18 ? 10.04515  16.57939  -6.74688  1.000 220.72000 ? 18  DA A "O4'" 1 
ATOM   355 C  "C3'" . DA A 1 18 ? 9.95732   18.66638  -7.87220  1.000 256.14000 ? 18  DA A "C3'" 1 
ATOM   356 O  "O3'" . DA A 1 18 ? 9.58705   19.62748  -6.90064  1.000 270.14000 ? 18  DA A "O3'" 1 
ATOM   357 C  "C2'" . DA A 1 18 ? 11.40035  18.23311  -7.67562  1.000 251.72000 ? 18  DA A "C2'" 1 
ATOM   358 C  "C1'" . DA A 1 18 ? 11.24269  17.28767  -6.50220  1.000 235.01000 ? 18  DA A "C1'" 1 
ATOM   359 N  N9    . DA A 1 18 ? 12.33091  16.33193  -6.37914  1.000 219.43000 ? 18  DA A N9    1 
ATOM   360 C  C8    . DA A 1 18 ? 12.73812  15.41982  -7.31412  1.000 209.66000 ? 18  DA A C8    1 
ATOM   361 N  N7    . DA A 1 18 ? 13.75195  14.68197  -6.92612  1.000 203.69000 ? 18  DA A N7    1 
ATOM   362 C  C5    . DA A 1 18 ? 14.02898  15.14673  -5.64825  1.000 219.01000 ? 18  DA A C5    1 
ATOM   363 C  C6    . DA A 1 18 ? 14.99004  14.77535  -4.69420  1.000 239.91000 ? 18  DA A C6    1 
ATOM   364 N  N6    . DA A 1 18 ? 15.88828  13.81051  -4.89920  1.000 263.89000 ? 18  DA A N6    1 
ATOM   365 N  N1    . DA A 1 18 ? 14.99097  15.44011  -3.51680  1.000 229.99000 ? 18  DA A N1    1 
ATOM   366 C  C2    . DA A 1 18 ? 14.09376  16.41069  -3.32154  1.000 235.66000 ? 18  DA A C2    1 
ATOM   367 N  N3    . DA A 1 18 ? 13.13758  16.84171  -4.13693  1.000 215.86000 ? 18  DA A N3    1 
ATOM   368 C  C4    . DA A 1 18 ? 13.16084  16.16159  -5.29705  1.000 211.82000 ? 18  DA A C4    1 
ATOM   369 P  P     . DT A 1 19 ? 9.88944   21.18631  -7.14415  1.000 272.01000 ? 19  DT A P     1 
ATOM   370 O  OP1   . DT A 1 19 ? 8.71730   21.73150  -7.86784  1.000 208.64000 ? 19  DT A OP1   1 
ATOM   371 O  OP2   . DT A 1 19 ? 11.22684  21.34019  -7.75816  1.000 207.00000 ? 19  DT A OP2   1 
ATOM   372 O  "O5'" . DT A 1 19 ? 9.97398   21.78964  -5.66108  1.000 274.34000 ? 19  DT A "O5'" 1 
ATOM   373 C  "C5'" . DT A 1 19 ? 10.43977  20.97508  -4.58486  1.000 249.65000 ? 19  DT A "C5'" 1 
ATOM   374 C  "C4'" . DT A 1 19 ? 11.89284  21.27875  -4.23617  1.000 284.96000 ? 19  DT A "C4'" 1 
ATOM   375 O  "O4'" . DT A 1 19 ? 12.69931  20.10261  -4.45070  1.000 219.80000 ? 19  DT A "O4'" 1 
ATOM   376 C  "C3'" . DT A 1 19 ? 12.57152  22.38292  -5.06504  1.000 298.56000 ? 19  DT A "C3'" 1 
ATOM   377 O  "O3'" . DT A 1 19 ? 12.58658  23.65946  -4.36487  1.000 297.71000 ? 19  DT A "O3'" 1 
ATOM   378 C  "C2'" . DT A 1 19 ? 13.98684  21.85178  -5.34232  1.000 235.88000 ? 19  DT A "C2'" 1 
ATOM   379 C  "C1'" . DT A 1 19 ? 14.03041  20.53019  -4.57387  1.000 212.76000 ? 19  DT A "C1'" 1 
ATOM   380 N  N1    . DT A 1 19 ? 14.86015  19.47055  -5.25109  1.000 206.49000 ? 19  DT A N1    1 
ATOM   381 C  C2    . DT A 1 19 ? 15.89243  18.89873  -4.55307  1.000 230.94000 ? 19  DT A C2    1 
ATOM   382 O  O2    . DT A 1 19 ? 16.14502  19.18601  -3.39573  1.000 239.59000 ? 19  DT A O2    1 
ATOM   383 N  N3    . DT A 1 19 ? 16.61515  17.95818  -5.25227  1.000 223.19000 ? 19  DT A N3    1 
ATOM   384 C  C4    . DT A 1 19 ? 16.41799  17.55524  -6.56317  1.000 208.53000 ? 19  DT A C4    1 
ATOM   385 O  O4    . DT A 1 19 ? 17.12129  16.70514  -7.10522  1.000 209.34000 ? 19  DT A O4    1 
ATOM   386 C  C5    . DT A 1 19 ? 15.32495  18.20544  -7.24612  1.000 217.80000 ? 19  DT A C5    1 
ATOM   387 C  C7    . DT A 1 19 ? 15.01214  17.84925  -8.66791  1.000 250.69000 ? 19  DT A C7    1 
ATOM   388 C  C6    . DT A 1 19 ? 14.61086  19.12799  -6.56897  1.000 190.04000 ? 19  DT A C6    1 
ATOM   389 P  P     . DC A 1 20 ? 13.44775  23.92410  -3.02195  1.000 246.13000 ? 20  DC A P     1 
ATOM   390 O  OP1   . DC A 1 20 ? 13.35695  22.79887  -2.06863  1.000 230.39000 ? 20  DC A OP1   1 
ATOM   391 O  OP2   . DC A 1 20 ? 13.06646  25.28617  -2.60540  1.000 232.11000 ? 20  DC A OP2   1 
ATOM   392 O  "O5'" . DC A 1 20 ? 14.97160  24.03142  -3.48794  1.000 208.23000 ? 20  DC A "O5'" 1 
ATOM   393 C  "C5'" . DC A 1 20 ? 15.92194  24.78702  -2.69645  1.000 271.05000 ? 20  DC A "C5'" 1 
ATOM   394 C  "C4'" . DC A 1 20 ? 16.39105  24.02979  -1.44786  1.000 237.05000 ? 20  DC A "C4'" 1 
ATOM   395 O  "O4'" . DC A 1 20 ? 16.64501  22.64002  -1.75639  1.000 213.61000 ? 20  DC A "O4'" 1 
ATOM   396 C  "C3'" . DC A 1 20 ? 17.70532  24.51807  -0.87496  1.000 249.70000 ? 20  DC A "C3'" 1 
ATOM   397 O  "O3'" . DC A 1 20 ? 17.81434  24.11068  0.47268   1.000 239.73000 ? 20  DC A "O3'" 1 
ATOM   398 C  "C2'" . DC A 1 20 ? 18.71444  23.79422  -1.76052  1.000 213.01000 ? 20  DC A "C2'" 1 
ATOM   399 C  "C1'" . DC A 1 20 ? 18.03858  22.43911  -1.95462  1.000 223.40000 ? 20  DC A "C1'" 1 
ATOM   400 N  N1    . DC A 1 20 ? 18.20883  21.86792  -3.31697  1.000 221.79000 ? 20  DC A N1    1 
ATOM   401 C  C2    . DC A 1 20 ? 19.13560  20.84091  -3.55044  1.000 208.35000 ? 20  DC A C2    1 
ATOM   402 O  O2    . DC A 1 20 ? 19.83435  20.42908  -2.62116  1.000 225.50000 ? 20  DC A O2    1 
ATOM   403 N  N3    . DC A 1 20 ? 19.24437  20.32822  -4.81388  1.000 198.52000 ? 20  DC A N3    1 
ATOM   404 C  C4    . DC A 1 20 ? 18.47481  20.79672  -5.79851  1.000 208.08000 ? 20  DC A C4    1 
ATOM   405 N  N4    . DC A 1 20 ? 18.61227  20.26695  -7.02911  1.000 226.82000 ? 20  DC A N4    1 
ATOM   406 C  C5    . DC A 1 20 ? 17.52586  21.83644  -5.57032  1.000 209.87000 ? 20  DC A C5    1 
ATOM   407 C  C6    . DC A 1 20 ? 17.42591  22.32834  -4.33173  1.000 212.62000 ? 20  DC A C6    1 
ATOM   408 P  P     . DA A 1 21 ? 18.72924  24.94502  1.49312   1.000 275.69000 ? 21  DA A P     1 
ATOM   409 O  OP1   . DA A 1 21 ? 18.15148  24.85224  2.85102   1.000 272.25000 ? 21  DA A OP1   1 
ATOM   410 O  OP2   . DA A 1 21 ? 18.95193  26.28450  0.90386   1.000 284.90000 ? 21  DA A OP2   1 
ATOM   411 O  "O5'" . DA A 1 21 ? 20.11083  24.15462  1.46714   1.000 220.25000 ? 21  DA A "O5'" 1 
ATOM   412 C  "C5'" . DA A 1 21 ? 21.09793  24.51806  0.53310   1.000 215.49000 ? 21  DA A "C5'" 1 
ATOM   413 C  "C4'" . DA A 1 21 ? 22.23497  23.52520  0.52677   1.000 222.69000 ? 21  DA A "C4'" 1 
ATOM   414 O  "O4'" . DA A 1 21 ? 22.10138  22.67982  -0.64047  1.000 221.93000 ? 21  DA A "O4'" 1 
ATOM   415 C  "C3'" . DA A 1 21 ? 23.60095  24.16178  0.34803   1.000 255.96000 ? 21  DA A "C3'" 1 
ATOM   416 O  "O3'" . DA A 1 21 ? 24.61620  23.21121  0.66991   1.000 260.14000 ? 21  DA A "O3'" 1 
ATOM   417 C  "C2'" . DA A 1 21 ? 23.56145  24.40613  -1.13938  1.000 235.64000 ? 21  DA A "C2'" 1 
ATOM   418 C  "C1'" . DA A 1 21 ? 23.12963  23.02126  -1.54885  1.000 239.35000 ? 21  DA A "C1'" 1 
ATOM   419 N  N9    . DA A 1 21 ? 22.61432  22.89733  -2.88917  1.000 224.32000 ? 21  DA A N9    1 
ATOM   420 C  C8    . DA A 1 21 ? 21.61310  23.62098  -3.46948  1.000 191.11000 ? 21  DA A C8    1 
ATOM   421 N  N7    . DA A 1 21 ? 21.34119  23.24190  -4.69968  1.000 206.61000 ? 21  DA A N7    1 
ATOM   422 C  C5    . DA A 1 21 ? 22.22158  22.17611  -4.92510  1.000 236.17000 ? 21  DA A C5    1 
ATOM   423 C  C6    . DA A 1 21 ? 22.45115  21.31495  -6.04552  1.000 245.44000 ? 21  DA A C6    1 
ATOM   424 N  N6    . DA A 1 21 ? 21.77613  21.40319  -7.20158  1.000 225.17000 ? 21  DA A N6    1 
ATOM   425 N  N1    . DA A 1 21 ? 23.42031  20.36020  -5.92505  1.000 243.97000 ? 21  DA A N1    1 
ATOM   426 C  C2    . DA A 1 21 ? 24.09872  20.27913  -4.76530  1.000 226.81000 ? 21  DA A C2    1 
ATOM   427 N  N3    . DA A 1 21 ? 23.96547  21.02197  -3.65877  1.000 238.31000 ? 21  DA A N3    1 
ATOM   428 C  C4    . DA A 1 21 ? 22.99970  21.95535  -3.80866  1.000 245.73000 ? 21  DA A C4    1 
ATOM   429 P  P     . DC B 2 1  ? 3.38782   11.98517  3.72284   1.000 187.76000 ? 1   DC B P     1 
ATOM   430 O  OP1   . DC B 2 1  ? 3.17844   12.04071  5.17189   1.000 162.21000 ? 1   DC B OP1   1 
ATOM   431 O  OP2   . DC B 2 1  ? 2.84932   10.82813  2.98657   1.000 162.51000 ? 1   DC B OP2   1 
ATOM   432 O  "O5'" . DC B 2 1  ? 2.68923   13.23555  3.03918   1.000 218.56000 ? 1   DC B "O5'" 1 
ATOM   433 C  "C5'" . DC B 2 1  ? 3.46605   14.23018  2.38336   1.000 249.20000 ? 1   DC B "C5'" 1 
ATOM   434 C  "C4'" . DC B 2 1  ? 4.29477   13.67077  1.22838   1.000 265.72000 ? 1   DC B "C4'" 1 
ATOM   435 O  "O4'" . DC B 2 1  ? 5.45476   12.98166  1.71755   1.000 203.66000 ? 1   DC B "O4'" 1 
ATOM   436 C  "C3'" . DC B 2 1  ? 3.59688   12.68889  0.29620   1.000 243.70000 ? 1   DC B "C3'" 1 
ATOM   437 O  "O3'" . DC B 2 1  ? 3.20771   13.36253  -0.87613  1.000 268.75000 ? 1   DC B "O3'" 1 
ATOM   438 C  "C2'" . DC B 2 1  ? 4.66300   11.60839  0.00777   1.000 203.57000 ? 1   DC B "C2'" 1 
ATOM   439 C  "C1'" . DC B 2 1  ? 5.92006   12.16166  0.68771   1.000 180.00000 ? 1   DC B "C1'" 1 
ATOM   440 N  N1    . DC B 2 1  ? 6.79806   11.13139  1.29702   1.000 177.94000 ? 1   DC B N1    1 
ATOM   441 C  C2    . DC B 2 1  ? 7.41414   10.16100  0.49698   1.000 182.71000 ? 1   DC B C2    1 
ATOM   442 O  O2    . DC B 2 1  ? 7.21718   10.16785  -0.72254  1.000 201.61000 ? 1   DC B O2    1 
ATOM   443 N  N3    . DC B 2 1  ? 8.21227   9.23330   1.09019   1.000 205.36000 ? 1   DC B N3    1 
ATOM   444 C  C4    . DC B 2 1  ? 8.40698   9.25478   2.40945   1.000 256.51000 ? 1   DC B C4    1 
ATOM   445 N  N4    . DC B 2 1  ? 9.20460   8.31761   2.94560   1.000 297.01000 ? 1   DC B N4    1 
ATOM   446 C  C5    . DC B 2 1  ? 7.79212   10.23878  3.23468   1.000 257.91000 ? 1   DC B C5    1 
ATOM   447 C  C6    . DC B 2 1  ? 7.00995   11.15132  2.64217   1.000 207.98000 ? 1   DC B C6    1 
ATOM   448 P  P     . DC B 2 2  ? 1.70232   13.21955  -1.38571  1.000 207.66000 ? 2   DC B P     1 
ATOM   449 O  OP1   . DC B 2 2  ? 1.71453   13.29878  -2.84892  1.000 184.40000 ? 2   DC B OP1   1 
ATOM   450 O  OP2   . DC B 2 2  ? 0.89250   14.19539  -0.62452  1.000 231.18000 ? 2   DC B OP2   1 
ATOM   451 O  "O5'" . DC B 2 2  ? 1.33816   11.71958  -0.95576  1.000 221.68000 ? 2   DC B "O5'" 1 
ATOM   452 C  "C5'" . DC B 2 2  ? 0.37874   10.96706  -1.67493  1.000 252.40000 ? 2   DC B "C5'" 1 
ATOM   453 C  "C4'" . DC B 2 2  ? 1.02557   10.19545  -2.81037  1.000 247.06000 ? 2   DC B "C4'" 1 
ATOM   454 O  "O4'" . DC B 2 2  ? 2.31488   9.70412   -2.39816  1.000 219.93000 ? 2   DC B "O4'" 1 
ATOM   455 C  "C3'" . DC B 2 2  ? 0.28118   8.95465   -3.23931  1.000 259.16000 ? 2   DC B "C3'" 1 
ATOM   456 O  "O3'" . DC B 2 2  ? 0.69592   8.59860   -4.51047  1.000 225.65000 ? 2   DC B "O3'" 1 
ATOM   457 C  "C2'" . DC B 2 2  ? 0.77469   7.94945   -2.22935  1.000 295.40000 ? 2   DC B "C2'" 1 
ATOM   458 C  "C1'" . DC B 2 2  ? 2.24240   8.30610   -2.19336  1.000 251.73000 ? 2   DC B "C1'" 1 
ATOM   459 N  N1    . DC B 2 2  ? 2.82163   8.05786   -0.93300  1.000 238.52000 ? 2   DC B N1    1 
ATOM   460 C  C2    . DC B 2 2  ? 3.91148   7.21728   -0.83473  1.000 219.06000 ? 2   DC B C2    1 
ATOM   461 O  O2    . DC B 2 2  ? 4.34887   6.68205   -1.84726  1.000 223.02000 ? 2   DC B O2    1 
ATOM   462 N  N3    . DC B 2 2  ? 4.45700   7.00897   0.36906   1.000 199.86000 ? 2   DC B N3    1 
ATOM   463 C  C4    . DC B 2 2  ? 3.94974   7.61041   1.43099   1.000 205.64000 ? 2   DC B C4    1 
ATOM   464 N  N4    . DC B 2 2  ? 4.52612   7.37965   2.60927   1.000 197.13000 ? 2   DC B N4    1 
ATOM   465 C  C5    . DC B 2 2  ? 2.82996   8.47352   1.34165   1.000 193.42000 ? 2   DC B C5    1 
ATOM   466 C  C6    . DC B 2 2  ? 2.30848   8.67007   0.14986   1.000 211.61000 ? 2   DC B C6    1 
ATOM   467 P  P     . DA B 2 3  ? -0.37692  8.05480   -5.55828  1.000 218.25000 ? 3   DA B P     1 
ATOM   468 O  OP1   . DA B 2 3  ? -0.29734  8.85957   -6.79308  1.000 284.28000 ? 3   DA B OP1   1 
ATOM   469 O  OP2   . DA B 2 3  ? -1.64419  7.96184   -4.83407  1.000 218.97000 ? 3   DA B OP2   1 
ATOM   470 O  "O5'" . DA B 2 3  ? 0.11418   6.58653   -5.85555  1.000 205.21000 ? 3   DA B "O5'" 1 
ATOM   471 C  "C5'" . DA B 2 3  ? 1.43643   6.39396   -6.20117  1.000 193.84000 ? 3   DA B "C5'" 1 
ATOM   472 C  "C4'" . DA B 2 3  ? 1.82247   4.94452   -6.08530  1.000 223.28000 ? 3   DA B "C4'" 1 
ATOM   473 O  "O4'" . DA B 2 3  ? 2.01317   4.60225   -4.69857  1.000 219.15000 ? 3   DA B "O4'" 1 
ATOM   474 C  "C3'" . DA B 2 3  ? 0.82110   3.95303   -6.64975  1.000 226.17000 ? 3   DA B "C3'" 1 
ATOM   475 O  "O3'" . DA B 2 3  ? 1.53498   2.89557   -7.28174  1.000 266.13000 ? 3   DA B "O3'" 1 
ATOM   476 C  "C2'" . DA B 2 3  ? 0.03690   3.49231   -5.41334  1.000 233.83000 ? 3   DA B "C2'" 1 
ATOM   477 C  "C1'" . DA B 2 3  ? 1.03986   3.66738   -4.27178  1.000 265.03000 ? 3   DA B "C1'" 1 
ATOM   478 N  N9    . DA B 2 3  ? 0.48411   4.18150   -3.00915  1.000 137.27000 ? 3   DA B N9    1 
ATOM   479 C  C8    . DA B 2 3  ? -0.67401  4.90750   -2.80264  1.000 137.27000 ? 3   DA B C8    1 
ATOM   480 N  N7    . DA B 2 3  ? -0.87286  5.25646   -1.53436  1.000 137.27000 ? 3   DA B N7    1 
ATOM   481 C  C5    . DA B 2 3  ? 0.25757   4.76239   -0.88721  1.000 137.27000 ? 3   DA B C5    1 
ATOM   482 C  C6    . DA B 2 3  ? 0.68686   4.78606   0.46099   1.000 137.27000 ? 3   DA B C6    1 
ATOM   483 N  N6    . DA B 2 3  ? -0.00901  5.37201   1.45271   1.000 137.27000 ? 3   DA B N6    1 
ATOM   484 N  N1    . DA B 2 3  ? 1.86821   4.15965   0.74962   1.000 137.27000 ? 3   DA B N1    1 
ATOM   485 C  C2    . DA B 2 3  ? 2.54106   3.56022   -0.23360  1.000 137.27000 ? 3   DA B C2    1 
ATOM   486 N  N3    . DA B 2 3  ? 2.24795   3.47708   -1.51776  1.000 137.27000 ? 3   DA B N3    1 
ATOM   487 C  C4    . DA B 2 3  ? 1.08897   4.09641   -1.78648  1.000 137.27000 ? 3   DA B C4    1 
ATOM   488 P  P     . DU B 2 4  ? 0.81454   1.52944   -7.70341  1.000 261.75000 ? 4   DU B P     1 
ATOM   489 O  OP1   . DU B 2 4  ? 1.50065   0.94296   -8.89956  1.000 245.94000 ? 4   DU B OP1   1 
ATOM   490 O  OP2   . DU B 2 4  ? -0.62927  1.77440   -7.99585  1.000 226.04000 ? 4   DU B OP2   1 
ATOM   491 O  "O5'" . DU B 2 4  ? 1.00907   0.54825   -6.41282  1.000 292.69000 ? 4   DU B "O5'" 1 
ATOM   492 C  "C5'" . DU B 2 4  ? 2.15174   -0.24007  -6.40201  1.000 234.07000 ? 4   DU B "C5'" 1 
ATOM   493 C  "C4'" . DU B 2 4  ? 2.34694   -0.74437  -5.10085  1.000 268.99000 ? 4   DU B "C4'" 1 
ATOM   494 O  "O4'" . DU B 2 4  ? 2.02147   0.24813   -4.07825  1.000 301.41000 ? 4   DU B "O4'" 1 
ATOM   495 C  "C3'" . DU B 2 4  ? 1.31139   -1.90973  -4.83103  1.000 254.88000 ? 4   DU B "C3'" 1 
ATOM   496 O  "O3'" . DU B 2 4  ? 2.15650   -3.16676  -4.79530  1.000 259.94000 ? 4   DU B "O3'" 1 
ATOM   497 C  "C2'" . DU B 2 4  ? 0.77413   -1.65808  -3.75358  1.000 223.39000 ? 4   DU B "C2'" 1 
ATOM   498 C  "C1'" . DU B 2 4  ? 1.64432   -0.46842  -3.04947  1.000 230.53000 ? 4   DU B "C1'" 1 
ATOM   499 N  N1    . DU B 2 4  ? 0.79470   0.34433   -2.20704  1.000 224.08000 ? 4   DU B N1    1 
ATOM   500 C  C2    . DU B 2 4  ? 0.98319   0.71437   -0.76331  1.000 243.95000 ? 4   DU B C2    1 
ATOM   501 O  O2    . DU B 2 4  ? 1.91516   0.35027   -0.13187  1.000 260.08000 ? 4   DU B O2    1 
ATOM   502 N  N3    . DU B 2 4  ? -0.03576  1.57963   -0.09764  1.000 238.89000 ? 4   DU B N3    1 
ATOM   503 C  C4    . DU B 2 4  ? -1.20883  2.06631   -0.83318  1.000 218.89000 ? 4   DU B C4    1 
ATOM   504 O  O4    . DU B 2 4  ? -2.05857  2.75105   -0.37380  1.000 213.81000 ? 4   DU B O4    1 
ATOM   505 C  C5    . DU B 2 4  ? -1.39176  1.69593   -2.24306  1.000 207.39000 ? 4   DU B C5    1 
ATOM   506 C  C6    . DU B 2 4  ? -0.37090  0.83762   -2.89629  1.000 199.86000 ? 4   DU B C6    1 
ATOM   507 P  P     . DA B 2 5  ? 1.70562   -4.41207  -3.89279  1.000 283.41000 ? 5   DA B P     1 
ATOM   508 O  OP1   . DA B 2 5  ? 2.61680   -5.54607  -4.18798  1.000 272.35000 ? 5   DA B OP1   1 
ATOM   509 O  OP2   . DA B 2 5  ? 0.22982   -4.56348  -4.01039  1.000 297.95000 ? 5   DA B OP2   1 
ATOM   510 O  "O5'" . DA B 2 5  ? 2.03901   -3.93587  -2.41612  1.000 274.29000 ? 5   DA B "O5'" 1 
ATOM   511 C  "C5'" . DA B 2 5  ? 3.36557   -3.88876  -1.98707  1.000 279.00000 ? 5   DA B "C5'" 1 
ATOM   512 C  "C4'" . DA B 2 5  ? 3.45663   -4.25368  -0.52751  1.000 236.22000 ? 5   DA B "C4'" 1 
ATOM   513 O  "O4'" . DA B 2 5  ? 2.65139   -3.33403  0.24222   1.000 237.16000 ? 5   DA B "O4'" 1 
ATOM   514 C  "C3'" . DA B 2 5  ? 2.93619   -5.63457  -0.18478  1.000 222.07000 ? 5   DA B "C3'" 1 
ATOM   515 O  "O3'" . DA B 2 5  ? 3.57523   -6.09083  0.97342   1.000 245.00000 ? 5   DA B "O3'" 1 
ATOM   516 C  "C2'" . DA B 2 5  ? 1.45918   -5.37581  0.06040   1.000 244.78000 ? 5   DA B "C2'" 1 
ATOM   517 C  "C1'" . DA B 2 5  ? 1.46909   -3.97356  0.66953   1.000 227.01000 ? 5   DA B "C1'" 1 
ATOM   518 N  N9    . DA B 2 5  ? 0.31816   -3.15779  0.28036   1.000 232.86000 ? 5   DA B N9    1 
ATOM   519 C  C8    . DA B 2 5  ? -0.48775  -3.33118  -0.81234  1.000 220.54000 ? 5   DA B C8    1 
ATOM   520 N  N7    . DA B 2 5  ? -1.45415  -2.44511  -0.90568  1.000 221.56000 ? 5   DA B N7    1 
ATOM   521 C  C5    . DA B 2 5  ? -1.27023  -1.63133  0.20727   1.000 225.34000 ? 5   DA B C5    1 
ATOM   522 C  C6    . DA B 2 5  ? -1.96851  -0.50117  0.69951   1.000 237.72000 ? 5   DA B C6    1 
ATOM   523 N  N6    . DA B 2 5  ? -3.04163  0.03529   0.09728   1.000 242.86000 ? 5   DA B N6    1 
ATOM   524 N  N1    . DA B 2 5  ? -1.50544  0.07073   1.83640   1.000 259.98000 ? 5   DA B N1    1 
ATOM   525 C  C2    . DA B 2 5  ? -0.43407  -0.45541  2.44216   1.000 270.26000 ? 5   DA B C2    1 
ATOM   526 N  N3    . DA B 2 5  ? 0.29675   -1.50445  2.08208   1.000 217.85000 ? 5   DA B N3    1 
ATOM   527 C  C4    . DA B 2 5  ? -0.18089  -2.05799  0.94763   1.000 217.39000 ? 5   DA B C4    1 
ATOM   528 P  P     . DC B 2 6  ? 3.75113   -7.66016  1.24681   1.000 245.84000 ? 6   DC B P     1 
ATOM   529 O  OP1   . DC B 2 6  ? 5.19310   -7.97406  1.29465   1.000 252.86000 ? 6   DC B OP1   1 
ATOM   530 O  OP2   . DC B 2 6  ? 2.89016   -8.39501  0.28816   1.000 218.09000 ? 6   DC B OP2   1 
ATOM   531 O  "O5'" . DC B 2 6  ? 3.19859   -7.81114  2.73931   1.000 235.93000 ? 6   DC B "O5'" 1 
ATOM   532 C  "C5'" . DC B 2 6  ? 3.66779   -6.92883  3.75443   1.000 201.97000 ? 6   DC B "C5'" 1 
ATOM   533 C  "C4'" . DC B 2 6  ? 2.53014   -6.44747  4.63325   1.000 215.71000 ? 6   DC B "C4'" 1 
ATOM   534 O  "O4'" . DC B 2 6  ? 1.60348   -5.65606  3.85962   1.000 198.90000 ? 6   DC B "O4'" 1 
ATOM   535 C  "C3'" . DC B 2 6  ? 1.69036   -7.55852  5.26102   1.000 212.34000 ? 6   DC B "C3'" 1 
ATOM   536 O  "O3'" . DC B 2 6  ? 1.93493   -7.62907  6.65893   1.000 186.42000 ? 6   DC B "O3'" 1 
ATOM   537 C  "C2'" . DC B 2 6  ? 0.23447   -7.15556  4.95871   1.000 181.23000 ? 6   DC B "C2'" 1 
ATOM   538 C  "C1'" . DC B 2 6  ? 0.37113   -5.71394  4.51544   1.000 196.07000 ? 6   DC B "C1'" 1 
ATOM   539 N  N1    . DC B 2 6  ? -0.74726  -5.22173  3.60052   1.000 184.09000 ? 6   DC B N1    1 
ATOM   540 C  C2    . DC B 2 6  ? -1.68011  -4.32763  4.10641   1.000 196.35000 ? 6   DC B C2    1 
ATOM   541 O  O2    . DC B 2 6  ? -1.55791  -3.96148  5.26900   1.000 261.69000 ? 6   DC B O2    1 
ATOM   542 N  N3    . DC B 2 6  ? -2.68557  -3.87587  3.30654   1.000 193.68000 ? 6   DC B N3    1 
ATOM   543 C  C4    . DC B 2 6  ? -2.77871  -4.29514  2.05120   1.000 203.41000 ? 6   DC B C4    1 
ATOM   544 N  N4    . DC B 2 6  ? -3.78864  -3.81309  1.30582   1.000 195.67000 ? 6   DC B N4    1 
ATOM   545 C  C5    . DC B 2 6  ? -1.83747  -5.22176  1.50771   1.000 231.65000 ? 6   DC B C5    1 
ATOM   546 C  C6    . DC B 2 6  ? -0.85409  -5.66271  2.31815   1.000 202.43000 ? 6   DC B C6    1 
ATOM   547 P  P     . DA B 2 7  ? 1.70671   -9.00836  7.46543   1.000 200.61000 ? 7   DA B P     1 
ATOM   548 O  OP1   . DA B 2 7  ? 2.91089   -9.29023  8.26622   1.000 209.96000 ? 7   DA B OP1   1 
ATOM   549 O  OP2   . DA B 2 7  ? 1.26863   -10.02724 6.50287   1.000 172.65000 ? 7   DA B OP2   1 
ATOM   550 O  "O5'" . DA B 2 7  ? 0.46242   -8.70550  8.42644   1.000 214.30000 ? 7   DA B "O5'" 1 
ATOM   551 C  "C5'" . DA B 2 7  ? -0.08080  -7.39691  8.47220   1.000 219.72000 ? 7   DA B "C5'" 1 
ATOM   552 C  "C4'" . DA B 2 7  ? -1.60357  -7.41924  8.48890   1.000 182.67000 ? 7   DA B "C4'" 1 
ATOM   553 O  "O4'" . DA B 2 7  ? -2.13702  -6.90079  7.23532   1.000 176.52000 ? 7   DA B "O4'" 1 
ATOM   554 C  "C3'" . DA B 2 7  ? -2.26628  -8.79683  8.67464   1.000 192.65000 ? 7   DA B "C3'" 1 
ATOM   555 O  "O3'" . DA B 2 7  ? -3.31715  -8.67841  9.62374   1.000 160.41000 ? 7   DA B "O3'" 1 
ATOM   556 C  "C2'" . DA B 2 7  ? -2.84116  -9.07953  7.29117   1.000 205.88000 ? 7   DA B "C2'" 1 
ATOM   557 C  "C1'" . DA B 2 7  ? -3.26641  -7.67412  6.94398   1.000 189.40000 ? 7   DA B "C1'" 1 
ATOM   558 N  N9    . DA B 2 7  ? -3.71967  -7.45426  5.57007   1.000 174.53000 ? 7   DA B N9    1 
ATOM   559 C  C8    . DA B 2 7  ? -3.22244  -7.97291  4.40225   1.000 194.14000 ? 7   DA B C8    1 
ATOM   560 N  N7    . DA B 2 7  ? -3.88810  -7.58095  3.32934   1.000 231.69000 ? 7   DA B N7    1 
ATOM   561 C  C5    . DA B 2 7  ? -4.88048  -6.76055  3.84365   1.000 210.71000 ? 7   DA B C5    1 
ATOM   562 C  C6    . DA B 2 7  ? -5.93060  -6.02201  3.25131   1.000 235.72000 ? 7   DA B C6    1 
ATOM   563 N  N6    . DA B 2 7  ? -6.15953  -5.99297  1.93117   1.000 253.38000 ? 7   DA B N6    1 
ATOM   564 N  N1    . DA B 2 7  ? -6.73774  -5.30833  4.08043   1.000 234.24000 ? 7   DA B N1    1 
ATOM   565 C  C2    . DA B 2 7  ? -6.50669  -5.35237  5.39221   1.000 242.23000 ? 7   DA B C2    1 
ATOM   566 N  N3    . DA B 2 7  ? -5.56550  -5.99627  6.05378   1.000 202.56000 ? 7   DA B N3    1 
ATOM   567 C  C4    . DA B 2 7  ? -4.78467  -6.68367  5.22160   1.000 194.49000 ? 7   DA B C4    1 
ATOM   568 P  P     . DG C 3 1  ? -4.76324  -14.08901 7.87900   1.000 241.76000 ? 8   DG C P     1 
ATOM   569 O  OP1   . DG C 3 1  ? -4.50914  -13.30450 6.65496   1.000 167.05000 ? 8   DG C OP1   1 
ATOM   570 O  OP2   . DG C 3 1  ? -3.73368  -15.03819 8.36495   1.000 205.83000 ? 8   DG C OP2   1 
ATOM   571 O  "O5'" . DG C 3 1  ? -5.15594  -13.04179 9.02462   1.000 212.47000 ? 8   DG C "O5'" 1 
ATOM   572 C  "C5'" . DG C 3 1  ? -6.48293  -12.51840 9.07591   1.000 221.16000 ? 8   DG C "C5'" 1 
ATOM   573 C  "C4'" . DG C 3 1  ? -6.51420  -11.04037 8.73116   1.000 212.55000 ? 8   DG C "C4'" 1 
ATOM   574 O  "O4'" . DG C 3 1  ? -5.87290  -10.81066 7.46870   1.000 193.48000 ? 8   DG C "O4'" 1 
ATOM   575 C  "C3'" . DG C 3 1  ? -7.89389  -10.47375 8.51911   1.000 216.98000 ? 8   DG C "C3'" 1 
ATOM   576 O  "O3'" . DG C 3 1  ? -8.47129  -10.21199 9.73603   1.000 229.14000 ? 8   DG C "O3'" 1 
ATOM   577 C  "C2'" . DG C 3 1  ? -7.59022  -9.19615  7.76866   1.000 236.50000 ? 8   DG C "C2'" 1 
ATOM   578 C  "C1'" . DG C 3 1  ? -6.38219  -9.60903  6.92329   1.000 205.80000 ? 8   DG C "C1'" 1 
ATOM   579 N  N9    . DG C 3 1  ? -6.65434  -9.79131  5.49236   1.000 212.11000 ? 8   DG C N9    1 
ATOM   580 C  C8    . DG C 3 1  ? -5.98660  -10.63138 4.61989   1.000 249.17000 ? 8   DG C C8    1 
ATOM   581 N  N7    . DG C 3 1  ? -6.41978  -10.56858 3.38383   1.000 225.35000 ? 8   DG C N7    1 
ATOM   582 C  C5    . DG C 3 1  ? -7.42859  -9.61382  3.43262   1.000 231.39000 ? 8   DG C C5    1 
ATOM   583 C  C6    . DG C 3 1  ? -8.26431  -9.11949  2.40331   1.000 229.10000 ? 8   DG C C6    1 
ATOM   584 O  O6    . DG C 3 1  ? -8.28089  -9.41454  1.19520   1.000 244.18000 ? 8   DG C O6    1 
ATOM   585 N  N1    . DG C 3 1  ? -9.15224  -8.15111  2.89448   1.000 218.13000 ? 8   DG C N1    1 
ATOM   586 C  C2    . DG C 3 1  ? -9.22595  -7.73212  4.21074   1.000 207.45000 ? 8   DG C C2    1 
ATOM   587 N  N2    . DG C 3 1  ? -10.14771 -6.79524  4.50275   1.000 248.50000 ? 8   DG C N2    1 
ATOM   588 N  N3    . DG C 3 1  ? -8.45266  -8.18907  5.17497   1.000 174.47000 ? 8   DG C N3    1 
ATOM   589 C  C4    . DG C 3 1  ? -7.57979  -9.12436  4.72536   1.000 198.71000 ? 8   DG C C4    1 
ATOM   590 P  P     . DG C 3 2  ? -9.64111  -11.16446 10.24900  1.000 251.88000 ? 9   DG C P     1 
ATOM   591 O  OP1   . DG C 3 2  ? -9.53194  -11.21137 11.71672  1.000 252.80000 ? 9   DG C OP1   1 
ATOM   592 O  OP2   . DG C 3 2  ? -9.61917  -12.40880 9.45585   1.000 251.18000 ? 9   DG C OP2   1 
ATOM   593 O  "O5'" . DG C 3 2  ? -10.96001 -10.38772 9.84763   1.000 211.61000 ? 9   DG C "O5'" 1 
ATOM   594 C  "C5'" . DG C 3 2  ? -11.32978 -9.24823  10.56606  1.000 233.87000 ? 9   DG C "C5'" 1 
ATOM   595 C  "C4'" . DG C 3 2  ? -12.04467 -8.29098  9.65529   1.000 255.47000 ? 9   DG C "C4'" 1 
ATOM   596 O  "O4'" . DG C 3 2  ? -11.23722 -8.09798  8.47516   1.000 256.77000 ? 9   DG C "O4'" 1 
ATOM   597 C  "C3'" . DG C 3 2  ? -13.38633 -8.79149  9.15086   1.000 233.26000 ? 9   DG C "C3'" 1 
ATOM   598 O  "O3'" . DG C 3 2  ? -14.41808 -8.38646  10.05073  1.000 260.73000 ? 9   DG C "O3'" 1 
ATOM   599 C  "C2'" . DG C 3 2  ? -13.51659 -8.09084  7.80144   1.000 239.57000 ? 9   DG C "C2'" 1 
ATOM   600 C  "C1'" . DG C 3 2  ? -12.06169 -7.98022  7.33876   1.000 234.21000 ? 9   DG C "C1'" 1 
ATOM   601 N  N9    . DG C 3 2  ? -11.66487 -9.00396  6.39446   1.000 248.26000 ? 9   DG C N9    1 
ATOM   602 C  C8    . DG C 3 2  ? -10.76917 -10.02299 6.61018   1.000 238.86000 ? 9   DG C C8    1 
ATOM   603 N  N7    . DG C 3 2  ? -10.60025 -10.79278 5.57157   1.000 228.44000 ? 9   DG C N7    1 
ATOM   604 C  C5    . DG C 3 2  ? -11.43874 -10.24768 4.60275   1.000 234.52000 ? 9   DG C C5    1 
ATOM   605 C  C6    . DG C 3 2  ? -11.68458 -10.65894 3.26211   1.000 217.13000 ? 9   DG C C6    1 
ATOM   606 O  O6    . DG C 3 2  ? -11.18482 -11.61931 2.62783   1.000 211.86000 ? 9   DG C O6    1 
ATOM   607 N  N1    . DG C 3 2  ? -12.60778 -9.81027  2.63695   1.000 223.40000 ? 9   DG C N1    1 
ATOM   608 C  C2    . DG C 3 2  ? -13.22374 -8.71404  3.23300   1.000 230.05000 ? 9   DG C C2    1 
ATOM   609 N  N2    . DG C 3 2  ? -14.08348 -8.02265  2.46458   1.000 265.98000 ? 9   DG C N2    1 
ATOM   610 N  N3    . DG C 3 2  ? -12.99853 -8.32547  4.48101   1.000 202.08000 ? 9   DG C N3    1 
ATOM   611 C  C4    . DG C 3 2  ? -12.10000 -9.13799  5.10293   1.000 233.41000 ? 9   DG C C4    1 
ATOM   612 P  P     . DC C 3 3  ? -15.78066 -9.22940  10.16642  1.000 260.00000 ? 10  DC C P     1 
ATOM   613 O  OP1   . DC C 3 3  ? -16.88856 -8.26765  10.36657  1.000 302.67000 ? 10  DC C OP1   1 
ATOM   614 O  OP2   . DC C 3 3  ? -15.55441 -10.30884 11.15222  1.000 302.63000 ? 10  DC C OP2   1 
ATOM   615 O  "O5'" . DC C 3 3  ? -15.93302 -9.90455  8.72886   1.000 241.15000 ? 10  DC C "O5'" 1 
ATOM   616 C  "C5'" . DC C 3 3  ? -17.21721 -10.07446 8.15755   1.000 263.01000 ? 10  DC C "C5'" 1 
ATOM   617 C  "C4'" . DC C 3 3  ? -17.58815 -8.89543  7.26620   1.000 250.81000 ? 10  DC C "C4'" 1 
ATOM   618 O  "O4'" . DC C 3 3  ? -16.44620 -8.49337  6.45282   1.000 236.01000 ? 10  DC C "O4'" 1 
ATOM   619 C  "C3'" . DC C 3 3  ? -18.74673 -9.17240  6.31056   1.000 252.16000 ? 10  DC C "C3'" 1 
ATOM   620 O  "O3'" . DC C 3 3  ? -19.92003 -8.48642  6.77560   1.000 284.21000 ? 10  DC C "O3'" 1 
ATOM   621 C  "C2'" . DC C 3 3  ? -18.26358 -8.63419  4.95387   1.000 236.66000 ? 10  DC C "C2'" 1 
ATOM   622 C  "C1'" . DC C 3 3  ? -16.73619 -8.65793  5.08152   1.000 234.97000 ? 10  DC C "C1'" 1 
ATOM   623 N  N1    . DC C 3 3  ? -16.06107 -9.93751  4.60946   1.000 226.82000 ? 10  DC C N1    1 
ATOM   624 C  C2    . DC C 3 3  ? -16.24958 -10.42442 3.29583   1.000 242.93000 ? 10  DC C C2    1 
ATOM   625 O  O2    . DC C 3 3  ? -16.98279 -9.81536  2.50410   1.000 239.82000 ? 10  DC C O2    1 
ATOM   626 N  N3    . DC C 3 3  ? -15.61027 -11.57457 2.92702   1.000 241.21000 ? 10  DC C N3    1 
ATOM   627 C  C4    . DC C 3 3  ? -14.81516 -12.21707 3.78866   1.000 232.40000 ? 10  DC C C4    1 
ATOM   628 N  N4    . DC C 3 3  ? -14.20794 -13.33767 3.36971   1.000 236.26000 ? 10  DC C N4    1 
ATOM   629 C  C5    . DC C 3 3  ? -14.60614 -11.73629 5.11375   1.000 214.43000 ? 10  DC C C5    1 
ATOM   630 C  C6    . DC C 3 3  ? -15.23190 -10.60709 5.47263   1.000 223.57000 ? 10  DC C C6    1 
ATOM   631 P  P     . DT C 3 4  ? -21.30575 -9.27360  6.99092   1.000 294.19000 ? 11  DT C P     1 
ATOM   632 O  OP1   . DT C 3 4  ? -22.34050 -8.51687  6.25463   1.000 289.59000 ? 11  DT C OP1   1 
ATOM   633 O  OP2   . DT C 3 4  ? -21.51774 -9.50292  8.43647   1.000 337.75000 ? 11  DT C OP2   1 
ATOM   634 O  "O5'" . DT C 3 4  ? -21.03453 -10.69417 6.31602   1.000 272.35000 ? 11  DT C "O5'" 1 
ATOM   635 C  "C5'" . DT C 3 4  ? -22.08422 -11.39041 5.68589   1.000 291.74000 ? 11  DT C "C5'" 1 
ATOM   636 C  "C4'" . DT C 3 4  ? -22.36198 -10.80068 4.31875   1.000 282.88000 ? 11  DT C "C4'" 1 
ATOM   637 O  "O4'" . DT C 3 4  ? -21.10385 -10.42473 3.69393   1.000 232.17000 ? 11  DT C "O4'" 1 
ATOM   638 C  "C3'" . DT C 3 4  ? -23.05522 -11.74387 3.34817   1.000 272.31000 ? 11  DT C "C3'" 1 
ATOM   639 O  "O3'" . DT C 3 4  ? -24.52260 -11.62750 3.49174   1.000 294.40000 ? 11  DT C "O3'" 1 
ATOM   640 C  "C2'" . DT C 3 4  ? -22.50852 -11.29497 1.99514   1.000 252.17000 ? 11  DT C "C2'" 1 
ATOM   641 C  "C1'" . DT C 3 4  ? -21.07579 -10.87192 2.35202   1.000 256.45000 ? 11  DT C "C1'" 1 
ATOM   642 N  N1    . DT C 3 4  ? -20.06163 -11.97432 2.24191   1.000 261.55000 ? 11  DT C N1    1 
ATOM   643 C  C2    . DT C 3 4  ? -19.60375 -12.36288 0.99822   1.000 282.24000 ? 11  DT C C2    1 
ATOM   644 O  O2    . DT C 3 4  ? -19.98117 -11.86277 -0.04575  1.000 328.99000 ? 11  DT C O2    1 
ATOM   645 N  N3    . DT C 3 4  ? -18.68180 -13.37317 1.02113   1.000 247.72000 ? 11  DT C N3    1 
ATOM   646 C  C4    . DT C 3 4  ? -18.17630 -14.01756 2.13507   1.000 265.90000 ? 11  DT C C4    1 
ATOM   647 O  O4    . DT C 3 4  ? -17.34756 -14.91698 2.05221   1.000 289.48000 ? 11  DT C O4    1 
ATOM   648 C  C5    . DT C 3 4  ? -18.69497 -13.56214 3.40120   1.000 232.84000 ? 11  DT C C5    1 
ATOM   649 C  C7    . DT C 3 4  ? -18.22448 -14.18978 4.67768   1.000 203.39000 ? 11  DT C C7    1 
ATOM   650 C  C6    . DT C 3 4  ? -19.59605 -12.57265 3.39378   1.000 231.05000 ? 11  DT C C6    1 
ATOM   651 P  P     . DG C 3 5  ? -25.49136 -10.95489 2.38503   1.000 293.78000 ? 12  DG C P     1 
ATOM   652 O  OP1   . DG C 3 5  ? -24.97108 -9.64194  1.94250   1.000 342.05000 ? 12  DG C OP1   1 
ATOM   653 O  OP2   . DG C 3 5  ? -26.86280 -10.99689 2.94060   1.000 328.79000 ? 12  DG C OP2   1 
ATOM   654 O  "O5'" . DG C 3 5  ? -25.50175 -12.00281 1.19139   1.000 265.89000 ? 12  DG C "O5'" 1 
ATOM   655 C  "C5'" . DG C 3 5  ? -25.38299 -11.56082 -0.13891  1.000 276.63000 ? 12  DG C "C5'" 1 
ATOM   656 C  "C4'" . DG C 3 5  ? -24.91099 -12.70157 -0.99831  1.000 289.18000 ? 12  DG C "C4'" 1 
ATOM   657 O  "O4'" . DG C 3 5  ? -23.60658 -13.14280 -0.52142  1.000 239.82000 ? 12  DG C "O4'" 1 
ATOM   658 C  "C3'" . DG C 3 5  ? -25.82306 -13.93212 -0.94597  1.000 280.80000 ? 12  DG C "C3'" 1 
ATOM   659 O  "O3'" . DG C 3 5  ? -26.04970 -14.42846 -2.25513  1.000 327.20000 ? 12  DG C "O3'" 1 
ATOM   660 C  "C2'" . DG C 3 5  ? -25.03155 -14.92076 -0.09534  1.000 257.19000 ? 12  DG C "C2'" 1 
ATOM   661 C  "C1'" . DG C 3 5  ? -23.60750 -14.54439 -0.45449  1.000 233.58000 ? 12  DG C "C1'" 1 
ATOM   662 N  N9    . DG C 3 5  ? -22.62415 -15.01552 0.52550   1.000 241.81000 ? 12  DG C N9    1 
ATOM   663 C  C8    . DG C 3 5  ? -22.67983 -14.88320 1.89406   1.000 240.87000 ? 12  DG C C8    1 
ATOM   664 N  N7    . DG C 3 5  ? -21.67465 -15.44627 2.51229   1.000 259.41000 ? 12  DG C N7    1 
ATOM   665 C  C5    . DG C 3 5  ? -20.90968 -15.99821 1.48909   1.000 280.80000 ? 12  DG C C5    1 
ATOM   666 C  C6    . DG C 3 5  ? -19.69793 -16.73460 1.54430   1.000 270.52000 ? 12  DG C C6    1 
ATOM   667 O  O6    . DG C 3 5  ? -19.03942 -17.05636 2.54580   1.000 279.87000 ? 12  DG C O6    1 
ATOM   668 N  N1    . DG C 3 5  ? -19.26273 -17.10913 0.27264   1.000 243.07000 ? 12  DG C N1    1 
ATOM   669 C  C2    . DG C 3 5  ? -19.91477 -16.81169 -0.90167  1.000 287.41000 ? 12  DG C C2    1 
ATOM   670 N  N2    . DG C 3 5  ? -19.34303 -17.25886 -2.03109  1.000 324.68000 ? 12  DG C N2    1 
ATOM   671 N  N3    . DG C 3 5  ? -21.04745 -16.12394 -0.96660  1.000 266.44000 ? 12  DG C N3    1 
ATOM   672 C  C4    . DG C 3 5  ? -21.48685 -15.75129 0.26267   1.000 268.61000 ? 12  DG C C4    1 
ATOM   673 P  P     . DC C 3 6  ? -26.74623 -15.86044 -2.47307  1.000 296.42000 ? 13  DC C P     1 
ATOM   674 O  OP1   . DC C 3 6  ? -27.38299 -15.82916 -3.80729  1.000 344.97000 ? 13  DC C OP1   1 
ATOM   675 O  OP2   . DC C 3 6  ? -27.56569 -16.16151 -1.27247  1.000 265.97000 ? 13  DC C OP2   1 
ATOM   676 O  "O5'" . DC C 3 6  ? -25.51200 -16.88662 -2.54750  1.000 242.85000 ? 13  DC C "O5'" 1 
ATOM   677 C  "C5'" . DC C 3 6  ? -24.37963 -16.60082 -3.39339  1.000 246.14000 ? 13  DC C "C5'" 1 
ATOM   678 C  "C4'" . DC C 3 6  ? -23.58075 -17.86391 -3.68837  1.000 277.27000 ? 13  DC C "C4'" 1 
ATOM   679 O  "O4'" . DC C 3 6  ? -22.54656 -18.06100 -2.67741  1.000 294.18000 ? 13  DC C "O4'" 1 
ATOM   680 C  "C3'" . DC C 3 6  ? -24.40178 -19.14802 -3.69296  1.000 254.84000 ? 13  DC C "C3'" 1 
ATOM   681 O  "O3'" . DC C 3 6  ? -23.95407 -20.00239 -4.71543  1.000 297.77000 ? 13  DC C "O3'" 1 
ATOM   682 C  "C2'" . DC C 3 6  ? -24.10364 -19.74116 -2.32462  1.000 257.75000 ? 13  DC C "C2'" 1 
ATOM   683 C  "C1'" . DC C 3 6  ? -22.64380 -19.37555 -2.16897  1.000 275.59000 ? 13  DC C "C1'" 1 
ATOM   684 N  N1    . DC C 3 6  ? -22.19439 -19.38780 -0.75337  1.000 310.17000 ? 13  DC C N1    1 
ATOM   685 C  C2    . DC C 3 6  ? -20.97638 -19.98922 -0.40866  1.000 312.53000 ? 13  DC C C2    1 
ATOM   686 O  O2    . DC C 3 6  ? -20.27827 -20.49269 -1.29595  1.000 224.83000 ? 13  DC C O2    1 
ATOM   687 N  N3    . DC C 3 6  ? -20.59428 -19.99355 0.89500   1.000 309.12000 ? 13  DC C N3    1 
ATOM   688 C  C4    . DC C 3 6  ? -21.37832 -19.43921 1.82414   1.000 304.46000 ? 13  DC C C4    1 
ATOM   689 N  N4    . DC C 3 6  ? -20.96364 -19.46177 3.09827   1.000 310.58000 ? 13  DC C N4    1 
ATOM   690 C  C5    . DC C 3 6  ? -22.62375 -18.83182 1.48872   1.000 273.41000 ? 13  DC C C5    1 
ATOM   691 C  C6    . DC C 3 6  ? -22.98888 -18.83350 0.20477   1.000 276.91000 ? 13  DC C C6    1 
ATOM   692 P  P     . DT C 3 7  ? -24.72738 -21.38341 -4.98771  1.000 278.41000 ? 14  DT C P     1 
ATOM   693 O  OP1   . DT C 3 7  ? -24.76697 -21.57256 -6.45225  1.000 294.40000 ? 14  DT C OP1   1 
ATOM   694 O  OP2   . DT C 3 7  ? -25.99430 -21.33874 -4.22390  1.000 263.70000 ? 14  DT C OP2   1 
ATOM   695 O  "O5'" . DT C 3 7  ? -23.77485 -22.51490 -4.35427  1.000 235.83000 ? 14  DT C "O5'" 1 
ATOM   696 C  "C5'" . DT C 3 7  ? -22.62299 -22.97545 -5.08428  1.000 231.01000 ? 14  DT C "C5'" 1 
ATOM   697 C  "C4'" . DT C 3 7  ? -22.25952 -24.40612 -4.71011  1.000 256.56000 ? 14  DT C "C4'" 1 
ATOM   698 O  "O4'" . DT C 3 7  ? -21.22596 -24.39336 -3.69486  1.000 268.49000 ? 14  DT C "O4'" 1 
ATOM   699 C  "C3'" . DT C 3 7  ? -23.40183 -25.22502 -4.13422  1.000 286.54000 ? 14  DT C "C3'" 1 
ATOM   700 O  "O3'" . DT C 3 7  ? -24.07396 -25.91844 -5.17665  1.000 314.11000 ? 14  DT C "O3'" 1 
ATOM   701 C  "C2'" . DT C 3 7  ? -22.69183 -26.18923 -3.18397  1.000 277.17000 ? 14  DT C "C2'" 1 
ATOM   702 C  "C1'" . DT C 3 7  ? -21.47552 -25.38758 -2.71922  1.000 250.95000 ? 14  DT C "C1'" 1 
ATOM   703 N  N1    . DT C 3 7  ? -21.64793 -24.71478 -1.38036  1.000 250.49000 ? 14  DT C N1    1 
ATOM   704 C  C2    . DT C 3 7  ? -20.73826 -24.96210 -0.37599  1.000 253.26000 ? 14  DT C C2    1 
ATOM   705 O  O2    . DT C 3 7  ? -19.79381 -25.71941 -0.50235  1.000 245.56000 ? 14  DT C O2    1 
ATOM   706 N  N3    . DT C 3 7  ? -20.98038 -24.28888 0.79697   1.000 253.52000 ? 14  DT C N3    1 
ATOM   707 C  C4    . DT C 3 7  ? -22.01765 -23.41151 1.06073   1.000 246.89000 ? 14  DT C C4    1 
ATOM   708 O  O4    . DT C 3 7  ? -22.16738 -22.85905 2.15471   1.000 236.12000 ? 14  DT C O4    1 
ATOM   709 C  C5    . DT C 3 7  ? -22.93072 -23.20035 -0.03457  1.000 230.39000 ? 14  DT C C5    1 
ATOM   710 C  C7    . DT C 3 7  ? -24.09447 -22.27250 0.12939   1.000 207.59000 ? 14  DT C C7    1 
ATOM   711 C  C6    . DT C 3 7  ? -22.70254 -23.84854 -1.18574  1.000 235.18000 ? 14  DT C C6    1 
ATOM   712 O  OP3   . DC D 4 1  ? 23.20012  17.41970  -17.90665 1.000 355.53000 ? 1   DC D OP3   1 
ATOM   713 P  P     . DC D 4 1  ? 23.35893  18.83195  -18.31131 1.000 374.97000 ? 1   DC D P     1 
ATOM   714 O  OP1   . DC D 4 1  ? 23.42771  18.87808  -19.78844 1.000 427.47000 ? 1   DC D OP1   1 
ATOM   715 O  OP2   . DC D 4 1  ? 22.29561  19.58967  -17.62065 1.000 289.46000 ? 1   DC D OP2   1 
ATOM   716 O  "O5'" . DC D 4 1  ? 24.76983  19.32765  -17.75259 1.000 304.15000 ? 1   DC D "O5'" 1 
ATOM   717 C  "C5'" . DC D 4 1  ? 25.90327  18.46567  -17.82373 1.000 310.32000 ? 1   DC D "C5'" 1 
ATOM   718 C  "C4'" . DC D 4 1  ? 26.41484  18.15050  -16.43327 1.000 310.44000 ? 1   DC D "C4'" 1 
ATOM   719 O  "O4'" . DC D 4 1  ? 26.27761  19.34656  -15.60308 1.000 294.26000 ? 1   DC D "O4'" 1 
ATOM   720 C  "C3'" . DC D 4 1  ? 25.64430  17.03201  -15.69953 1.000 250.53000 ? 1   DC D "C3'" 1 
ATOM   721 O  "O3'" . DC D 4 1  ? 26.56346  16.10506  -15.01005 1.000 250.65000 ? 1   DC D "O3'" 1 
ATOM   722 C  "C2'" . DC D 4 1  ? 24.78072  17.82135  -14.72404 1.000 263.00000 ? 1   DC D "C2'" 1 
ATOM   723 C  "C1'" . DC D 4 1  ? 25.73132  18.95454  -14.37471 1.000 296.83000 ? 1   DC D "C1'" 1 
ATOM   724 N  N1    . DC D 4 1  ? 25.06395  20.08574  -13.70051 1.000 263.19000 ? 1   DC D N1    1 
ATOM   725 C  C2    . DC D 4 1  ? 25.61793  20.62469  -12.52721 1.000 235.30000 ? 1   DC D C2    1 
ATOM   726 O  O2    . DC D 4 1  ? 26.69617  20.17975  -12.09489 1.000 218.50000 ? 1   DC D O2    1 
ATOM   727 N  N3    . DC D 4 1  ? 24.96460  21.63629  -11.90920 1.000 209.51000 ? 1   DC D N3    1 
ATOM   728 C  C4    . DC D 4 1  ? 23.80541  22.08342  -12.40156 1.000 211.60000 ? 1   DC D C4    1 
ATOM   729 N  N4    . DC D 4 1  ? 23.19539  23.08282  -11.75603 1.000 232.47000 ? 1   DC D N4    1 
ATOM   730 C  C5    . DC D 4 1  ? 23.22451  21.53401  -13.58015 1.000 228.16000 ? 1   DC D C5    1 
ATOM   731 C  C6    . DC D 4 1  ? 23.87632  20.54137  -14.18429 1.000 241.49000 ? 1   DC D C6    1 
ATOM   732 P  P     . DT D 4 2  ? 26.29276  15.66040  -13.47846 1.000 255.24000 ? 2   DT D P     1 
ATOM   733 O  OP1   . DT D 4 2  ? 24.95702  15.03130  -13.39714 1.000 271.41000 ? 2   DT D OP1   1 
ATOM   734 O  OP2   . DT D 4 2  ? 26.67959  16.81015  -12.62909 1.000 242.66000 ? 2   DT D OP2   1 
ATOM   735 O  "O5'" . DT D 4 2  ? 27.38909  14.54738  -13.13097 1.000 315.58000 ? 2   DT D "O5'" 1 
ATOM   736 C  "C5'" . DT D 4 2  ? 27.09009  13.54714  -12.14463 1.000 283.75000 ? 2   DT D "C5'" 1 
ATOM   737 C  "C4'" . DT D 4 2  ? 27.23219  14.05460  -10.70049 1.000 255.60000 ? 2   DT D "C4'" 1 
ATOM   738 O  "O4'" . DT D 4 2  ? 26.95818  15.46437  -10.59137 1.000 212.29000 ? 2   DT D "O4'" 1 
ATOM   739 C  "C3'" . DT D 4 2  ? 26.27745  13.40390  -9.71671  1.000 271.43000 ? 2   DT D "C3'" 1 
ATOM   740 O  "O3'" . DT D 4 2  ? 26.90787  12.32840  -9.09332  1.000 288.27000 ? 2   DT D "O3'" 1 
ATOM   741 C  "C2'" . DT D 4 2  ? 25.94274  14.50193  -8.69931  1.000 253.18000 ? 2   DT D "C2'" 1 
ATOM   742 C  "C1'" . DT D 4 2  ? 26.54201  15.77029  -9.27452  1.000 239.22000 ? 2   DT D "C1'" 1 
ATOM   743 N  N1    . DT D 4 2  ? 25.53482  16.87303  -9.31499  1.000 252.22000 ? 2   DT D N1    1 
ATOM   744 C  C2    . DT D 4 2  ? 25.45531  17.77847  -8.26749  1.000 255.15000 ? 2   DT D C2    1 
ATOM   745 O  O2    . DT D 4 2  ? 26.20985  17.76057  -7.30826  1.000 230.86000 ? 2   DT D O2    1 
ATOM   746 N  N3    . DT D 4 2  ? 24.46200  18.73129  -8.41105  1.000 245.09000 ? 2   DT D N3    1 
ATOM   747 C  C4    . DT D 4 2  ? 23.55916  18.83945  -9.46389  1.000 218.01000 ? 2   DT D C4    1 
ATOM   748 O  O4    . DT D 4 2  ? 22.70382  19.71634  -9.51889  1.000 187.07000 ? 2   DT D O4    1 
ATOM   749 C  C5    . DT D 4 2  ? 23.69266  17.84783  -10.50144 1.000 210.48000 ? 2   DT D C5    1 
ATOM   750 C  C7    . DT D 4 2  ? 22.77017  17.86827  -11.68548 1.000 202.42000 ? 2   DT D C7    1 
ATOM   751 C  C6    . DT D 4 2  ? 24.65056  16.92077  -10.37045 1.000 221.89000 ? 2   DT D C6    1 
ATOM   752 P  P     . DG D 4 3  ? 27.94880  12.58240  -7.89789  1.000 295.46000 ? 3   DG D P     1 
ATOM   753 O  OP1   . DG D 4 3  ? 28.77732  13.77835  -8.16027  1.000 302.87000 ? 3   DG D OP1   1 
ATOM   754 O  OP2   . DG D 4 3  ? 28.59119  11.28056  -7.65233  1.000 330.22000 ? 3   DG D OP2   1 
ATOM   755 O  "O5'" . DG D 4 3  ? 27.04988  12.85951  -6.61884  1.000 216.62000 ? 3   DG D "O5'" 1 
ATOM   756 C  "C5'" . DG D 4 3  ? 27.64029  13.39162  -5.46559  1.000 260.04000 ? 3   DG D "C5'" 1 
ATOM   757 C  "C4'" . DG D 4 3  ? 26.57430  13.78544  -4.49750  1.000 237.09000 ? 3   DG D "C4'" 1 
ATOM   758 O  "O4'" . DG D 4 3  ? 25.74537  14.80444  -5.11374  1.000 231.64000 ? 3   DG D "O4'" 1 
ATOM   759 C  "C3'" . DG D 4 3  ? 25.62283  12.63828  -4.13714  1.000 249.11000 ? 3   DG D "C3'" 1 
ATOM   760 O  "O3'" . DG D 4 3  ? 25.21252  12.76967  -2.80929  1.000 224.79000 ? 3   DG D "O3'" 1 
ATOM   761 C  "C2'" . DG D 4 3  ? 24.45671  12.90444  -5.06852  1.000 291.63000 ? 3   DG D "C2'" 1 
ATOM   762 C  "C1'" . DG D 4 3  ? 24.42708  14.40382  -4.93711  1.000 227.77000 ? 3   DG D "C1'" 1 
ATOM   763 N  N9    . DG D 4 3  ? 23.52523  15.08971  -5.84332  1.000 217.30000 ? 3   DG D N9    1 
ATOM   764 C  C8    . DG D 4 3  ? 23.17941  14.75048  -7.12816  1.000 223.80000 ? 3   DG D C8    1 
ATOM   765 N  N7    . DG D 4 3  ? 22.29530  15.55695  -7.65442  1.000 220.72000 ? 3   DG D N7    1 
ATOM   766 C  C5    . DG D 4 3  ? 22.02836  16.46246  -6.63781  1.000 230.10000 ? 3   DG D C5    1 
ATOM   767 C  C6    . DG D 4 3  ? 21.15326  17.56637  -6.60377  1.000 241.91000 ? 3   DG D C6    1 
ATOM   768 O  O6    . DG D 4 3  ? 20.40817  17.98469  -7.49695  1.000 241.03000 ? 3   DG D O6    1 
ATOM   769 N  N1    . DG D 4 3  ? 21.19340  18.21370  -5.36179  1.000 253.40000 ? 3   DG D N1    1 
ATOM   770 C  C2    . DG D 4 3  ? 21.98446  17.83124  -4.29895  1.000 246.78000 ? 3   DG D C2    1 
ATOM   771 N  N2    . DG D 4 3  ? 21.90118  18.56659  -3.17479  1.000 280.76000 ? 3   DG D N2    1 
ATOM   772 N  N3    . DG D 4 3  ? 22.80602  16.80462  -4.33149  1.000 204.54000 ? 3   DG D N3    1 
ATOM   773 C  C4    . DG D 4 3  ? 22.77576  16.17413  -5.52472  1.000 207.74000 ? 3   DG D C4    1 
ATOM   774 P  P     . DA D 4 4  ? 26.11105  12.22217  -1.60017  1.000 250.68000 ? 4   DA D P     1 
ATOM   775 O  OP1   . DA D 4 4  ? 27.53326  12.45647  -1.91580  1.000 236.55000 ? 4   DA D OP1   1 
ATOM   776 O  OP2   . DA D 4 4  ? 25.66399  10.84945  -1.27807  1.000 250.38000 ? 4   DA D OP2   1 
ATOM   777 O  "O5'" . DA D 4 4  ? 25.68929  13.19264  -0.40313  1.000 254.87000 ? 4   DA D "O5'" 1 
ATOM   778 C  "C5'" . DA D 4 4  ? 25.60665  14.60247  -0.64997  1.000 234.39000 ? 4   DA D "C5'" 1 
ATOM   779 C  "C4'" . DA D 4 4  ? 24.58474  15.27855  0.25457   1.000 261.94000 ? 4   DA D "C4'" 1 
ATOM   780 O  "O4'" . DA D 4 4  ? 23.58519  15.94984  -0.55893  1.000 252.14000 ? 4   DA D "O4'" 1 
ATOM   781 C  "C3'" . DA D 4 4  ? 23.79037  14.34627  1.15460   1.000 223.07000 ? 4   DA D "C3'" 1 
ATOM   782 O  "O3'" . DA D 4 4  ? 23.31110  15.05727  2.25849   1.000 228.82000 ? 4   DA D "O3'" 1 
ATOM   783 C  "C2'" . DA D 4 4  ? 22.64793  13.96580  0.25201   1.000 208.89000 ? 4   DA D "C2'" 1 
ATOM   784 C  "C1'" . DA D 4 4  ? 22.34108  15.29627  -0.40609  1.000 215.55000 ? 4   DA D "C1'" 1 
ATOM   785 N  N9    . DA D 4 4  ? 21.76526  15.10220  -1.70855  1.000 225.98000 ? 4   DA D N9    1 
ATOM   786 C  C8    . DA D 4 4  ? 22.18793  14.21104  -2.63995  1.000 229.31000 ? 4   DA D C8    1 
ATOM   787 N  N7    . DA D 4 4  ? 21.47304  14.20442  -3.73628  1.000 191.05000 ? 4   DA D N7    1 
ATOM   788 C  C5    . DA D 4 4  ? 20.49535  15.15011  -3.49799  1.000 202.86000 ? 4   DA D C5    1 
ATOM   789 C  C6    . DA D 4 4  ? 19.42327  15.62411  -4.28313  1.000 207.77000 ? 4   DA D C6    1 
ATOM   790 N  N6    . DA D 4 4  ? 19.15138  15.17500  -5.51805  1.000 208.39000 ? 4   DA D N6    1 
ATOM   791 N  N1    . DA D 4 4  ? 18.63691  16.57699  -3.74343  1.000 249.91000 ? 4   DA D N1    1 
ATOM   792 C  C2    . DA D 4 4  ? 18.91640  17.02566  -2.50513  1.000 259.19000 ? 4   DA D C2    1 
ATOM   793 N  N3    . DA D 4 4  ? 19.89838  16.65802  -1.67617  1.000 232.29000 ? 4   DA D N3    1 
ATOM   794 C  C4    . DA D 4 4  ? 20.65861  15.71296  -2.24000  1.000 225.94000 ? 4   DA D C4    1 
ATOM   795 P  P     . DT D 4 5  ? 22.47036  14.30858  3.40032   1.000 250.50000 ? 5   DT D P     1 
ATOM   796 O  OP1   . DT D 4 5  ? 23.28659  14.38379  4.62654   1.000 244.92000 ? 5   DT D OP1   1 
ATOM   797 O  OP2   . DT D 4 5  ? 22.02154  12.98418  2.92212   1.000 275.55000 ? 5   DT D OP2   1 
ATOM   798 O  "O5'" . DT D 4 5  ? 21.19934  15.24782  3.61720   1.000 232.37000 ? 5   DT D "O5'" 1 
ATOM   799 C  "C5'" . DT D 4 5  ? 20.69053  15.99733  2.53874   1.000 217.91000 ? 5   DT D "C5'" 1 
ATOM   800 C  "C4'" . DT D 4 5  ? 19.55674  16.90156  2.98458   1.000 227.75000 ? 5   DT D "C4'" 1 
ATOM   801 O  "O4'" . DT D 4 5  ? 18.71837  17.18847  1.84333   1.000 224.31000 ? 5   DT D "O4'" 1 
ATOM   802 C  "C3'" . DT D 4 5  ? 18.61164  16.30349  4.01795   1.000 226.62000 ? 5   DT D "C3'" 1 
ATOM   803 O  "O3'" . DT D 4 5  ? 17.92593  17.34391  4.73170   1.000 231.02000 ? 5   DT D "O3'" 1 
ATOM   804 C  "C2'" . DT D 4 5  ? 17.65646  15.51278  3.14197   1.000 185.04000 ? 5   DT D "C2'" 1 
ATOM   805 C  "C1'" . DT D 4 5  ? 17.55377  16.38392  1.88807   1.000 219.80000 ? 5   DT D "C1'" 1 
ATOM   806 N  N1    . DT D 4 5  ? 17.51852  15.57945  0.66145   1.000 212.07000 ? 5   DT D N1    1 
ATOM   807 C  C2    . DT D 4 5  ? 16.60052  15.86029  -0.32682  1.000 208.59000 ? 5   DT D C2    1 
ATOM   808 O  O2    . DT D 4 5  ? 15.79092  16.77199  -0.25704  1.000 219.58000 ? 5   DT D O2    1 
ATOM   809 N  N3    . DT D 4 5  ? 16.67303  15.02613  -1.41388  1.000 201.77000 ? 5   DT D N3    1 
ATOM   810 C  C4    . DT D 4 5  ? 17.54430  13.97444  -1.60188  1.000 198.04000 ? 5   DT D C4    1 
ATOM   811 O  O4    . DT D 4 5  ? 17.53466  13.28470  -2.61648  1.000 204.04000 ? 5   DT D O4    1 
ATOM   812 C  C5    . DT D 4 5  ? 18.46875  13.74009  -0.52006  1.000 210.22000 ? 5   DT D C5    1 
ATOM   813 C  C7    . DT D 4 5  ? 19.46169  12.62490  -0.59879  1.000 197.48000 ? 5   DT D C7    1 
ATOM   814 C  C6    . DT D 4 5  ? 18.40717  14.54108  0.53992   1.000 210.43000 ? 5   DT D C6    1 
ATOM   815 P  P     . DG D 4 6  ? 16.58376  17.03225  5.56727   1.000 234.58000 ? 6   DG D P     1 
ATOM   816 O  OP1   . DG D 4 6  ? 16.44338  18.08276  6.59650   1.000 207.75000 ? 6   DG D OP1   1 
ATOM   817 O  OP2   . DG D 4 6  ? 16.59893  15.60715  5.97406   1.000 215.78000 ? 6   DG D OP2   1 
ATOM   818 O  "O5'" . DG D 4 6  ? 15.40074  17.30574  4.52369   1.000 200.26000 ? 6   DG D "O5'" 1 
ATOM   819 C  "C5'" . DG D 4 6  ? 15.03572  18.65080  4.21078   1.000 238.23000 ? 6   DG D "C5'" 1 
ATOM   820 C  "C4'" . DG D 4 6  ? 13.78249  18.70957  3.34762   1.000 206.18000 ? 6   DG D "C4'" 1 
ATOM   821 O  "O4'" . DG D 4 6  ? 13.95203  17.87529  2.17658   1.000 190.58000 ? 6   DG D "O4'" 1 
ATOM   822 C  "C3'" . DG D 4 6  ? 12.50249  18.24736  4.02965   1.000 184.13000 ? 6   DG D "C3'" 1 
ATOM   823 O  "O3'" . DG D 4 6  ? 11.43136  19.11573  3.70081   1.000 192.35000 ? 6   DG D "O3'" 1 
ATOM   824 C  "C2'" . DG D 4 6  ? 12.29315  16.83789  3.48007   1.000 169.67000 ? 6   DG D "C2'" 1 
ATOM   825 C  "C1'" . DG D 4 6  ? 12.91869  16.91610  2.09648   1.000 188.66000 ? 6   DG D "C1'" 1 
ATOM   826 N  N9    . DG D 4 6  ? 13.50795  15.64320  1.63198   1.000 195.75000 ? 6   DG D N9    1 
ATOM   827 C  C8    . DG D 4 6  ? 14.44899  14.87976  2.28456   1.000 227.13000 ? 6   DG D C8    1 
ATOM   828 N  N7    . DG D 4 6  ? 14.79989  13.80535  1.62690   1.000 248.65000 ? 6   DG D N7    1 
ATOM   829 C  C5    . DG D 4 6  ? 14.04736  13.85673  0.45705   1.000 196.09000 ? 6   DG D C5    1 
ATOM   830 C  C6    . DG D 4 6  ? 13.99670  12.96346  -0.64696  1.000 190.93000 ? 6   DG D C6    1 
ATOM   831 O  O6    . DG D 4 6  ? 14.63234  11.91586  -0.81874  1.000 220.44000 ? 6   DG D O6    1 
ATOM   832 N  N1    . DG D 4 6  ? 13.10193  13.38991  -1.62748  1.000 195.08000 ? 6   DG D N1    1 
ATOM   833 C  C2    . DG D 4 6  ? 12.34366  14.52461  -1.54892  1.000 205.31000 ? 6   DG D C2    1 
ATOM   834 N  N2    . DG D 4 6  ? 11.53564  14.77558  -2.58369  1.000 267.68000 ? 6   DG D N2    1 
ATOM   835 N  N3    . DG D 4 6  ? 12.38198  15.37232  -0.52959  1.000 180.65000 ? 6   DG D N3    1 
ATOM   836 C  C4    . DG D 4 6  ? 13.24933  14.97921  0.43855   1.000 182.92000 ? 6   DG D C4    1 
ATOM   837 P  P     . DT D 4 7  ? 10.13065  19.18485  4.63951   1.000 217.13000 ? 7   DT D P     1 
ATOM   838 O  OP1   . DT D 4 7  ? 9.81151   20.56969  5.04802   1.000 225.77000 ? 7   DT D OP1   1 
ATOM   839 O  OP2   . DT D 4 7  ? 10.31653  18.20182  5.71482   1.000 275.97000 ? 7   DT D OP2   1 
ATOM   840 O  "O5'" . DT D 4 7  ? 8.99806   18.63168  3.68639   1.000 166.90000 ? 7   DT D "O5'" 1 
ATOM   841 C  "C5'" . DT D 4 7  ? 8.94261   17.26483  3.43418   1.000 180.44000 ? 7   DT D "C5'" 1 
ATOM   842 C  "C4'" . DT D 4 7  ? 8.29820   16.99160  2.10601   1.000 167.96000 ? 7   DT D "C4'" 1 
ATOM   843 O  "O4'" . DT D 4 7  ? 9.27735   16.43799  1.20186   1.000 167.88000 ? 7   DT D "O4'" 1 
ATOM   844 C  "C3'" . DT D 4 7  ? 7.21653   15.95014  2.15649   1.000 157.27000 ? 7   DT D "C3'" 1 
ATOM   845 O  "O3'" . DT D 4 7  ? 6.02056   16.54576  2.56554   1.000 143.09000 ? 7   DT D "O3'" 1 
ATOM   846 C  "C2'" . DT D 4 7  ? 7.16916   15.50049  0.70546   1.000 161.26000 ? 7   DT D "C2'" 1 
ATOM   847 C  "C1'" . DT D 4 7  ? 8.65309   15.48542  0.35371   1.000 179.33000 ? 7   DT D "C1'" 1 
ATOM   848 N  N1    . DT D 4 7  ? 9.32353   14.14207  0.54133   1.000 176.45000 ? 7   DT D N1    1 
ATOM   849 C  C2    . DT D 4 7  ? 9.12691   13.15984  -0.39703  1.000 203.79000 ? 7   DT D C2    1 
ATOM   850 O  O2    . DT D 4 7  ? 8.42753   13.30958  -1.37925  1.000 327.95000 ? 7   DT D O2    1 
ATOM   851 N  N3    . DT D 4 7  ? 9.78614   11.98503  -0.14990  1.000 179.02000 ? 7   DT D N3    1 
ATOM   852 C  C4    . DT D 4 7  ? 10.59413  11.69060  0.92795   1.000 171.49000 ? 7   DT D C4    1 
ATOM   853 O  O4    . DT D 4 7  ? 11.14350  10.59779  1.05049   1.000 263.49000 ? 7   DT D O4    1 
ATOM   854 C  C5    . DT D 4 7  ? 10.76810  12.76580  1.87685   1.000 161.62000 ? 7   DT D C5    1 
ATOM   855 C  C7    . DT D 4 7  ? 11.63636  12.57236  3.08428   1.000 197.96000 ? 7   DT D C7    1 
ATOM   856 C  C6    . DT D 4 7  ? 10.13037  13.92510  1.64118   1.000 156.80000 ? 7   DT D C6    1 
HETATM 857 AG AG    . AG E 5 .  ? -1.44057  2.98797   1.42446   0.493 42.74000  ? 101 AG B AG    1 
# 
loop_
_pdbx_poly_seq_scheme.asym_id 
_pdbx_poly_seq_scheme.entity_id 
_pdbx_poly_seq_scheme.seq_id 
_pdbx_poly_seq_scheme.mon_id 
_pdbx_poly_seq_scheme.ndb_seq_num 
_pdbx_poly_seq_scheme.pdb_seq_num 
_pdbx_poly_seq_scheme.auth_seq_num 
_pdbx_poly_seq_scheme.pdb_mon_id 
_pdbx_poly_seq_scheme.auth_mon_id 
_pdbx_poly_seq_scheme.pdb_strand_id 
_pdbx_poly_seq_scheme.pdb_ins_code 
_pdbx_poly_seq_scheme.hetero 
A 1 1  DG 1  1  1  DG DG A . n 
A 1 2  DA 2  2  2  DA DA A . n 
A 1 3  DG 3  3  3  DG DG A . n 
A 1 4  DC 4  4  4  DC DC A . n 
A 1 5  DA 5  5  5  DA DA A . n 
A 1 6  DG 6  6  6  DG DG A . n 
A 1 7  DC 7  7  7  DC DC A . n 
A 1 8  DC 8  8  8  DC DC A . n 
A 1 9  DT 9  9  9  DT DT A . n 
A 1 10 DG 10 10 10 DG DG A . n 
A 1 11 DT 11 11 11 DT DT A . n 
A 1 12 DU 12 12 12 DU DU A . n 
A 1 13 DT 13 13 13 DT DT A . n 
A 1 14 DG 14 14 14 DG DG A . n 
A 1 15 DG 15 15 15 DG DG A . n 
A 1 16 DA 16 16 16 DA DA A . n 
A 1 17 DC 17 17 17 DC DC A . n 
A 1 18 DA 18 18 18 DA DA A . n 
A 1 19 DT 19 19 19 DT DT A . n 
A 1 20 DC 20 20 20 DC DC A . n 
A 1 21 DA 21 21 21 DA DA A . n 
B 2 1  DC 1  1  1  DC DC B . n 
B 2 2  DC 2  2  2  DC DC B . n 
B 2 3  DA 3  3  3  DA DA B . n 
B 2 4  DU 4  4  4  DU DU B . n 
B 2 5  DA 5  5  5  DA DA B . n 
B 2 6  DC 6  6  6  DC DC B . n 
B 2 7  DA 7  7  7  DA DA B . n 
C 3 1  DG 1  8  8  DG DG C . n 
C 3 2  DG 2  9  9  DG DG C . n 
C 3 3  DC 3  10 10 DC DC C . n 
C 3 4  DT 4  11 11 DT DT C . n 
C 3 5  DG 5  12 12 DG DG C . n 
C 3 6  DC 6  13 13 DC DC C . n 
C 3 7  DT 7  14 14 DT DT C . n 
D 4 1  DC 1  1  1  DC DC D . n 
D 4 2  DT 2  2  2  DT DT D . n 
D 4 3  DG 3  3  3  DG DG D . n 
D 4 4  DA 4  4  4  DA DA D . n 
D 4 5  DT 5  5  5  DT DT D . n 
D 4 6  DG 6  6  6  DG DG D . n 
D 4 7  DT 7  7  7  DT DT D . n 
# 
_pdbx_contact_author.id                 3 
_pdbx_contact_author.email              ncs01@nyu.edu 
_pdbx_contact_author.name_first         Nadrian 
_pdbx_contact_author.name_last          Seeman 
_pdbx_contact_author.name_mi            ? 
_pdbx_contact_author.role               'principal investigator/group leader' 
_pdbx_contact_author.identifier_ORCID   0000-0002-9680-4649 
# 
_pdbx_nonpoly_scheme.asym_id         E 
_pdbx_nonpoly_scheme.entity_id       5 
_pdbx_nonpoly_scheme.mon_id          AG 
_pdbx_nonpoly_scheme.ndb_seq_num     1 
_pdbx_nonpoly_scheme.pdb_seq_num     101 
_pdbx_nonpoly_scheme.auth_seq_num    4 
_pdbx_nonpoly_scheme.pdb_mon_id      AG 
_pdbx_nonpoly_scheme.auth_mon_id     AG 
_pdbx_nonpoly_scheme.pdb_strand_id   B 
_pdbx_nonpoly_scheme.pdb_ins_code    . 
# 
_pdbx_struct_assembly.id                   1 
_pdbx_struct_assembly.details              author_defined_assembly 
_pdbx_struct_assembly.method_details       ? 
_pdbx_struct_assembly.oligomeric_details   dodecameric 
_pdbx_struct_assembly.oligomeric_count     12 
# 
loop_
_pdbx_struct_assembly_gen.assembly_id 
_pdbx_struct_assembly_gen.oper_expression 
_pdbx_struct_assembly_gen.asym_id_list 
1 1 A,B,C,D,E 
1 2 A,B,C,D,E 
1 3 A,B,C,D,E 
# 
loop_
_pdbx_struct_oper_list.id 
_pdbx_struct_oper_list.type 
_pdbx_struct_oper_list.name 
_pdbx_struct_oper_list.symmetry_operation 
_pdbx_struct_oper_list.matrix[1][1] 
_pdbx_struct_oper_list.matrix[1][2] 
_pdbx_struct_oper_list.matrix[1][3] 
_pdbx_struct_oper_list.vector[1] 
_pdbx_struct_oper_list.matrix[2][1] 
_pdbx_struct_oper_list.matrix[2][2] 
_pdbx_struct_oper_list.matrix[2][3] 
_pdbx_struct_oper_list.vector[2] 
_pdbx_struct_oper_list.matrix[3][1] 
_pdbx_struct_oper_list.matrix[3][2] 
_pdbx_struct_oper_list.matrix[3][3] 
_pdbx_struct_oper_list.vector[3] 
1 'identity operation'         1_555 x,y,z     1.0000000000 0.0000000000  0.0000000000  0.0000000000 0.0000000000  1.0000000000  0.0000000000  0.0000000000  0.0000000000  0.0000000000  1.0000000000  0.0000000000  
2 'crystal symmetry operation' 2_555 -y,x-y,z  0.8027324871 -0.2450093739 -0.5436827759 9.0128590344 -0.5959064789 -0.3642968763 -0.7156697942 16.2317426550 -0.0227161288 0.8984754825  -0.4384356108 17.3608365644 
3 'crystal symmetry operation' 3_555 -x+y,-x,z 0.8027324871 -0.5959064789 -0.0227161288 2.8320568626 -0.2450093739 -0.3642968763 0.8984754825  -7.4768779144 -0.5436827759 -0.7156697942 -0.4384356108 24.1283131277 
# 
loop_
_pdbx_struct_conn_angle.id 
_pdbx_struct_conn_angle.ptnr1_label_atom_id 
_pdbx_struct_conn_angle.ptnr1_label_alt_id 
_pdbx_struct_conn_angle.ptnr1_label_asym_id 
_pdbx_struct_conn_angle.ptnr1_label_comp_id 
_pdbx_struct_conn_angle.ptnr1_label_seq_id 
_pdbx_struct_conn_angle.ptnr1_auth_atom_id 
_pdbx_struct_conn_angle.ptnr1_auth_asym_id 
_pdbx_struct_conn_angle.ptnr1_auth_comp_id 
_pdbx_struct_conn_angle.ptnr1_auth_seq_id 
_pdbx_struct_conn_angle.ptnr1_PDB_ins_code 
_pdbx_struct_conn_angle.ptnr1_symmetry 
_pdbx_struct_conn_angle.ptnr2_label_atom_id 
_pdbx_struct_conn_angle.ptnr2_label_alt_id 
_pdbx_struct_conn_angle.ptnr2_label_asym_id 
_pdbx_struct_conn_angle.ptnr2_label_comp_id 
_pdbx_struct_conn_angle.ptnr2_label_seq_id 
_pdbx_struct_conn_angle.ptnr2_auth_atom_id 
_pdbx_struct_conn_angle.ptnr2_auth_asym_id 
_pdbx_struct_conn_angle.ptnr2_auth_comp_id 
_pdbx_struct_conn_angle.ptnr2_auth_seq_id 
_pdbx_struct_conn_angle.ptnr2_PDB_ins_code 
_pdbx_struct_conn_angle.ptnr2_symmetry 
_pdbx_struct_conn_angle.ptnr3_label_atom_id 
_pdbx_struct_conn_angle.ptnr3_label_alt_id 
_pdbx_struct_conn_angle.ptnr3_label_asym_id 
_pdbx_struct_conn_angle.ptnr3_label_comp_id 
_pdbx_struct_conn_angle.ptnr3_label_seq_id 
_pdbx_struct_conn_angle.ptnr3_auth_atom_id 
_pdbx_struct_conn_angle.ptnr3_auth_asym_id 
_pdbx_struct_conn_angle.ptnr3_auth_comp_id 
_pdbx_struct_conn_angle.ptnr3_auth_seq_id 
_pdbx_struct_conn_angle.ptnr3_PDB_ins_code 
_pdbx_struct_conn_angle.ptnr3_symmetry 
_pdbx_struct_conn_angle.value 
_pdbx_struct_conn_angle.value_esd 
1 O4 ? A DU 12 ? A DU 12 ? 1_555 AG ? E AG . ? B AG 101 ? 1_555 N3 ? B DU 4 ? B DU 4 ? 1_555 117.9 ? 
2 O4 ? A DU 12 ? A DU 12 ? 1_555 AG ? E AG . ? B AG 101 ? 1_555 O4 ? B DU 4 ? B DU 4 ? 1_555 179.3 ? 
3 N3 ? B DU 4  ? B DU 4  ? 1_555 AG ? E AG . ? B AG 101 ? 1_555 O4 ? B DU 4 ? B DU 4 ? 1_555 62.7  ? 
# 
loop_
_pdbx_audit_revision_history.ordinal 
_pdbx_audit_revision_history.data_content_type 
_pdbx_audit_revision_history.major_revision 
_pdbx_audit_revision_history.minor_revision 
_pdbx_audit_revision_history.revision_date 
1 'Structure model' 1 0 2022-10-26 
2 'Structure model' 1 1 2023-08-09 
3 'Structure model' 1 2 2023-08-30 
# 
_pdbx_audit_revision_details.ordinal             1 
_pdbx_audit_revision_details.revision_ordinal    1 
_pdbx_audit_revision_details.data_content_type   'Structure model' 
_pdbx_audit_revision_details.provider            repository 
_pdbx_audit_revision_details.type                'Initial release' 
_pdbx_audit_revision_details.description         ? 
_pdbx_audit_revision_details.details             ? 
# 
loop_
_pdbx_audit_revision_group.ordinal 
_pdbx_audit_revision_group.revision_ordinal 
_pdbx_audit_revision_group.data_content_type 
_pdbx_audit_revision_group.group 
1 2 'Structure model' 'Database references'        
2 3 'Structure model' 'Author supporting evidence' 
3 3 'Structure model' 'Data collection'            
4 3 'Structure model' 'Database references'        
# 
loop_
_pdbx_audit_revision_category.ordinal 
_pdbx_audit_revision_category.revision_ordinal 
_pdbx_audit_revision_category.data_content_type 
_pdbx_audit_revision_category.category 
1 2 'Structure model' citation           
2 2 'Structure model' citation_author    
3 3 'Structure model' chem_comp_atom     
4 3 'Structure model' chem_comp_bond     
5 3 'Structure model' citation           
6 3 'Structure model' citation_author    
7 3 'Structure model' pdbx_audit_support 
# 
loop_
_pdbx_audit_revision_item.ordinal 
_pdbx_audit_revision_item.revision_ordinal 
_pdbx_audit_revision_item.data_content_type 
_pdbx_audit_revision_item.item 
1  2 'Structure model' '_citation.country'                 
2  2 'Structure model' '_citation.journal_abbrev'          
3  2 'Structure model' '_citation.journal_id_ASTM'         
4  2 'Structure model' '_citation.journal_id_CSD'          
5  2 'Structure model' '_citation.journal_id_ISSN'         
6  2 'Structure model' '_citation.pdbx_database_id_DOI'    
7  2 'Structure model' '_citation.pdbx_database_id_PubMed' 
8  2 'Structure model' '_citation.title'                   
9  2 'Structure model' '_citation.year'                    
10 3 'Structure model' '_citation.journal_volume'          
11 3 'Structure model' '_citation.page_first'              
12 3 'Structure model' '_citation.page_last'               
13 3 'Structure model' '_citation_author.identifier_ORCID' 
14 3 'Structure model' '_pdbx_audit_support.country'       
# 
loop_
_space_group_symop.id 
_space_group_symop.operation_xyz 
1 x,y,z                 
2 -y,x-y,z              
3 -x+y,-x,z             
4 x+1/3,y+2/3,z+2/3     
5 -y+1/3,x-y+2/3,z+2/3  
6 -x+y+1/3,-x+2/3,z+2/3 
7 x+2/3,y+1/3,z+1/3     
8 -y+2/3,x-y+1/3,z+1/3  
9 -x+y+2/3,-x+1/3,z+1/3 
# 
loop_
_software.citation_id 
_software.classification 
_software.compiler_name 
_software.compiler_version 
_software.contact_author 
_software.contact_author_email 
_software.date 
_software.description 
_software.dependencies 
_software.hardware 
_software.language 
_software.location 
_software.mods 
_software.name 
_software.os 
_software.os_version 
_software.type 
_software.version 
_software.pdbx_ordinal 
? refinement       ? ? ? ? ? ? ? ? ? ? ? PHENIX    ? ? ? 1.19.2_4158 1 
? 'data reduction' ? ? ? ? ? ? ? ? ? ? ? autoPROC  ? ? ? .           2 
? 'data scaling'   ? ? ? ? ? ? ? ? ? ? ? STARANISO ? ? ? .           3 
? phasing          ? ? ? ? ? ? ? ? ? ? ? AutoSol   ? ? ? .           4 
# 
_pdbx_entry_details.entry_id                 7SLK 
_pdbx_entry_details.has_ligand_of_interest   Y 
_pdbx_entry_details.compound_details         ? 
_pdbx_entry_details.source_details           ? 
_pdbx_entry_details.nonpolymer_details       ? 
_pdbx_entry_details.sequence_details         ? 
# 
loop_
_pdbx_validate_rmsd_bond.id 
_pdbx_validate_rmsd_bond.PDB_model_num 
_pdbx_validate_rmsd_bond.auth_atom_id_1 
_pdbx_validate_rmsd_bond.auth_asym_id_1 
_pdbx_validate_rmsd_bond.auth_comp_id_1 
_pdbx_validate_rmsd_bond.auth_seq_id_1 
_pdbx_validate_rmsd_bond.PDB_ins_code_1 
_pdbx_validate_rmsd_bond.label_alt_id_1 
_pdbx_validate_rmsd_bond.auth_atom_id_2 
_pdbx_validate_rmsd_bond.auth_asym_id_2 
_pdbx_validate_rmsd_bond.auth_comp_id_2 
_pdbx_validate_rmsd_bond.auth_seq_id_2 
_pdbx_validate_rmsd_bond.PDB_ins_code_2 
_pdbx_validate_rmsd_bond.label_alt_id_2 
_pdbx_validate_rmsd_bond.bond_value 
_pdbx_validate_rmsd_bond.bond_target_value 
_pdbx_validate_rmsd_bond.bond_deviation 
_pdbx_validate_rmsd_bond.bond_standard_deviation 
_pdbx_validate_rmsd_bond.linker_flag 
1  1 "C5'" A DG 3  ? ? "C4'" A DG 3  ? ? 1.567 1.512 0.055  0.007 N 
2  1 "O3'" A DC 7  ? ? "C3'" A DC 7  ? ? 1.378 1.419 -0.041 0.006 N 
3  1 N9    A DG 10 ? ? C4    A DG 10 ? ? 1.321 1.375 -0.054 0.008 N 
4  1 "C4'" A DU 12 ? ? "C3'" A DU 12 ? ? 1.600 1.529 0.071  0.010 N 
5  1 "C3'" A DU 12 ? ? "C2'" A DU 12 ? ? 1.250 1.516 -0.266 0.008 N 
6  1 "C2'" A DU 12 ? ? "C1'" A DU 12 ? ? 1.638 1.519 0.119  0.010 N 
7  1 "O4'" A DU 12 ? ? "C1'" A DU 12 ? ? 1.315 1.418 -0.103 0.012 N 
8  1 "O3'" A DU 12 ? ? "C3'" A DU 12 ? ? 1.537 1.435 0.102  0.013 N 
9  1 C2    A DU 12 ? ? O2    A DU 12 ? ? 1.161 1.219 -0.058 0.009 N 
10 1 C4    A DU 12 ? ? O4    A DU 12 ? ? 1.172 1.232 -0.060 0.008 N 
11 1 N1    A DU 12 ? ? C2    A DU 12 ? ? 1.480 1.381 0.099  0.009 N 
12 1 N1    A DU 12 ? ? C6    A DU 12 ? ? 1.453 1.375 0.078  0.009 N 
13 1 C2    A DU 12 ? ? N3    A DU 12 ? ? 1.505 1.373 0.132  0.007 N 
14 1 N3    A DU 12 ? ? C4    A DU 12 ? ? 1.448 1.380 0.068  0.009 N 
15 1 C5    A DU 12 ? ? C6    A DU 12 ? ? 1.516 1.337 0.179  0.009 N 
16 1 "O3'" A DT 13 ? ? "C3'" A DT 13 ? ? 1.348 1.419 -0.071 0.006 N 
17 1 "C5'" B DU 4  ? ? "C4'" B DU 4  ? ? 1.409 1.509 -0.100 0.011 N 
18 1 "C3'" B DU 4  ? ? "C2'" B DU 4  ? ? 1.230 1.516 -0.286 0.008 N 
19 1 "C2'" B DU 4  ? ? "C1'" B DU 4  ? ? 1.633 1.519 0.114  0.010 N 
20 1 "O4'" B DU 4  ? ? "C1'" B DU 4  ? ? 1.309 1.418 -0.109 0.012 N 
21 1 "O3'" B DU 4  ? ? "C3'" B DU 4  ? ? 1.515 1.435 0.080  0.013 N 
22 1 N1    B DU 4  ? ? C2    B DU 4  ? ? 1.502 1.381 0.121  0.009 N 
23 1 N1    B DU 4  ? ? C6    B DU 4  ? ? 1.441 1.375 0.066  0.009 N 
24 1 C2    B DU 4  ? ? N3    B DU 4  ? ? 1.493 1.373 0.120  0.007 N 
25 1 N3    B DU 4  ? ? C4    B DU 4  ? ? 1.468 1.380 0.088  0.009 N 
26 1 C5    B DU 4  ? ? C6    B DU 4  ? ? 1.485 1.337 0.148  0.009 N 
27 1 "O3'" C DG 8  ? ? "C3'" C DG 8  ? ? 1.372 1.419 -0.047 0.006 N 
28 1 P     D DC 1  ? ? OP3   D DC 1  ? ? 1.478 1.607 -0.129 0.012 N 
# 
loop_
_pdbx_validate_rmsd_angle.id 
_pdbx_validate_rmsd_angle.PDB_model_num 
_pdbx_validate_rmsd_angle.auth_atom_id_1 
_pdbx_validate_rmsd_angle.auth_asym_id_1 
_pdbx_validate_rmsd_angle.auth_comp_id_1 
_pdbx_validate_rmsd_angle.auth_seq_id_1 
_pdbx_validate_rmsd_angle.PDB_ins_code_1 
_pdbx_validate_rmsd_angle.label_alt_id_1 
_pdbx_validate_rmsd_angle.auth_atom_id_2 
_pdbx_validate_rmsd_angle.auth_asym_id_2 
_pdbx_validate_rmsd_angle.auth_comp_id_2 
_pdbx_validate_rmsd_angle.auth_seq_id_2 
_pdbx_validate_rmsd_angle.PDB_ins_code_2 
_pdbx_validate_rmsd_angle.label_alt_id_2 
_pdbx_validate_rmsd_angle.auth_atom_id_3 
_pdbx_validate_rmsd_angle.auth_asym_id_3 
_pdbx_validate_rmsd_angle.auth_comp_id_3 
_pdbx_validate_rmsd_angle.auth_seq_id_3 
_pdbx_validate_rmsd_angle.PDB_ins_code_3 
_pdbx_validate_rmsd_angle.label_alt_id_3 
_pdbx_validate_rmsd_angle.angle_value 
_pdbx_validate_rmsd_angle.angle_target_value 
_pdbx_validate_rmsd_angle.angle_deviation 
_pdbx_validate_rmsd_angle.angle_standard_deviation 
_pdbx_validate_rmsd_angle.linker_flag 
1  1 "O4'" A DA 2  ? ? "C1'" A DA 2  ? ? N9    A DA 2  ? ? 112.92 108.30 4.62   0.30 N 
2  1 "O4'" A DG 3  ? ? "C1'" A DG 3  ? ? N9    A DG 3  ? ? 110.54 108.30 2.24   0.30 N 
3  1 "O4'" A DC 7  ? ? "C1'" A DC 7  ? ? N1    A DC 7  ? ? 111.72 108.30 3.42   0.30 N 
4  1 "O4'" A DG 10 ? ? "C1'" A DG 10 ? ? N9    A DG 10 ? ? 110.10 108.30 1.80   0.30 N 
5  1 "O4'" A DT 11 ? ? "C1'" A DT 11 ? ? N1    A DT 11 ? ? 112.94 108.30 4.64   0.30 N 
6  1 P     A DU 12 ? ? "O5'" A DU 12 ? ? "C5'" A DU 12 ? ? 111.28 120.90 -9.62  1.60 N 
7  1 "O4'" A DU 12 ? ? "C4'" A DU 12 ? ? "C3'" A DU 12 ? ? 100.77 104.50 -3.73  0.40 N 
8  1 "C5'" A DU 12 ? ? "C4'" A DU 12 ? ? "O4'" A DU 12 ? ? 122.53 109.80 12.73  1.10 N 
9  1 "C4'" A DU 12 ? ? "C3'" A DU 12 ? ? "C2'" A DU 12 ? ? 109.27 103.10 6.17   0.90 N 
10 1 "O4'" A DU 12 ? ? "C1'" A DU 12 ? ? N1    A DU 12 ? ? 114.87 108.30 6.57   0.30 N 
11 1 C6    A DU 12 ? ? N1    A DU 12 ? ? C2    A DU 12 ? ? 113.41 121.00 -7.59  0.60 N 
12 1 N1    A DU 12 ? ? C2    A DU 12 ? ? N3    A DU 12 ? ? 125.89 114.90 10.99  0.60 N 
13 1 C2    A DU 12 ? ? N3    A DU 12 ? ? C4    A DU 12 ? ? 118.74 127.00 -8.26  0.60 N 
14 1 N1    A DU 12 ? ? C2    A DU 12 ? ? O2    A DU 12 ? ? 114.28 122.80 -8.52  0.70 N 
15 1 C5    A DU 12 ? ? C4    A DU 12 ? ? O4    A DU 12 ? ? 118.88 125.90 -7.02  0.60 N 
16 1 "O4'" A DC 17 ? ? "C1'" A DC 17 ? ? N1    A DC 17 ? ? 110.12 108.30 1.82   0.30 N 
17 1 "O4'" A DT 19 ? ? "C1'" A DT 19 ? ? N1    A DT 19 ? ? 110.33 108.30 2.03   0.30 N 
18 1 "C3'" A DA 21 ? ? "C2'" A DA 21 ? ? "C1'" A DA 21 ? ? 97.27  102.40 -5.13  0.80 N 
19 1 OP1   B DU 4  ? ? P     B DU 4  ? ? OP2   B DU 4  ? ? 110.52 119.60 -9.08  1.50 N 
20 1 "C1'" B DU 4  ? ? "O4'" B DU 4  ? ? "C4'" B DU 4  ? ? 104.02 110.10 -6.08  1.00 N 
21 1 N1    B DU 4  ? ? C2    B DU 4  ? ? N3    B DU 4  ? ? 119.05 114.90 4.15   0.60 N 
22 1 C2    B DU 4  ? ? N3    B DU 4  ? ? C4    B DU 4  ? ? 120.94 127.00 -6.06  0.60 N 
23 1 N3    B DU 4  ? ? C4    B DU 4  ? ? C5    B DU 4  ? ? 119.79 114.60 5.19   0.60 N 
24 1 N3    B DU 4  ? ? C4    B DU 4  ? ? O4    B DU 4  ? ? 124.82 119.40 5.42   0.70 N 
25 1 C5    B DU 4  ? ? C4    B DU 4  ? ? O4    B DU 4  ? ? 115.39 125.90 -10.51 0.60 N 
26 1 C2    B DU 4  ? ? N1    B DU 4  ? ? "C1'" B DU 4  ? ? 128.64 117.70 10.94  1.20 N 
27 1 "O4'" B DC 6  ? ? "C1'" B DC 6  ? ? N1    B DC 6  ? ? 110.58 108.30 2.28   0.30 N 
28 1 "O4'" B DA 7  ? ? "C1'" B DA 7  ? ? N9    B DA 7  ? ? 111.25 108.30 2.95   0.30 N 
29 1 "O4'" C DG 12 ? ? "C1'" C DG 12 ? ? N9    C DG 12 ? ? 110.64 108.30 2.34   0.30 N 
30 1 "O4'" D DC 1  ? ? "C1'" D DC 1  ? ? N1    D DC 1  ? ? 111.25 108.30 2.95   0.30 N 
31 1 "O4'" D DG 3  ? ? "C1'" D DG 3  ? ? N9    D DG 3  ? ? 111.97 108.30 3.67   0.30 N 
# 
loop_
_chem_comp_atom.comp_id 
_chem_comp_atom.atom_id 
_chem_comp_atom.type_symbol 
_chem_comp_atom.pdbx_aromatic_flag 
_chem_comp_atom.pdbx_stereo_config 
_chem_comp_atom.pdbx_ordinal 
AG AG     AG N N 1   
DA OP3    O  N N 2   
DA P      P  N N 3   
DA OP1    O  N N 4   
DA OP2    O  N N 5   
DA "O5'"  O  N N 6   
DA "C5'"  C  N N 7   
DA "C4'"  C  N R 8   
DA "O4'"  O  N N 9   
DA "C3'"  C  N S 10  
DA "O3'"  O  N N 11  
DA "C2'"  C  N N 12  
DA "C1'"  C  N R 13  
DA N9     N  Y N 14  
DA C8     C  Y N 15  
DA N7     N  Y N 16  
DA C5     C  Y N 17  
DA C6     C  Y N 18  
DA N6     N  N N 19  
DA N1     N  Y N 20  
DA C2     C  Y N 21  
DA N3     N  Y N 22  
DA C4     C  Y N 23  
DA HOP3   H  N N 24  
DA HOP2   H  N N 25  
DA "H5'"  H  N N 26  
DA "H5''" H  N N 27  
DA "H4'"  H  N N 28  
DA "H3'"  H  N N 29  
DA "HO3'" H  N N 30  
DA "H2'"  H  N N 31  
DA "H2''" H  N N 32  
DA "H1'"  H  N N 33  
DA H8     H  N N 34  
DA H61    H  N N 35  
DA H62    H  N N 36  
DA H2     H  N N 37  
DC OP3    O  N N 38  
DC P      P  N N 39  
DC OP1    O  N N 40  
DC OP2    O  N N 41  
DC "O5'"  O  N N 42  
DC "C5'"  C  N N 43  
DC "C4'"  C  N R 44  
DC "O4'"  O  N N 45  
DC "C3'"  C  N S 46  
DC "O3'"  O  N N 47  
DC "C2'"  C  N N 48  
DC "C1'"  C  N R 49  
DC N1     N  N N 50  
DC C2     C  N N 51  
DC O2     O  N N 52  
DC N3     N  N N 53  
DC C4     C  N N 54  
DC N4     N  N N 55  
DC C5     C  N N 56  
DC C6     C  N N 57  
DC HOP3   H  N N 58  
DC HOP2   H  N N 59  
DC "H5'"  H  N N 60  
DC "H5''" H  N N 61  
DC "H4'"  H  N N 62  
DC "H3'"  H  N N 63  
DC "HO3'" H  N N 64  
DC "H2'"  H  N N 65  
DC "H2''" H  N N 66  
DC "H1'"  H  N N 67  
DC H41    H  N N 68  
DC H42    H  N N 69  
DC H5     H  N N 70  
DC H6     H  N N 71  
DG OP3    O  N N 72  
DG P      P  N N 73  
DG OP1    O  N N 74  
DG OP2    O  N N 75  
DG "O5'"  O  N N 76  
DG "C5'"  C  N N 77  
DG "C4'"  C  N R 78  
DG "O4'"  O  N N 79  
DG "C3'"  C  N S 80  
DG "O3'"  O  N N 81  
DG "C2'"  C  N N 82  
DG "C1'"  C  N R 83  
DG N9     N  Y N 84  
DG C8     C  Y N 85  
DG N7     N  Y N 86  
DG C5     C  Y N 87  
DG C6     C  N N 88  
DG O6     O  N N 89  
DG N1     N  N N 90  
DG C2     C  N N 91  
DG N2     N  N N 92  
DG N3     N  N N 93  
DG C4     C  Y N 94  
DG HOP3   H  N N 95  
DG HOP2   H  N N 96  
DG "H5'"  H  N N 97  
DG "H5''" H  N N 98  
DG "H4'"  H  N N 99  
DG "H3'"  H  N N 100 
DG "HO3'" H  N N 101 
DG "H2'"  H  N N 102 
DG "H2''" H  N N 103 
DG "H1'"  H  N N 104 
DG H8     H  N N 105 
DG H1     H  N N 106 
DG H21    H  N N 107 
DG H22    H  N N 108 
DT OP3    O  N N 109 
DT P      P  N N 110 
DT OP1    O  N N 111 
DT OP2    O  N N 112 
DT "O5'"  O  N N 113 
DT "C5'"  C  N N 114 
DT "C4'"  C  N R 115 
DT "O4'"  O  N N 116 
DT "C3'"  C  N S 117 
DT "O3'"  O  N N 118 
DT "C2'"  C  N N 119 
DT "C1'"  C  N R 120 
DT N1     N  N N 121 
DT C2     C  N N 122 
DT O2     O  N N 123 
DT N3     N  N N 124 
DT C4     C  N N 125 
DT O4     O  N N 126 
DT C5     C  N N 127 
DT C7     C  N N 128 
DT C6     C  N N 129 
DT HOP3   H  N N 130 
DT HOP2   H  N N 131 
DT "H5'"  H  N N 132 
DT "H5''" H  N N 133 
DT "H4'"  H  N N 134 
DT "H3'"  H  N N 135 
DT "HO3'" H  N N 136 
DT "H2'"  H  N N 137 
DT "H2''" H  N N 138 
DT "H1'"  H  N N 139 
DT H3     H  N N 140 
DT H71    H  N N 141 
DT H72    H  N N 142 
DT H73    H  N N 143 
DT H6     H  N N 144 
DU OP3    O  N N 145 
DU P      P  N N 146 
DU OP1    O  N N 147 
DU OP2    O  N N 148 
DU "O5'"  O  N N 149 
DU "C5'"  C  N N 150 
DU "C4'"  C  N R 151 
DU "O4'"  O  N N 152 
DU "C3'"  C  N S 153 
DU "O3'"  O  N N 154 
DU "C2'"  C  N N 155 
DU "C1'"  C  N R 156 
DU N1     N  N N 157 
DU C2     C  N N 158 
DU O2     O  N N 159 
DU N3     N  N N 160 
DU C4     C  N N 161 
DU O4     O  N N 162 
DU C5     C  N N 163 
DU C6     C  N N 164 
DU HOP3   H  N N 165 
DU HOP2   H  N N 166 
DU "H5'"  H  N N 167 
DU "H5''" H  N N 168 
DU "H4'"  H  N N 169 
DU "H3'"  H  N N 170 
DU "HO3'" H  N N 171 
DU "H2'"  H  N N 172 
DU "H2''" H  N N 173 
DU "H1'"  H  N N 174 
DU H3     H  N N 175 
DU H5     H  N N 176 
DU H6     H  N N 177 
# 
loop_
_chem_comp_bond.comp_id 
_chem_comp_bond.atom_id_1 
_chem_comp_bond.atom_id_2 
_chem_comp_bond.value_order 
_chem_comp_bond.pdbx_aromatic_flag 
_chem_comp_bond.pdbx_stereo_config 
_chem_comp_bond.pdbx_ordinal 
DA OP3   P      sing N N 1   
DA OP3   HOP3   sing N N 2   
DA P     OP1    doub N N 3   
DA P     OP2    sing N N 4   
DA P     "O5'"  sing N N 5   
DA OP2   HOP2   sing N N 6   
DA "O5'" "C5'"  sing N N 7   
DA "C5'" "C4'"  sing N N 8   
DA "C5'" "H5'"  sing N N 9   
DA "C5'" "H5''" sing N N 10  
DA "C4'" "O4'"  sing N N 11  
DA "C4'" "C3'"  sing N N 12  
DA "C4'" "H4'"  sing N N 13  
DA "O4'" "C1'"  sing N N 14  
DA "C3'" "O3'"  sing N N 15  
DA "C3'" "C2'"  sing N N 16  
DA "C3'" "H3'"  sing N N 17  
DA "O3'" "HO3'" sing N N 18  
DA "C2'" "C1'"  sing N N 19  
DA "C2'" "H2'"  sing N N 20  
DA "C2'" "H2''" sing N N 21  
DA "C1'" N9     sing N N 22  
DA "C1'" "H1'"  sing N N 23  
DA N9    C8     sing Y N 24  
DA N9    C4     sing Y N 25  
DA C8    N7     doub Y N 26  
DA C8    H8     sing N N 27  
DA N7    C5     sing Y N 28  
DA C5    C6     sing Y N 29  
DA C5    C4     doub Y N 30  
DA C6    N6     sing N N 31  
DA C6    N1     doub Y N 32  
DA N6    H61    sing N N 33  
DA N6    H62    sing N N 34  
DA N1    C2     sing Y N 35  
DA C2    N3     doub Y N 36  
DA C2    H2     sing N N 37  
DA N3    C4     sing Y N 38  
DC OP3   P      sing N N 39  
DC OP3   HOP3   sing N N 40  
DC P     OP1    doub N N 41  
DC P     OP2    sing N N 42  
DC P     "O5'"  sing N N 43  
DC OP2   HOP2   sing N N 44  
DC "O5'" "C5'"  sing N N 45  
DC "C5'" "C4'"  sing N N 46  
DC "C5'" "H5'"  sing N N 47  
DC "C5'" "H5''" sing N N 48  
DC "C4'" "O4'"  sing N N 49  
DC "C4'" "C3'"  sing N N 50  
DC "C4'" "H4'"  sing N N 51  
DC "O4'" "C1'"  sing N N 52  
DC "C3'" "O3'"  sing N N 53  
DC "C3'" "C2'"  sing N N 54  
DC "C3'" "H3'"  sing N N 55  
DC "O3'" "HO3'" sing N N 56  
DC "C2'" "C1'"  sing N N 57  
DC "C2'" "H2'"  sing N N 58  
DC "C2'" "H2''" sing N N 59  
DC "C1'" N1     sing N N 60  
DC "C1'" "H1'"  sing N N 61  
DC N1    C2     sing N N 62  
DC N1    C6     sing N N 63  
DC C2    O2     doub N N 64  
DC C2    N3     sing N N 65  
DC N3    C4     doub N N 66  
DC C4    N4     sing N N 67  
DC C4    C5     sing N N 68  
DC N4    H41    sing N N 69  
DC N4    H42    sing N N 70  
DC C5    C6     doub N N 71  
DC C5    H5     sing N N 72  
DC C6    H6     sing N N 73  
DG OP3   P      sing N N 74  
DG OP3   HOP3   sing N N 75  
DG P     OP1    doub N N 76  
DG P     OP2    sing N N 77  
DG P     "O5'"  sing N N 78  
DG OP2   HOP2   sing N N 79  
DG "O5'" "C5'"  sing N N 80  
DG "C5'" "C4'"  sing N N 81  
DG "C5'" "H5'"  sing N N 82  
DG "C5'" "H5''" sing N N 83  
DG "C4'" "O4'"  sing N N 84  
DG "C4'" "C3'"  sing N N 85  
DG "C4'" "H4'"  sing N N 86  
DG "O4'" "C1'"  sing N N 87  
DG "C3'" "O3'"  sing N N 88  
DG "C3'" "C2'"  sing N N 89  
DG "C3'" "H3'"  sing N N 90  
DG "O3'" "HO3'" sing N N 91  
DG "C2'" "C1'"  sing N N 92  
DG "C2'" "H2'"  sing N N 93  
DG "C2'" "H2''" sing N N 94  
DG "C1'" N9     sing N N 95  
DG "C1'" "H1'"  sing N N 96  
DG N9    C8     sing Y N 97  
DG N9    C4     sing Y N 98  
DG C8    N7     doub Y N 99  
DG C8    H8     sing N N 100 
DG N7    C5     sing Y N 101 
DG C5    C6     sing N N 102 
DG C5    C4     doub Y N 103 
DG C6    O6     doub N N 104 
DG C6    N1     sing N N 105 
DG N1    C2     sing N N 106 
DG N1    H1     sing N N 107 
DG C2    N2     sing N N 108 
DG C2    N3     doub N N 109 
DG N2    H21    sing N N 110 
DG N2    H22    sing N N 111 
DG N3    C4     sing N N 112 
DT OP3   P      sing N N 113 
DT OP3   HOP3   sing N N 114 
DT P     OP1    doub N N 115 
DT P     OP2    sing N N 116 
DT P     "O5'"  sing N N 117 
DT OP2   HOP2   sing N N 118 
DT "O5'" "C5'"  sing N N 119 
DT "C5'" "C4'"  sing N N 120 
DT "C5'" "H5'"  sing N N 121 
DT "C5'" "H5''" sing N N 122 
DT "C4'" "O4'"  sing N N 123 
DT "C4'" "C3'"  sing N N 124 
DT "C4'" "H4'"  sing N N 125 
DT "O4'" "C1'"  sing N N 126 
DT "C3'" "O3'"  sing N N 127 
DT "C3'" "C2'"  sing N N 128 
DT "C3'" "H3'"  sing N N 129 
DT "O3'" "HO3'" sing N N 130 
DT "C2'" "C1'"  sing N N 131 
DT "C2'" "H2'"  sing N N 132 
DT "C2'" "H2''" sing N N 133 
DT "C1'" N1     sing N N 134 
DT "C1'" "H1'"  sing N N 135 
DT N1    C2     sing N N 136 
DT N1    C6     sing N N 137 
DT C2    O2     doub N N 138 
DT C2    N3     sing N N 139 
DT N3    C4     sing N N 140 
DT N3    H3     sing N N 141 
DT C4    O4     doub N N 142 
DT C4    C5     sing N N 143 
DT C5    C7     sing N N 144 
DT C5    C6     doub N N 145 
DT C7    H71    sing N N 146 
DT C7    H72    sing N N 147 
DT C7    H73    sing N N 148 
DT C6    H6     sing N N 149 
DU OP3   P      sing N N 150 
DU OP3   HOP3   sing N N 151 
DU P     OP1    doub N N 152 
DU P     OP2    sing N N 153 
DU P     "O5'"  sing N N 154 
DU OP2   HOP2   sing N N 155 
DU "O5'" "C5'"  sing N N 156 
DU "C5'" "C4'"  sing N N 157 
DU "C5'" "H5'"  sing N N 158 
DU "C5'" "H5''" sing N N 159 
DU "C4'" "O4'"  sing N N 160 
DU "C4'" "C3'"  sing N N 161 
DU "C4'" "H4'"  sing N N 162 
DU "O4'" "C1'"  sing N N 163 
DU "C3'" "O3'"  sing N N 164 
DU "C3'" "C2'"  sing N N 165 
DU "C3'" "H3'"  sing N N 166 
DU "O3'" "HO3'" sing N N 167 
DU "C2'" "C1'"  sing N N 168 
DU "C2'" "H2'"  sing N N 169 
DU "C2'" "H2''" sing N N 170 
DU "C1'" N1     sing N N 171 
DU "C1'" "H1'"  sing N N 172 
DU N1    C2     sing N N 173 
DU N1    C6     sing N N 174 
DU C2    O2     doub N N 175 
DU C2    N3     sing N N 176 
DU N3    C4     sing N N 177 
DU N3    H3     sing N N 178 
DU C4    O4     doub N N 179 
DU C4    C5     sing N N 180 
DU C5    C6     doub N N 181 
DU C5    H5     sing N N 182 
DU C6    H6     sing N N 183 
# 
loop_
_ndb_struct_conf_na.entry_id 
_ndb_struct_conf_na.feature 
7SLK 'double helix'        
7SLK 'a-form double helix' 
7SLK 'b-form double helix' 
# 
loop_
_ndb_struct_na_base_pair.model_number 
_ndb_struct_na_base_pair.i_label_asym_id 
_ndb_struct_na_base_pair.i_label_comp_id 
_ndb_struct_na_base_pair.i_label_seq_id 
_ndb_struct_na_base_pair.i_symmetry 
_ndb_struct_na_base_pair.j_label_asym_id 
_ndb_struct_na_base_pair.j_label_comp_id 
_ndb_struct_na_base_pair.j_label_seq_id 
_ndb_struct_na_base_pair.j_symmetry 
_ndb_struct_na_base_pair.shear 
_ndb_struct_na_base_pair.stretch 
_ndb_struct_na_base_pair.stagger 
_ndb_struct_na_base_pair.buckle 
_ndb_struct_na_base_pair.propeller 
_ndb_struct_na_base_pair.opening 
_ndb_struct_na_base_pair.pair_number 
_ndb_struct_na_base_pair.pair_name 
_ndb_struct_na_base_pair.i_auth_asym_id 
_ndb_struct_na_base_pair.i_auth_seq_id 
_ndb_struct_na_base_pair.i_PDB_ins_code 
_ndb_struct_na_base_pair.j_auth_asym_id 
_ndb_struct_na_base_pair.j_auth_seq_id 
_ndb_struct_na_base_pair.j_PDB_ins_code 
_ndb_struct_na_base_pair.hbond_type_28 
_ndb_struct_na_base_pair.hbond_type_12 
1 A DA 2  1_555 C DT 7 1_555 0.422  0.665  -0.285 9.155  -8.905  -12.108 1  A_DA2:DT14_C A 2  ? C 14 ? 20 1 
1 A DG 3  1_555 C DC 6 1_555 -0.198 -0.060 -0.037 -2.710 -10.904 -0.365  2  A_DG3:DC13_C A 3  ? C 13 ? 19 1 
1 A DC 4  1_555 C DG 5 1_555 -0.177 0.353  0.502  -5.991 -9.694  -14.613 3  A_DC4:DG12_C A 4  ? C 12 ? ?  1 
1 A DA 5  1_555 C DT 4 1_555 1.857  0.453  0.349  4.729  -20.344 -15.316 4  A_DA5:DT11_C A 5  ? C 11 ? 20 1 
1 A DG 6  1_555 C DC 3 1_555 0.092  -0.061 0.978  22.038 -9.695  -2.135  5  A_DG6:DC10_C A 6  ? C 10 ? 19 1 
1 A DC 7  1_555 C DG 2 1_555 0.312  -0.314 1.093  7.706  -5.553  0.634   6  A_DC7:DG9_C  A 7  ? C 9  ? 19 1 
1 A DC 8  1_555 C DG 1 1_555 0.023  -0.176 0.695  -2.533 -16.239 -0.892  7  A_DC8:DG8_C  A 8  ? C 8  ? 19 1 
1 A DT 9  1_555 B DA 7 1_555 -0.658 -0.436 1.006  -3.389 -6.421  1.119   8  A_DT9:DA7_B  A 9  ? B 7  ? 20 1 
1 A DG 10 1_555 B DC 6 1_555 -0.078 -0.149 0.766  -2.517 -15.186 6.166   9  A_DG10:DC6_B A 10 ? B 6  ? 19 1 
1 A DT 13 1_555 B DA 3 1_555 -0.533 -0.372 0.723  2.073  -1.496  5.452   10 A_DT13:DA3_B A 13 ? B 3  ? 20 1 
1 A DG 14 1_555 B DC 2 1_555 -0.117 -0.306 0.713  -2.478 -10.883 -4.191  11 A_DG14:DC2_B A 14 ? B 2  ? 19 1 
1 A DG 15 1_555 B DC 1 1_555 -0.115 -0.314 0.616  3.682  -12.840 -0.863  12 A_DG15:DC1_B A 15 ? B 1  ? 19 1 
1 A DA 16 1_555 D DT 7 1_555 0.546  -0.486 1.787  13.631 -13.847 -6.499  13 A_DA16:DT7_D A 16 ? D 7  ? 20 1 
1 A DC 17 1_555 D DG 6 1_555 0.245  -0.143 0.729  1.467  -8.705  2.080   14 A_DC17:DG6_D A 17 ? D 6  ? 19 1 
1 A DA 18 1_555 D DT 5 1_555 0.242  -0.227 0.089  1.125  -4.222  -0.299  15 A_DA18:DT5_D A 18 ? D 5  ? 20 1 
1 A DT 19 1_555 D DA 4 1_555 -0.038 -0.100 0.278  2.873  -3.908  -0.488  16 A_DT19:DA4_D A 19 ? D 4  ? 20 1 
1 A DC 20 1_555 D DG 3 1_555 0.032  -0.080 -0.038 -7.004 -5.154  0.302   17 A_DC20:DG3_D A 20 ? D 3  ? 19 1 
1 A DA 21 1_555 D DT 2 1_555 0.291  0.110  -0.790 -6.334 -5.590  -6.410  18 A_DA21:DT2_D A 21 ? D 2  ? 20 1 
# 
loop_
_ndb_struct_na_base_pair_step.model_number 
_ndb_struct_na_base_pair_step.i_label_asym_id_1 
_ndb_struct_na_base_pair_step.i_label_comp_id_1 
_ndb_struct_na_base_pair_step.i_label_seq_id_1 
_ndb_struct_na_base_pair_step.i_symmetry_1 
_ndb_struct_na_base_pair_step.j_label_asym_id_1 
_ndb_struct_na_base_pair_step.j_label_comp_id_1 
_ndb_struct_na_base_pair_step.j_label_seq_id_1 
_ndb_struct_na_base_pair_step.j_symmetry_1 
_ndb_struct_na_base_pair_step.i_label_asym_id_2 
_ndb_struct_na_base_pair_step.i_label_comp_id_2 
_ndb_struct_na_base_pair_step.i_label_seq_id_2 
_ndb_struct_na_base_pair_step.i_symmetry_2 
_ndb_struct_na_base_pair_step.j_label_asym_id_2 
_ndb_struct_na_base_pair_step.j_label_comp_id_2 
_ndb_struct_na_base_pair_step.j_label_seq_id_2 
_ndb_struct_na_base_pair_step.j_symmetry_2 
_ndb_struct_na_base_pair_step.shift 
_ndb_struct_na_base_pair_step.slide 
_ndb_struct_na_base_pair_step.rise 
_ndb_struct_na_base_pair_step.tilt 
_ndb_struct_na_base_pair_step.roll 
_ndb_struct_na_base_pair_step.twist 
_ndb_struct_na_base_pair_step.x_displacement 
_ndb_struct_na_base_pair_step.y_displacement 
_ndb_struct_na_base_pair_step.helical_rise 
_ndb_struct_na_base_pair_step.inclination 
_ndb_struct_na_base_pair_step.tip 
_ndb_struct_na_base_pair_step.helical_twist 
_ndb_struct_na_base_pair_step.step_number 
_ndb_struct_na_base_pair_step.step_name 
_ndb_struct_na_base_pair_step.i_auth_asym_id_1 
_ndb_struct_na_base_pair_step.i_auth_seq_id_1 
_ndb_struct_na_base_pair_step.i_PDB_ins_code_1 
_ndb_struct_na_base_pair_step.j_auth_asym_id_1 
_ndb_struct_na_base_pair_step.j_auth_seq_id_1 
_ndb_struct_na_base_pair_step.j_PDB_ins_code_1 
_ndb_struct_na_base_pair_step.i_auth_asym_id_2 
_ndb_struct_na_base_pair_step.i_auth_seq_id_2 
_ndb_struct_na_base_pair_step.i_PDB_ins_code_2 
_ndb_struct_na_base_pair_step.j_auth_asym_id_2 
_ndb_struct_na_base_pair_step.j_auth_seq_id_2 
_ndb_struct_na_base_pair_step.j_PDB_ins_code_2 
1 A DA 2  1_555 C DT 7 1_555 A DG 3  1_555 C DC 6 1_555 0.711  -0.909 3.625 -3.790  14.034  39.092 -2.850 -1.425 3.057 20.146  
5.440   41.608 1  AA_DA2DG3:DC13DT14_CC A 2  ? C 14 ? A 3  ? C 13 ? 
1 A DG 3  1_555 C DC 6 1_555 A DC 4  1_555 C DG 5 1_555 -0.508 -1.609 3.329 -3.228  2.353   28.259 -3.803 0.290  3.224 4.788   
6.569   28.534 2  AA_DG3DC4:DG12DC13_CC A 3  ? C 13 ? A 4  ? C 12 ? 
1 A DC 4  1_555 C DG 5 1_555 A DA 5  1_555 C DT 4 1_555 -0.829 0.136  3.064 -0.192  8.613   45.026 -0.530 1.049  3.043 11.127  
0.248   45.801 3  AA_DC4DA5:DT11DG12_CC A 4  ? C 12 ? A 5  ? C 11 ? 
1 A DA 5  1_555 C DT 4 1_555 A DG 6  1_555 C DC 3 1_555 0.527  -1.534 2.620 -11.413 3.312   22.822 -4.135 -3.546 1.905 7.732   
26.649  25.694 4  AA_DA5DG6:DC10DT11_CC A 5  ? C 11 ? A 6  ? C 10 ? 
1 A DG 6  1_555 C DC 3 1_555 A DC 7  1_555 C DG 2 1_555 0.535  -1.793 3.713 -4.477  2.336   28.168 -4.211 -2.200 3.432 4.752   
9.105   28.608 5  AA_DG6DC7:DG9DC10_CC  A 6  ? C 10 ? A 7  ? C 9  ? 
1 A DC 7  1_555 C DG 2 1_555 A DC 8  1_555 C DG 1 1_555 0.040  -0.781 3.472 1.025   -14.983 46.281 0.323  0.038  3.549 -18.499 
-1.265  48.529 6  AA_DC7DC8:DG8DG9_CC   A 7  ? C 9  ? A 8  ? C 8  ? 
1 A DC 8  1_555 C DG 1 1_555 A DT 9  1_555 B DA 7 1_555 -1.717 -0.846 3.878 -1.049  -3.517  20.244 -0.478 4.243  4.047 -9.901  
2.954   20.571 7  AA_DC8DT9:DA7DG8_BC   A 8  ? C 8  ? A 9  ? B 7  ? 
1 A DT 9  1_555 B DA 7 1_555 A DG 10 1_555 B DC 6 1_555 -0.225 -0.347 3.585 3.616   7.391   30.507 -2.120 1.139  3.362 13.734  
-6.720  31.572 8  AA_DT9DG10:DC6DA7_BB  A 9  ? B 7  ? A 10 ? B 6  ? 
1 A DT 13 1_555 B DA 3 1_555 A DG 14 1_555 B DC 2 1_555 -1.175 2.691  3.704 -7.153  -8.008  48.085 3.890  0.825  3.373 -9.688  
8.652   49.200 9  AA_DT13DG14:DC2DA3_BB A 13 ? B 3  ? A 14 ? B 2  ? 
1 A DG 14 1_555 B DC 2 1_555 A DG 15 1_555 B DC 1 1_555 0.150  1.150  3.515 -6.858  1.829   44.195 1.331  -0.871 3.498 2.412   
9.046   44.734 10 AA_DG14DG15:DC1DC2_BB A 14 ? B 2  ? A 15 ? B 1  ? 
1 A DG 15 1_555 B DC 1 1_555 A DA 16 1_555 D DT 7 1_555 -1.641 -0.661 2.995 -17.249 -10.220 23.570 0.984  -0.676 3.420 -20.836 
35.168  30.852 11 AA_DG15DA16:DT7DC1_DB A 15 ? B 1  ? A 16 ? D 7  ? 
1 A DA 16 1_555 D DT 7 1_555 A DC 17 1_555 D DG 6 1_555 0.724  -1.282 3.671 5.932   -2.894  26.759 -1.865 0.175  3.853 -6.136  
-12.575 27.547 12 AA_DA16DC17:DG6DT7_DD A 16 ? D 7  ? A 17 ? D 6  ? 
1 A DC 17 1_555 D DG 6 1_555 A DA 18 1_555 D DT 5 1_555 -0.474 0.099  3.068 2.199   -4.854  40.067 0.652  0.917  3.007 -7.047  
-3.193  40.405 13 AA_DC17DA18:DT5DG6_DD A 17 ? D 6  ? A 18 ? D 5  ? 
1 A DA 18 1_555 D DT 5 1_555 A DT 19 1_555 D DA 4 1_555 0.581  -0.904 3.310 -0.933  -5.337  33.151 -0.663 -1.164 3.393 -9.277  
1.621   33.579 14 AA_DA18DT19:DA4DT5_DD A 18 ? D 5  ? A 19 ? D 4  ? 
1 A DT 19 1_555 D DA 4 1_555 A DC 20 1_555 D DG 3 1_555 0.306  -0.022 3.315 7.641   -3.959  44.523 0.331  0.297  3.312 -5.168  
-9.974  45.306 15 AA_DT19DC20:DG3DA4_DD A 19 ? D 4  ? A 20 ? D 3  ? 
1 A DC 20 1_555 D DG 3 1_555 A DA 21 1_555 D DT 2 1_555 -0.612 -0.485 3.450 3.593   8.098   30.553 -2.409 1.793  3.132 14.976  
-6.645  31.782 16 AA_DC20DA21:DT2DG3_DD A 20 ? D 3  ? A 21 ? D 2  ? 
# 
loop_
_pdbx_audit_support.funding_organization 
_pdbx_audit_support.country 
_pdbx_audit_support.grant_number 
_pdbx_audit_support.ordinal 
'Office of Naval Research (ONR)'                                 'United States' N000141912596                      1 
'Department of Energy (DOE, United States)'                      'United States' DE-SC0007991                       2 
'National Science Foundation (NSF, United States)'               'United States' 2106790                            3 
'Human Frontier Science Program (HFSP)'                          France          RPG0010/2017                       4 
'National Science Foundation (NSF, United States)'               'United States' DMR-1420073                        5 
'National Aeronautic Space Administration (NASA, United States)' 'United States' '2020 NASA Center Innovation Fund' 6 
# 
_pdbx_entity_instance_feature.ordinal        1 
_pdbx_entity_instance_feature.comp_id        AG 
_pdbx_entity_instance_feature.asym_id        ? 
_pdbx_entity_instance_feature.seq_num        ? 
_pdbx_entity_instance_feature.auth_comp_id   AG 
_pdbx_entity_instance_feature.auth_asym_id   ? 
_pdbx_entity_instance_feature.auth_seq_num   ? 
_pdbx_entity_instance_feature.feature_type   'SUBJECT OF INVESTIGATION' 
_pdbx_entity_instance_feature.details        ? 
# 
_pdbx_entity_nonpoly.entity_id   5 
_pdbx_entity_nonpoly.name        'SILVER ION' 
_pdbx_entity_nonpoly.comp_id     AG 
# 
_pdbx_struct_assembly_auth_evidence.id                     1 
_pdbx_struct_assembly_auth_evidence.assembly_id            1 
_pdbx_struct_assembly_auth_evidence.experimental_support   'native gel electrophoresis' 
_pdbx_struct_assembly_auth_evidence.details                ? 
# 
_space_group.name_H-M_alt     'R 3 :H' 
_space_group.name_Hall        'R 3' 
_space_group.IT_number        146 
_space_group.crystal_system   trigonal 
_space_group.id               1 
# 
